data_6UFP
#
_entry.id   6UFP
#
_cell.length_a   101.424
_cell.length_b   102.108
_cell.length_c   126.690
_cell.angle_alpha   90.000
_cell.angle_beta   106.460
_cell.angle_gamma   90.000
#
_symmetry.space_group_name_H-M   'P 1 21 1'
#
loop_
_entity.id
_entity.type
_entity.pdbx_description
1 polymer 'Bifunctional protein PutA'
2 polymer 'Bifunctional protein PutA'
3 non-polymer 'DIHYDROFLAVINE-ADENINE DINUCLEOTIDE'
4 non-polymer '(2S)-1,3-thiazolidine-2-carboxylic acid'
5 non-polymer NICOTINAMIDE-ADENINE-DINUCLEOTIDE
6 non-polymer DI(HYDROXYETHYL)ETHER
7 non-polymer 'SULFATE ION'
8 non-polymer 'FORMIC ACID'
9 water water
#
loop_
_entity_poly.entity_id
_entity_poly.type
_entity_poly.pdbx_seq_one_letter_code
_entity_poly.pdbx_strand_id
1 'polypeptide(L)'
;SMMSPNPLQKPAIDAAPAPFADFAPPVRPQSTLRRAITAAYRRPETE(CME)LPPLVEAATQSKEIRDAAASTARKLIEA
LRGKHSGSGVEGLVQEYSLSSQEGVALMCLAEALLRIPDTATRDALIRDKIADGNWKSHLGGSRSLFVNAATWGLVVTGK
LTSTVNDRSLAAALTRLISRCGEPVIRRGVDMAMRMMGEQFVTGETIREALKRSKELEEKGFSYSYDMLGEAATTAADAE
RYYRDYESAIHAIGKASAGRGIYEGPGISIKLSALHPRYSRAQAARVMGELLPRVKALALLAKNYDIGLNIDAEEADRLE
LSLDLLEVLCLDGDLSGWNGMGFVVQAYGKRCPFVLDFIIDLARRSGRRIMVRLVKGAYWDAEIKRAQLDGLADFPVFTR
KIHTDVSYIACAAKLLAATDVVFPQFATHNAQTLAAIYHMAGKDFHVGKYEFQCLHGMGEPLYEEVVGRGKLDRP(CME)
RIYAPVGTHETLLAYLVRRLLENGANSSFVHRINDPKVSIDELIADPVEVVRAMPVVGAKHDRIALPAELFGDARTNSAG
LDLSNEETLASLTEALRESAAMKWTALPQLATGPAAGETRTVLNPGDHRDVVGSVTETSEEDARRAVRLAADAAPDWAAV
PPSERAACLDRAAELMQARMPTLLGLIIREAGKSALNAIAEVREAIDFLRYYAEQTRRTLGPGHGPLGPIVCISPWNFPL
AIFTGQIAAALVAGNPVLAKPAEETPLIAAEGVRILREAGIPASALQLLPGDGRVGAALVAAAETAGVMFTGSTEVARLI
QAQLADRLSPAGRPIPLIAETGGQNAMIVDSSALAEQVVGDVITSAFDSAGQRCSALRVLCLQEDVADRILTMLKGALHE
LHIGRTDRLSVDVGPVITSEAKDNIEKHIERMRGLGRKVEQIGLASETGVGTFVPPTIIELEKLSDLQREVFGPVLHVIR
YRRDDLDRLVDDVNATGYGLTFGLHTRLDETIAHVTSRIKAGNLYINRNIIGAVVGVQPFGGRGLSGTGPKAGGPLYLGR
LVTTAPVPPQHSSVHTDPVLLDFAKWLDGKGARAEAEAARNAGSSSALGLDLELPGPVGERNLYTLHARGRILLVPATES
GLYHQLAAALATGNSVAIDAASGLQASLKNLPQTVGLRVSWSKDWAADGPFAGALVEGDAERIRAVNKAIAALPGPLLLV
QAASSGEIARNPDAYCLNWLVEEVSASINTAAAGGNASLMAIG
;
A
2 'polypeptide(L)'
;SMMSPNPLQKPAIDAAPAPFADFAPPVRPQSTLRRAITAAYRRPETE(CME)LPPLVEAATQSKEIRDAAASTARKLIEA
LRGKHSGSGVEGLVQEYSLSSQEGVALMCLAEALLRIPDTATRDALIRDKIADGNWKSHLGGSRSLFVNAATWGLVVTGK
LTSTVNDRSLAAALTRLISRCGEPVIRRGVDMAMRMMGEQFVTGETIREALKRSKELEEKGFSYSYDMLGEAATTAADAE
RYYRDYESAIHAIGKASAGRGIYEGPGISIKLSALHPRYSRAQAARVMGELLPRVKALALLAKNYDIGLNIDAEEADRLE
LSLDLLEVLCLDGDLSGWNGMGFVVQAYGKRCPFVLDFIIDLARRSGRRIMVRLVKGAYWDAEIKRAQLDGLADFPVFTR
KIHTDVSYIACAAKLLAATDVVFPQFATHNAQTLAAIYHMAGKDFHVGKYEFQCLHGMGEPLYEEVVGRGKLDRP(CME)
RIYAPVGTHETLLAYLVRRLLENGANSSFVHRINDPKVSIDELIADPVEVVRAMPVVGAKHDRIALPAELFGDARTNSAG
LDLSNEETLASLTEALRESAAMKWTALPQLATGPAAGETRTVLNPGDHRDVVGSVTETSEEDARRAVRLAADAAPDWAAV
PPSERAA(CME)LDRAAELMQARMPTLLGLIIREAGKSALNAIAEVREAIDFLRYYAEQTRRTLGPGHGPLGPIVCISPW
NFPLAIFTGQIAAALVAGNPVLAKPAEETPLIAAEGVRILREAGIPASALQLLPGDGRVGAALVAAAETAGVMFTGSTEV
ARLIQAQLADRLSPAGRPIPLIAETGGQNAMIVDSSALAEQVVGDVITSAFDSAGQRCSALRVLCLQEDVADRILTMLKG
ALHELHIGRTDRLSVDVGPVITSEAKDNIEKHIERMRGLGRKVEQIGLASETGVGTFVPPTIIELEKLSDLQREVFGPVL
HVIRYRRDDLDRLVDDVNATGYGLTFGLHTRLDETIAHVTSRIKAGNLYINRNIIGAVVGVQPFGGRGLSGTGPKAGGPL
YLGRLVTTAPVPPQHSSVHTDPVLLDFAKWLDGKGARAEAEAARNAGSSSALGLDLELPGPVGERNLYTLHARGRILLVP
ATESGLYHQLAAALATGNSVAIDAASGLQASLKNLPQTVGLRVSWSKDWAADGPFAGALVEGDAERIRAVNKAIAALPGP
LLLVQAASSGEIARNPDAYCLNWLVEEVSASINTAAAGGNASLMAIG
;
B
#
loop_
_chem_comp.id
_chem_comp.type
_chem_comp.name
_chem_comp.formula
FDA non-polymer 'DIHYDROFLAVINE-ADENINE DINUCLEOTIDE' 'C27 H35 N9 O15 P2'
FMT non-polymer 'FORMIC ACID' 'C H2 O2'
NAD non-polymer NICOTINAMIDE-ADENINE-DINUCLEOTIDE 'C21 H27 N7 O14 P2'
PEG non-polymer DI(HYDROXYETHYL)ETHER 'C4 H10 O3'
SO4 non-polymer 'SULFATE ION' 'O4 S -2'
T2C non-polymer '(2S)-1,3-thiazolidine-2-carboxylic acid' 'C4 H7 N O2 S'
#
# COMPACT_ATOMS: atom_id res chain seq x y z
N ALA A 16 -8.36 57.18 19.13
CA ALA A 16 -7.96 55.89 18.58
C ALA A 16 -7.64 56.00 17.10
N PRO A 17 -6.63 55.26 16.64
CA PRO A 17 -6.35 55.22 15.20
C PRO A 17 -7.52 54.63 14.43
N ALA A 18 -7.72 55.15 13.22
CA ALA A 18 -8.85 54.71 12.40
C ALA A 18 -8.69 53.23 12.04
N PRO A 19 -9.77 52.46 12.05
CA PRO A 19 -9.67 51.02 11.74
C PRO A 19 -9.15 50.81 10.33
N PHE A 20 -8.09 50.01 10.22
CA PHE A 20 -7.49 49.54 8.98
C PHE A 20 -6.81 50.66 8.19
N ALA A 21 -6.61 51.83 8.79
CA ALA A 21 -5.96 52.93 8.08
C ALA A 21 -4.53 52.60 7.70
N ASP A 22 -3.88 51.67 8.40
CA ASP A 22 -2.50 51.28 8.17
C ASP A 22 -2.40 49.76 8.04
N PHE A 23 -3.37 49.14 7.35
CA PHE A 23 -3.44 47.68 7.34
C PHE A 23 -2.22 47.07 6.66
N ALA A 24 -1.94 47.46 5.43
CA ALA A 24 -0.83 46.89 4.68
C ALA A 24 -0.31 47.83 3.60
N PRO A 25 0.09 49.04 3.94
CA PRO A 25 0.58 49.97 2.91
C PRO A 25 1.81 49.42 2.22
N PRO A 26 1.89 49.53 0.90
CA PRO A 26 3.07 49.03 0.18
C PRO A 26 4.31 49.80 0.56
N VAL A 27 5.46 49.14 0.40
CA VAL A 27 6.77 49.72 0.69
C VAL A 27 6.99 50.99 -0.12
N ARG A 28 6.58 50.98 -1.39
CA ARG A 28 6.72 52.13 -2.28
C ARG A 28 5.55 52.11 -3.25
N PRO A 29 5.23 53.25 -3.87
CA PRO A 29 4.21 53.23 -4.91
C PRO A 29 4.58 52.25 -6.02
N GLN A 30 3.59 51.48 -6.47
CA GLN A 30 3.81 50.46 -7.49
C GLN A 30 3.84 51.15 -8.85
N SER A 31 5.01 51.13 -9.50
CA SER A 31 5.15 51.62 -10.86
C SER A 31 4.35 50.77 -11.84
N THR A 32 4.17 51.28 -13.06
CA THR A 32 3.53 50.50 -14.11
C THR A 32 4.22 49.14 -14.26
N LEU A 33 5.56 49.12 -14.27
CA LEU A 33 6.26 47.86 -14.43
C LEU A 33 6.05 46.93 -13.24
N ARG A 34 5.99 47.47 -12.02
CA ARG A 34 5.72 46.64 -10.84
C ARG A 34 4.30 46.10 -10.88
N ARG A 35 3.34 46.93 -11.29
CA ARG A 35 1.96 46.45 -11.35
C ARG A 35 1.79 45.35 -12.39
N ALA A 36 2.57 45.37 -13.46
CA ALA A 36 2.47 44.31 -14.46
C ALA A 36 2.98 42.98 -13.91
N ILE A 37 4.00 43.02 -13.05
CA ILE A 37 4.45 41.81 -12.36
C ILE A 37 3.33 41.23 -11.52
N THR A 38 2.74 42.06 -10.64
CA THR A 38 1.71 41.57 -9.73
C THR A 38 0.51 41.00 -10.49
N ALA A 39 0.15 41.61 -11.62
CA ALA A 39 -1.00 41.13 -12.38
C ALA A 39 -0.77 39.73 -12.95
N ALA A 40 0.49 39.33 -13.17
CA ALA A 40 0.81 38.04 -13.77
C ALA A 40 0.94 36.92 -12.74
N TYR A 41 0.86 37.24 -11.45
CA TYR A 41 1.20 36.32 -10.36
C TYR A 41 0.63 34.91 -10.57
N ARG A 42 -0.68 34.81 -10.80
CA ARG A 42 -1.37 33.51 -10.83
C ARG A 42 -2.26 33.34 -12.05
N ARG A 43 -1.89 33.95 -13.17
CA ARG A 43 -2.72 33.86 -14.36
C ARG A 43 -2.74 32.43 -14.90
N PRO A 44 -3.77 32.06 -15.68
CA PRO A 44 -3.85 30.67 -16.16
C PRO A 44 -2.69 30.31 -17.07
N GLU A 45 -2.26 29.05 -16.99
CA GLU A 45 -1.12 28.58 -17.76
C GLU A 45 -1.36 28.70 -19.26
N THR A 46 -2.61 28.54 -19.72
CA THR A 46 -2.94 28.74 -21.12
C THR A 46 -2.78 30.18 -21.58
N GLU A 47 -2.76 31.12 -20.65
CA GLU A 47 -2.61 32.53 -20.97
C GLU A 47 -1.12 32.91 -21.07
N CME A 48 -0.30 32.29 -20.22
CA CME A 48 1.09 32.66 -20.11
CB CME A 48 1.69 32.17 -18.77
SG CME A 48 0.96 32.87 -17.34
SD CME A 48 1.47 34.91 -17.38
CE CME A 48 0.24 35.73 -18.34
CZ CME A 48 0.38 37.23 -18.37
OH CME A 48 -0.71 37.74 -19.14
C CME A 48 1.95 32.12 -21.24
O CME A 48 2.90 32.74 -21.74
N LEU A 49 1.60 30.91 -21.69
CA LEU A 49 2.48 30.17 -22.59
C LEU A 49 2.62 30.70 -24.03
N PRO A 50 1.52 31.06 -24.72
CA PRO A 50 1.63 31.46 -26.13
C PRO A 50 2.64 32.57 -26.36
N PRO A 51 2.69 33.62 -25.52
CA PRO A 51 3.73 34.64 -25.74
C PRO A 51 5.14 34.11 -25.52
N LEU A 52 5.32 33.17 -24.60
CA LEU A 52 6.65 32.58 -24.40
C LEU A 52 7.03 31.73 -25.60
N VAL A 53 6.09 30.93 -26.13
CA VAL A 53 6.35 30.19 -27.36
C VAL A 53 6.80 31.13 -28.47
N GLU A 54 6.09 32.25 -28.64
CA GLU A 54 6.44 33.18 -29.71
C GLU A 54 7.83 33.76 -29.50
N ALA A 55 8.17 34.12 -28.26
CA ALA A 55 9.46 34.74 -27.98
C ALA A 55 10.61 33.73 -28.09
N ALA A 56 10.33 32.44 -27.87
CA ALA A 56 11.35 31.40 -27.87
C ALA A 56 11.55 30.73 -29.24
N THR A 57 10.77 31.12 -30.25
CA THR A 57 10.89 30.50 -31.56
C THR A 57 12.18 30.93 -32.24
N GLN A 58 12.90 29.97 -32.84
CA GLN A 58 14.11 30.26 -33.59
C GLN A 58 14.02 29.62 -34.97
N SER A 59 14.88 30.07 -35.87
CA SER A 59 14.84 29.63 -37.25
C SER A 59 15.17 28.14 -37.37
N LYS A 60 14.71 27.54 -38.48
CA LYS A 60 15.01 26.15 -38.75
C LYS A 60 16.51 25.89 -38.70
N GLU A 61 17.29 26.78 -39.31
CA GLU A 61 18.74 26.61 -39.35
C GLU A 61 19.34 26.62 -37.96
N ILE A 62 18.81 27.47 -37.07
CA ILE A 62 19.34 27.52 -35.72
C ILE A 62 18.90 26.30 -34.91
N ARG A 63 17.64 25.89 -35.06
CA ARG A 63 17.16 24.72 -34.36
C ARG A 63 17.92 23.46 -34.76
N ASP A 64 18.25 23.34 -36.04
CA ASP A 64 19.07 22.21 -36.48
C ASP A 64 20.48 22.30 -35.89
N ALA A 65 21.08 23.49 -35.89
CA ALA A 65 22.41 23.63 -35.31
C ALA A 65 22.38 23.36 -33.81
N ALA A 66 21.32 23.80 -33.12
CA ALA A 66 21.23 23.55 -31.70
C ALA A 66 21.13 22.06 -31.40
N ALA A 67 20.32 21.34 -32.17
CA ALA A 67 20.17 19.91 -31.93
C ALA A 67 21.47 19.16 -32.18
N SER A 68 22.22 19.56 -33.22
CA SER A 68 23.56 19.01 -33.42
C SER A 68 24.44 19.26 -32.21
N THR A 69 24.49 20.51 -31.74
CA THR A 69 25.35 20.85 -30.61
C THR A 69 24.90 20.12 -29.34
N ALA A 70 23.59 20.03 -29.10
CA ALA A 70 23.08 19.31 -27.94
C ALA A 70 23.40 17.83 -28.03
N ARG A 71 23.33 17.25 -29.23
CA ARG A 71 23.70 15.85 -29.39
C ARG A 71 25.17 15.63 -29.07
N LYS A 72 26.05 16.54 -29.53
CA LYS A 72 27.48 16.39 -29.25
C LYS A 72 27.76 16.47 -27.76
N LEU A 73 27.10 17.40 -27.06
CA LEU A 73 27.29 17.51 -25.61
C LEU A 73 26.83 16.26 -24.89
N ILE A 74 25.68 15.72 -25.27
CA ILE A 74 25.12 14.56 -24.57
C ILE A 74 25.98 13.32 -24.81
N GLU A 75 26.44 13.13 -26.06
CA GLU A 75 27.32 12.00 -26.35
C GLU A 75 28.59 12.06 -25.50
N ALA A 76 29.10 13.26 -25.26
CA ALA A 76 30.29 13.41 -24.42
C ALA A 76 29.99 13.07 -22.96
N LEU A 77 28.84 13.53 -22.45
CA LEU A 77 28.51 13.28 -21.04
C LEU A 77 28.33 11.80 -20.76
N ARG A 78 27.71 11.07 -21.70
CA ARG A 78 27.47 9.66 -21.51
C ARG A 78 28.69 8.79 -21.77
N GLY A 79 29.72 9.34 -22.39
CA GLY A 79 30.98 8.64 -22.54
C GLY A 79 31.94 8.82 -21.38
N LYS A 80 31.53 9.55 -20.34
CA LYS A 80 32.39 9.82 -19.20
C LYS A 80 31.76 9.31 -17.91
N GLY A 85 30.98 5.59 -7.70
CA GLY A 85 31.40 6.09 -6.40
C GLY A 85 30.79 5.26 -5.27
N VAL A 86 29.65 5.73 -4.74
CA VAL A 86 28.90 4.92 -3.80
C VAL A 86 28.47 3.61 -4.45
N GLU A 87 28.15 3.66 -5.75
CA GLU A 87 27.76 2.46 -6.46
C GLU A 87 28.91 1.48 -6.58
N GLY A 88 30.14 1.99 -6.68
CA GLY A 88 31.30 1.11 -6.66
C GLY A 88 31.45 0.40 -5.33
N LEU A 89 31.19 1.11 -4.23
CA LEU A 89 31.26 0.47 -2.92
C LEU A 89 30.18 -0.60 -2.78
N VAL A 90 28.95 -0.27 -3.18
CA VAL A 90 27.85 -1.22 -3.12
C VAL A 90 28.17 -2.47 -3.93
N GLN A 91 28.67 -2.27 -5.16
CA GLN A 91 29.05 -3.41 -6.00
C GLN A 91 30.14 -4.24 -5.34
N GLU A 92 31.17 -3.57 -4.81
CA GLU A 92 32.35 -4.29 -4.31
C GLU A 92 31.99 -5.20 -3.14
N TYR A 93 31.12 -4.75 -2.24
CA TYR A 93 30.76 -5.56 -1.08
C TYR A 93 29.38 -6.18 -1.18
N SER A 94 28.75 -6.12 -2.36
CA SER A 94 27.43 -6.71 -2.61
C SER A 94 26.41 -6.26 -1.56
N LEU A 95 26.45 -4.97 -1.24
CA LEU A 95 25.52 -4.40 -0.27
C LEU A 95 24.13 -4.27 -0.87
N SER A 96 23.12 -4.55 -0.05
CA SER A 96 21.77 -4.11 -0.37
C SER A 96 21.69 -2.59 -0.24
N SER A 97 20.55 -2.04 -0.68
CA SER A 97 20.32 -0.61 -0.54
C SER A 97 20.36 -0.18 0.93
N GLN A 98 19.63 -0.87 1.80
CA GLN A 98 19.62 -0.49 3.20
C GLN A 98 21.01 -0.61 3.84
N GLU A 99 21.80 -1.61 3.43
CA GLU A 99 23.16 -1.71 3.96
C GLU A 99 24.01 -0.53 3.52
N GLY A 100 23.89 -0.12 2.26
CA GLY A 100 24.63 1.05 1.79
C GLY A 100 24.26 2.30 2.55
N VAL A 101 22.96 2.52 2.78
CA VAL A 101 22.53 3.70 3.54
C VAL A 101 23.08 3.63 4.97
N ALA A 102 22.94 2.46 5.61
CA ALA A 102 23.40 2.31 6.99
C ALA A 102 24.89 2.53 7.10
N LEU A 103 25.64 2.02 6.12
CA LEU A 103 27.09 2.19 6.14
C LEU A 103 27.48 3.66 6.04
N MET A 104 26.77 4.42 5.22
CA MET A 104 27.11 5.83 5.07
C MET A 104 26.68 6.63 6.30
N CYS A 105 25.56 6.25 6.95
CA CYS A 105 25.21 6.88 8.22
C CYS A 105 26.26 6.60 9.28
N LEU A 106 26.80 5.38 9.31
CA LEU A 106 27.86 5.07 10.26
C LEU A 106 29.10 5.89 9.98
N ALA A 107 29.49 6.01 8.70
CA ALA A 107 30.67 6.78 8.35
C ALA A 107 30.50 8.24 8.73
N GLU A 108 29.33 8.82 8.42
CA GLU A 108 29.02 10.17 8.87
C GLU A 108 29.27 10.32 10.37
N ALA A 109 28.70 9.42 11.18
CA ALA A 109 28.90 9.46 12.63
C ALA A 109 30.38 9.34 13.00
N LEU A 110 31.12 8.46 12.32
CA LEU A 110 32.53 8.27 12.67
C LEU A 110 33.37 9.50 12.33
N LEU A 111 32.99 10.26 11.31
CA LEU A 111 33.72 11.46 10.95
C LEU A 111 33.45 12.63 11.91
N ARG A 112 32.37 12.56 12.69
CA ARG A 112 32.15 13.53 13.76
C ARG A 112 33.24 13.46 14.83
N ILE A 113 33.98 12.36 14.90
CA ILE A 113 35.11 12.23 15.82
C ILE A 113 36.30 12.98 15.23
N PRO A 114 36.78 14.04 15.88
CA PRO A 114 37.85 14.85 15.28
C PRO A 114 39.19 14.13 15.19
N ASP A 115 39.69 13.58 16.30
CA ASP A 115 41.02 13.00 16.33
C ASP A 115 41.08 11.76 15.44
N THR A 116 41.79 11.89 14.32
CA THR A 116 41.80 10.85 13.30
C THR A 116 42.31 9.52 13.85
N ALA A 117 43.24 9.56 14.80
CA ALA A 117 43.71 8.32 15.41
C ALA A 117 42.68 7.75 16.40
N THR A 118 41.97 8.62 17.12
CA THR A 118 40.94 8.14 18.03
C THR A 118 39.83 7.41 17.29
N ARG A 119 39.43 7.95 16.14
CA ARG A 119 38.42 7.31 15.31
C ARG A 119 38.86 5.91 14.88
N ASP A 120 40.10 5.79 14.39
CA ASP A 120 40.58 4.51 13.89
C ASP A 120 40.67 3.47 15.01
N ALA A 121 40.95 3.91 16.23
CA ALA A 121 40.96 2.97 17.35
C ALA A 121 39.55 2.52 17.70
N LEU A 122 38.58 3.42 17.63
CA LEU A 122 37.20 3.02 17.85
C LEU A 122 36.75 2.02 16.79
N ILE A 123 37.15 2.24 15.53
CA ILE A 123 36.77 1.32 14.46
C ILE A 123 37.35 -0.07 14.72
N ARG A 124 38.66 -0.13 14.99
CA ARG A 124 39.34 -1.42 15.07
C ARG A 124 38.93 -2.21 16.31
N ASP A 125 38.78 -1.53 17.45
CA ASP A 125 38.60 -2.22 18.72
C ASP A 125 37.15 -2.30 19.18
N LYS A 126 36.26 -1.49 18.63
CA LYS A 126 34.89 -1.48 19.14
C LYS A 126 33.86 -1.64 18.03
N ILE A 127 33.94 -0.81 16.99
CA ILE A 127 32.92 -0.83 15.94
C ILE A 127 33.01 -2.12 15.14
N ALA A 128 34.21 -2.49 14.68
CA ALA A 128 34.38 -3.66 13.84
C ALA A 128 34.08 -4.96 14.58
N ASP A 129 33.87 -4.90 15.89
CA ASP A 129 33.48 -6.06 16.69
C ASP A 129 31.97 -6.09 16.95
N GLY A 130 31.20 -5.38 16.14
CA GLY A 130 29.74 -5.42 16.21
C GLY A 130 29.09 -4.46 17.19
N ASN A 131 29.68 -4.26 18.36
CA ASN A 131 29.11 -3.36 19.35
C ASN A 131 29.22 -1.92 18.87
N TRP A 132 28.52 -1.60 17.78
CA TRP A 132 28.42 -0.21 17.33
C TRP A 132 27.34 0.55 18.07
N LYS A 133 26.31 -0.17 18.55
CA LYS A 133 25.21 0.47 19.27
C LYS A 133 25.71 1.15 20.54
N SER A 134 26.58 0.49 21.30
CA SER A 134 27.13 1.07 22.52
C SER A 134 28.00 2.29 22.25
N HIS A 135 28.28 2.61 21.00
CA HIS A 135 29.09 3.79 20.65
C HIS A 135 28.40 4.60 19.56
N ARG A 140 21.27 10.46 20.23
CA ARG A 140 20.83 10.65 18.85
C ARG A 140 21.05 9.39 18.02
N SER A 141 20.00 9.01 17.27
CA SER A 141 20.08 7.85 16.39
C SER A 141 21.23 8.00 15.39
N LEU A 142 21.88 6.89 15.07
CA LEU A 142 22.87 6.92 14.00
C LEU A 142 22.25 7.37 12.68
N PHE A 143 20.95 7.15 12.51
CA PHE A 143 20.30 7.22 11.22
C PHE A 143 19.46 8.48 11.03
N VAL A 144 19.73 9.53 11.81
CA VAL A 144 18.95 10.76 11.73
C VAL A 144 18.90 11.31 10.31
N ASN A 145 20.00 11.24 9.58
CA ASN A 145 20.08 11.80 8.23
C ASN A 145 19.96 10.74 7.13
N ALA A 146 19.36 9.60 7.44
CA ALA A 146 19.34 8.50 6.49
C ALA A 146 18.53 8.83 5.24
N ALA A 147 17.54 9.72 5.35
CA ALA A 147 16.79 10.11 4.15
C ALA A 147 17.72 10.68 3.10
N THR A 148 18.73 11.43 3.53
CA THR A 148 19.68 12.02 2.59
C THR A 148 20.56 10.96 1.95
N TRP A 149 21.14 10.07 2.77
CA TRP A 149 21.95 9.00 2.22
C TRP A 149 21.10 8.04 1.39
N GLY A 150 19.81 7.89 1.73
CA GLY A 150 18.92 7.13 0.88
C GLY A 150 18.88 7.70 -0.52
N LEU A 151 18.73 9.03 -0.62
CA LEU A 151 18.79 9.71 -1.91
C LEU A 151 20.10 9.43 -2.62
N VAL A 152 21.22 9.50 -1.89
CA VAL A 152 22.53 9.27 -2.51
C VAL A 152 22.64 7.84 -3.01
N VAL A 153 22.13 6.87 -2.25
CA VAL A 153 22.33 5.46 -2.57
C VAL A 153 21.30 4.96 -3.59
N THR A 154 20.04 5.37 -3.45
CA THR A 154 18.95 4.82 -4.26
C THR A 154 18.39 5.80 -5.27
N GLY A 155 18.67 7.09 -5.15
CA GLY A 155 18.02 8.09 -5.97
C GLY A 155 16.59 8.40 -5.61
N LYS A 156 16.07 7.80 -4.53
CA LYS A 156 14.69 7.99 -4.12
C LYS A 156 14.65 8.58 -2.71
N LEU A 157 13.66 9.44 -2.46
CA LEU A 157 13.49 10.06 -1.15
C LEU A 157 12.39 9.36 -0.37
N THR A 158 12.69 9.01 0.89
CA THR A 158 11.70 8.56 1.85
C THR A 158 11.58 9.62 2.93
N SER A 159 10.35 10.00 3.29
CA SER A 159 10.15 11.06 4.25
C SER A 159 10.73 10.71 5.61
N THR A 160 10.52 9.47 6.07
CA THR A 160 11.03 9.05 7.37
C THR A 160 11.94 7.84 7.19
N VAL A 161 12.66 7.53 8.27
CA VAL A 161 13.74 6.55 8.26
C VAL A 161 13.26 5.28 8.94
N ASN A 162 13.42 4.13 8.27
CA ASN A 162 13.13 2.87 8.94
C ASN A 162 14.40 2.51 9.71
N ASP A 163 14.50 3.01 10.95
CA ASP A 163 15.74 2.84 11.71
C ASP A 163 15.94 1.40 12.19
N ARG A 164 14.87 0.61 12.32
CA ARG A 164 15.09 -0.78 12.69
C ARG A 164 15.64 -1.57 11.52
N SER A 165 15.18 -1.28 10.30
CA SER A 165 15.76 -1.88 9.11
C SER A 165 17.23 -1.51 8.95
N LEU A 166 17.54 -0.24 9.18
CA LEU A 166 18.93 0.21 9.04
C LEU A 166 19.82 -0.40 10.12
N ALA A 167 19.30 -0.53 11.35
CA ALA A 167 20.12 -1.13 12.39
C ALA A 167 20.41 -2.60 12.07
N ALA A 168 19.39 -3.33 11.59
CA ALA A 168 19.62 -4.71 11.18
C ALA A 168 20.63 -4.78 10.05
N ALA A 169 20.51 -3.88 9.06
CA ALA A 169 21.43 -3.91 7.93
C ALA A 169 22.86 -3.62 8.36
N LEU A 170 23.04 -2.67 9.29
CA LEU A 170 24.39 -2.31 9.71
C LEU A 170 25.03 -3.45 10.50
N THR A 171 24.26 -4.08 11.39
CA THR A 171 24.73 -5.27 12.08
C THR A 171 25.12 -6.36 11.09
N ARG A 172 24.25 -6.61 10.11
CA ARG A 172 24.52 -7.66 9.13
C ARG A 172 25.81 -7.38 8.36
N LEU A 173 25.99 -6.14 7.87
CA LEU A 173 27.12 -5.86 7.00
C LEU A 173 28.44 -5.87 7.79
N ILE A 174 28.43 -5.41 9.04
CA ILE A 174 29.65 -5.46 9.84
C ILE A 174 29.97 -6.90 10.21
N SER A 175 28.95 -7.67 10.59
CA SER A 175 29.18 -9.07 10.94
C SER A 175 29.68 -9.86 9.74
N ARG A 176 29.35 -9.44 8.54
CA ARG A 176 29.76 -10.13 7.32
C ARG A 176 31.15 -9.71 6.86
N CYS A 177 31.43 -8.40 6.83
CA CYS A 177 32.62 -7.86 6.19
C CYS A 177 33.59 -7.14 7.10
N GLY A 178 33.18 -6.79 8.32
CA GLY A 178 34.16 -6.32 9.31
C GLY A 178 34.78 -4.96 9.03
N GLU A 179 35.97 -4.78 9.60
CA GLU A 179 36.65 -3.48 9.50
C GLU A 179 36.86 -2.99 8.07
N PRO A 180 37.24 -3.80 7.08
CA PRO A 180 37.49 -3.24 5.74
C PRO A 180 36.31 -2.49 5.15
N VAL A 181 35.08 -3.00 5.29
CA VAL A 181 33.97 -2.26 4.69
C VAL A 181 33.74 -0.95 5.43
N ILE A 182 34.00 -0.90 6.74
CA ILE A 182 33.83 0.34 7.49
C ILE A 182 34.86 1.37 7.04
N ARG A 183 36.11 0.96 6.87
CA ARG A 183 37.15 1.84 6.37
C ARG A 183 36.77 2.44 5.03
N ARG A 184 36.33 1.60 4.09
CA ARG A 184 35.94 2.09 2.77
C ARG A 184 34.74 3.03 2.87
N GLY A 185 33.83 2.76 3.81
CA GLY A 185 32.70 3.66 3.99
C GLY A 185 33.15 5.03 4.49
N VAL A 186 34.07 5.04 5.46
CA VAL A 186 34.55 6.30 6.02
C VAL A 186 35.27 7.12 4.96
N ASP A 187 36.13 6.48 4.17
CA ASP A 187 36.86 7.23 3.16
C ASP A 187 35.93 7.75 2.06
N MET A 188 34.87 7.01 1.74
CA MET A 188 33.90 7.47 0.76
C MET A 188 33.10 8.65 1.29
N ALA A 189 32.61 8.56 2.54
CA ALA A 189 31.84 9.66 3.12
C ALA A 189 32.72 10.90 3.29
N MET A 190 34.00 10.70 3.60
CA MET A 190 34.91 11.83 3.72
C MET A 190 35.06 12.57 2.40
N ARG A 191 35.22 11.82 1.30
CA ARG A 191 35.36 12.43 -0.02
C ARG A 191 34.08 13.14 -0.45
N MET A 192 32.93 12.53 -0.18
CA MET A 192 31.67 13.14 -0.65
C MET A 192 31.34 14.40 0.15
N MET A 193 31.46 14.35 1.47
CA MET A 193 31.03 15.46 2.30
C MET A 193 32.01 16.61 2.30
N GLY A 194 33.29 16.35 2.02
CA GLY A 194 34.28 17.40 2.04
C GLY A 194 34.65 17.91 0.68
N GLU A 195 34.29 17.18 -0.39
CA GLU A 195 34.77 17.51 -1.73
C GLU A 195 33.70 17.51 -2.81
N GLN A 196 32.64 16.72 -2.62
CA GLN A 196 31.59 16.59 -3.62
C GLN A 196 30.34 17.39 -3.28
N PHE A 197 29.82 17.26 -2.06
CA PHE A 197 28.67 18.06 -1.67
C PHE A 197 29.02 19.54 -1.55
N VAL A 198 30.27 19.84 -1.20
CA VAL A 198 30.74 21.19 -0.99
C VAL A 198 32.05 21.37 -1.73
N THR A 199 32.38 22.61 -2.03
CA THR A 199 33.70 22.89 -2.57
C THR A 199 34.74 22.93 -1.45
N GLY A 200 34.32 23.20 -0.23
CA GLY A 200 35.20 23.18 0.92
C GLY A 200 34.40 23.38 2.18
N GLU A 201 35.01 23.04 3.31
CA GLU A 201 34.37 23.16 4.61
C GLU A 201 34.34 24.60 5.11
N THR A 202 35.35 25.39 4.72
CA THR A 202 35.45 26.80 5.05
C THR A 202 35.81 27.55 3.78
N ILE A 203 35.57 28.87 3.78
CA ILE A 203 35.84 29.63 2.57
C ILE A 203 37.32 29.54 2.20
N ARG A 204 38.21 29.50 3.20
CA ARG A 204 39.63 29.38 2.89
C ARG A 204 39.93 28.08 2.19
N GLU A 205 39.30 26.99 2.64
CA GLU A 205 39.49 25.69 1.98
C GLU A 205 38.92 25.71 0.57
N ALA A 206 37.72 26.28 0.40
CA ALA A 206 37.09 26.31 -0.91
C ALA A 206 37.92 27.13 -1.89
N LEU A 207 38.48 28.26 -1.44
CA LEU A 207 39.29 29.08 -2.33
C LEU A 207 40.53 28.33 -2.79
N LYS A 208 41.18 27.60 -1.86
CA LYS A 208 42.37 26.83 -2.23
C LYS A 208 42.04 25.80 -3.31
N ARG A 209 40.89 25.14 -3.21
CA ARG A 209 40.52 24.12 -4.17
C ARG A 209 40.02 24.69 -5.49
N SER A 210 39.76 25.99 -5.56
CA SER A 210 39.25 26.62 -6.77
C SER A 210 40.36 27.02 -7.73
N LYS A 211 41.61 27.07 -7.27
CA LYS A 211 42.72 27.49 -8.13
C LYS A 211 42.80 26.63 -9.39
N GLU A 212 42.52 25.34 -9.25
CA GLU A 212 42.65 24.41 -10.37
C GLU A 212 41.75 24.79 -11.54
N LEU A 213 40.43 24.79 -11.32
CA LEU A 213 39.50 25.06 -12.42
C LEU A 213 39.52 26.52 -12.84
N GLU A 214 39.88 27.43 -11.94
CA GLU A 214 40.06 28.82 -12.36
C GLU A 214 41.17 28.94 -13.38
N GLU A 215 42.23 28.14 -13.25
CA GLU A 215 43.28 28.12 -14.25
C GLU A 215 42.78 27.55 -15.58
N LYS A 216 41.73 26.74 -15.55
CA LYS A 216 41.16 26.18 -16.76
C LYS A 216 40.03 27.03 -17.34
N GLY A 217 39.80 28.22 -16.80
CA GLY A 217 38.82 29.14 -17.36
C GLY A 217 37.53 29.28 -16.59
N PHE A 218 37.31 28.50 -15.54
CA PHE A 218 36.08 28.65 -14.77
C PHE A 218 36.18 29.81 -13.79
N SER A 219 35.02 30.26 -13.32
CA SER A 219 34.94 31.20 -12.23
C SER A 219 34.00 30.63 -11.17
N TYR A 220 33.85 31.36 -10.06
CA TYR A 220 33.16 30.83 -8.90
C TYR A 220 32.19 31.85 -8.32
N SER A 221 31.07 31.33 -7.78
CA SER A 221 30.20 32.08 -6.89
C SER A 221 30.03 31.22 -5.64
N TYR A 222 30.48 31.73 -4.48
CA TYR A 222 30.49 30.92 -3.26
C TYR A 222 29.20 31.11 -2.49
N ASP A 223 28.69 30.01 -1.95
CA ASP A 223 27.44 29.98 -1.20
C ASP A 223 27.74 29.45 0.20
N MET A 224 27.60 30.31 1.21
CA MET A 224 27.89 29.96 2.60
C MET A 224 26.76 29.17 3.28
N LEU A 225 25.72 28.79 2.55
CA LEU A 225 24.75 27.77 2.95
C LEU A 225 23.84 28.18 4.10
N GLY A 226 23.73 29.48 4.40
CA GLY A 226 22.73 29.93 5.35
C GLY A 226 21.39 30.16 4.69
N GLU A 227 20.32 29.89 5.42
CA GLU A 227 18.97 30.22 4.96
C GLU A 227 17.99 30.05 6.10
N ALA A 228 16.88 30.77 6.00
CA ALA A 228 15.75 30.65 6.92
C ALA A 228 16.20 30.86 8.37
N ALA A 229 16.71 32.06 8.65
CA ALA A 229 17.00 32.44 10.03
C ALA A 229 15.72 32.34 10.86
N THR A 230 15.85 31.74 12.04
CA THR A 230 14.74 31.61 12.99
C THR A 230 14.79 32.68 14.08
N THR A 231 15.97 33.19 14.39
CA THR A 231 16.16 34.11 15.51
C THR A 231 17.07 35.24 15.06
N ALA A 232 17.11 36.31 15.87
CA ALA A 232 18.07 37.37 15.61
C ALA A 232 19.50 36.85 15.64
N ALA A 233 19.82 35.97 16.59
CA ALA A 233 21.19 35.45 16.67
C ALA A 233 21.55 34.64 15.42
N ASP A 234 20.59 33.90 14.88
CA ASP A 234 20.83 33.18 13.64
C ASP A 234 21.17 34.14 12.52
N ALA A 235 20.39 35.21 12.39
CA ALA A 235 20.62 36.14 11.29
C ALA A 235 21.97 36.84 11.43
N GLU A 236 22.35 37.19 12.67
CA GLU A 236 23.69 37.75 12.91
C GLU A 236 24.79 36.77 12.53
N ARG A 237 24.58 35.48 12.84
CA ARG A 237 25.60 34.49 12.50
C ARG A 237 25.75 34.35 11.00
N TYR A 238 24.63 34.30 10.27
CA TYR A 238 24.75 34.22 8.82
C TYR A 238 25.37 35.48 8.25
N TYR A 239 25.02 36.65 8.80
CA TYR A 239 25.61 37.90 8.35
C TYR A 239 27.12 37.87 8.52
N ARG A 240 27.62 37.48 9.69
CA ARG A 240 29.07 37.56 9.83
C ARG A 240 29.75 36.46 9.04
N ASP A 241 29.06 35.35 8.72
CA ASP A 241 29.59 34.37 7.78
C ASP A 241 29.75 34.99 6.38
N TYR A 242 28.72 35.70 5.91
CA TYR A 242 28.81 36.35 4.60
C TYR A 242 29.89 37.42 4.61
N GLU A 243 29.95 38.22 5.69
CA GLU A 243 30.93 39.30 5.74
C GLU A 243 32.34 38.73 5.68
N SER A 244 32.61 37.68 6.47
CA SER A 244 33.96 37.11 6.46
C SER A 244 34.27 36.44 5.13
N ALA A 245 33.27 35.84 4.48
CA ALA A 245 33.51 35.26 3.16
C ALA A 245 33.84 36.33 2.11
N ILE A 246 33.13 37.46 2.13
CA ILE A 246 33.44 38.53 1.19
C ILE A 246 34.90 38.96 1.35
N HIS A 247 35.37 39.13 2.59
CA HIS A 247 36.78 39.48 2.78
C HIS A 247 37.71 38.45 2.17
N ALA A 248 37.47 37.16 2.45
CA ALA A 248 38.36 36.13 1.92
C ALA A 248 38.30 36.07 0.40
N ILE A 249 37.08 36.17 -0.17
CA ILE A 249 36.91 36.13 -1.61
C ILE A 249 37.53 37.35 -2.25
N GLY A 250 37.30 38.53 -1.66
CA GLY A 250 37.87 39.74 -2.22
C GLY A 250 39.38 39.77 -2.16
N LYS A 251 39.96 39.25 -1.06
CA LYS A 251 41.41 39.17 -0.96
C LYS A 251 41.99 38.26 -2.03
N ALA A 252 41.32 37.14 -2.29
CA ALA A 252 41.77 36.20 -3.31
C ALA A 252 41.50 36.73 -4.70
N SER A 253 40.38 37.43 -4.89
CA SER A 253 40.06 37.97 -6.21
C SER A 253 41.18 38.87 -6.70
N ALA A 254 41.72 39.71 -5.81
CA ALA A 254 42.90 40.54 -6.07
C ALA A 254 42.76 41.33 -7.36
N GLY A 255 41.65 42.06 -7.48
CA GLY A 255 41.44 42.94 -8.61
C GLY A 255 41.08 42.27 -9.92
N ARG A 256 40.67 40.99 -9.93
CA ARG A 256 40.28 40.38 -11.19
C ARG A 256 38.95 40.91 -11.71
N GLY A 257 38.16 41.56 -10.85
CA GLY A 257 36.91 42.14 -11.30
C GLY A 257 35.75 41.17 -11.21
N ILE A 258 34.57 41.67 -11.58
CA ILE A 258 33.34 40.92 -11.29
C ILE A 258 33.07 39.83 -12.32
N TYR A 259 33.70 39.89 -13.50
CA TYR A 259 33.43 38.86 -14.51
C TYR A 259 34.46 37.74 -14.45
N GLU A 260 35.74 38.08 -14.41
CA GLU A 260 36.77 37.05 -14.35
C GLU A 260 37.03 36.55 -12.95
N GLY A 261 36.69 37.33 -11.92
CA GLY A 261 36.99 36.97 -10.56
C GLY A 261 35.78 36.39 -9.84
N PRO A 262 36.03 35.87 -8.64
CA PRO A 262 34.98 35.15 -7.92
C PRO A 262 33.98 36.12 -7.27
N GLY A 263 32.79 35.59 -7.01
CA GLY A 263 31.78 36.36 -6.30
C GLY A 263 31.10 35.60 -5.17
N ILE A 264 30.03 36.16 -4.60
CA ILE A 264 29.32 35.50 -3.50
C ILE A 264 27.82 35.53 -3.81
N SER A 265 27.12 34.52 -3.30
CA SER A 265 25.67 34.44 -3.38
C SER A 265 25.10 34.42 -1.98
N ILE A 266 24.03 35.17 -1.76
CA ILE A 266 23.40 35.27 -0.46
C ILE A 266 21.91 34.97 -0.59
N LYS A 267 21.31 34.57 0.51
CA LYS A 267 19.87 34.36 0.60
C LYS A 267 19.34 35.38 1.59
N LEU A 268 18.34 36.16 1.18
CA LEU A 268 17.80 37.16 2.10
C LEU A 268 17.15 36.54 3.32
N SER A 269 16.59 35.34 3.19
CA SER A 269 15.97 34.67 4.33
C SER A 269 16.98 34.35 5.43
N ALA A 270 18.28 34.31 5.10
CA ALA A 270 19.31 34.09 6.12
C ALA A 270 19.55 35.33 6.96
N LEU A 271 19.17 36.51 6.48
CA LEU A 271 19.61 37.75 7.09
C LEU A 271 18.57 38.42 7.96
N HIS A 272 17.37 37.87 8.05
CA HIS A 272 16.40 38.43 8.95
C HIS A 272 15.43 37.32 9.28
N PRO A 273 15.05 37.17 10.56
CA PRO A 273 14.14 36.07 10.94
C PRO A 273 12.69 36.29 10.53
N ARG A 274 12.30 37.49 10.11
CA ARG A 274 10.93 37.77 9.69
C ARG A 274 10.91 38.34 8.25
N TYR A 275 11.56 37.63 7.33
CA TYR A 275 11.62 38.06 5.94
C TYR A 275 10.34 37.62 5.21
N SER A 276 9.37 38.54 5.16
CA SER A 276 8.07 38.27 4.56
C SER A 276 7.40 39.60 4.26
N ARG A 277 6.41 39.56 3.35
CA ARG A 277 5.61 40.74 3.03
C ARG A 277 4.88 41.26 4.27
N ALA A 278 4.42 40.34 5.15
CA ALA A 278 3.69 40.78 6.33
C ALA A 278 4.55 41.67 7.22
N GLN A 279 5.87 41.50 7.17
CA GLN A 279 6.80 42.28 7.97
C GLN A 279 7.66 43.19 7.09
N ALA A 280 7.06 43.71 6.01
CA ALA A 280 7.81 44.49 5.02
C ALA A 280 8.52 45.69 5.65
N ALA A 281 7.86 46.37 6.59
CA ALA A 281 8.48 47.51 7.24
C ALA A 281 9.74 47.10 7.99
N ARG A 282 9.70 45.99 8.72
CA ARG A 282 10.91 45.53 9.41
C ARG A 282 11.98 45.13 8.40
N VAL A 283 11.56 44.54 7.28
CA VAL A 283 12.53 44.13 6.26
C VAL A 283 13.25 45.36 5.70
N MET A 284 12.51 46.40 5.33
CA MET A 284 13.18 47.57 4.78
C MET A 284 14.01 48.30 5.84
N GLY A 285 13.56 48.29 7.09
CA GLY A 285 14.28 49.01 8.14
C GLY A 285 15.46 48.27 8.72
N GLU A 286 15.42 46.94 8.73
CA GLU A 286 16.46 46.17 9.41
C GLU A 286 17.26 45.27 8.47
N LEU A 287 16.61 44.65 7.49
CA LEU A 287 17.31 43.77 6.56
C LEU A 287 18.10 44.56 5.51
N LEU A 288 17.45 45.54 4.87
CA LEU A 288 18.13 46.34 3.85
C LEU A 288 19.47 46.92 4.30
N PRO A 289 19.59 47.56 5.47
CA PRO A 289 20.92 48.07 5.87
C PRO A 289 21.99 47.00 5.90
N ARG A 290 21.62 45.76 6.27
CA ARG A 290 22.57 44.66 6.28
C ARG A 290 23.00 44.29 4.89
N VAL A 291 22.05 44.19 3.96
CA VAL A 291 22.44 43.87 2.59
C VAL A 291 23.32 44.98 2.05
N LYS A 292 22.98 46.23 2.41
CA LYS A 292 23.78 47.35 1.93
C LYS A 292 25.20 47.30 2.45
N ALA A 293 25.38 46.94 3.73
CA ALA A 293 26.73 46.87 4.27
C ALA A 293 27.54 45.77 3.57
N LEU A 294 26.92 44.63 3.29
CA LEU A 294 27.59 43.57 2.55
C LEU A 294 27.92 44.02 1.14
N ALA A 295 26.98 44.69 0.48
CA ALA A 295 27.22 45.20 -0.87
C ALA A 295 28.34 46.23 -0.90
N LEU A 296 28.42 47.10 0.12
CA LEU A 296 29.52 48.07 0.16
C LEU A 296 30.87 47.37 0.24
N LEU A 297 30.94 46.27 0.99
CA LEU A 297 32.17 45.50 1.10
C LEU A 297 32.53 44.86 -0.25
N ALA A 298 31.52 44.29 -0.92
CA ALA A 298 31.77 43.68 -2.23
C ALA A 298 32.20 44.72 -3.26
N LYS A 299 31.60 45.93 -3.19
CA LYS A 299 32.04 47.03 -4.03
C LYS A 299 33.51 47.35 -3.79
N ASN A 300 33.95 47.38 -2.53
CA ASN A 300 35.35 47.75 -2.28
C ASN A 300 36.32 46.75 -2.90
N TYR A 301 35.98 45.46 -2.88
CA TYR A 301 36.82 44.45 -3.50
C TYR A 301 36.51 44.22 -4.96
N ASP A 302 35.48 44.88 -5.49
CA ASP A 302 34.99 44.69 -6.86
C ASP A 302 34.72 43.22 -7.17
N ILE A 303 33.85 42.60 -6.35
CA ILE A 303 33.39 41.24 -6.60
C ILE A 303 31.89 41.24 -6.77
N GLY A 304 31.38 40.18 -7.38
CA GLY A 304 29.93 40.04 -7.53
C GLY A 304 29.26 39.67 -6.21
N LEU A 305 28.05 40.21 -6.00
CA LEU A 305 27.19 39.84 -4.87
C LEU A 305 25.82 39.55 -5.44
N ASN A 306 25.41 38.29 -5.37
CA ASN A 306 24.16 37.84 -6.00
C ASN A 306 23.12 37.53 -4.94
N ILE A 307 21.90 38.00 -5.16
CA ILE A 307 20.76 37.66 -4.32
C ILE A 307 20.05 36.44 -4.89
N ASP A 308 20.13 35.30 -4.19
CA ASP A 308 19.46 34.09 -4.61
C ASP A 308 17.94 34.28 -4.56
N ALA A 309 17.21 33.57 -5.43
CA ALA A 309 15.75 33.62 -5.44
C ALA A 309 15.19 32.45 -4.66
N GLU A 310 14.17 32.72 -3.85
CA GLU A 310 13.59 31.72 -2.95
C GLU A 310 12.12 31.50 -3.28
N GLU A 311 11.24 31.51 -2.26
CA GLU A 311 9.84 31.17 -2.48
C GLU A 311 9.12 32.26 -3.26
N ALA A 312 8.04 31.86 -3.95
CA ALA A 312 7.30 32.81 -4.79
C ALA A 312 6.79 34.00 -4.01
N ASP A 313 6.41 33.84 -2.74
CA ASP A 313 5.86 34.97 -2.00
C ASP A 313 6.92 35.93 -1.47
N ARG A 314 8.18 35.70 -1.79
CA ARG A 314 9.25 36.64 -1.48
C ARG A 314 9.80 37.36 -2.71
N LEU A 315 9.30 37.02 -3.90
CA LEU A 315 9.85 37.60 -5.13
C LEU A 315 9.69 39.11 -5.14
N GLU A 316 8.45 39.60 -5.00
CA GLU A 316 8.23 41.03 -5.18
C GLU A 316 8.80 41.82 -4.00
N LEU A 317 8.80 41.25 -2.79
CA LEU A 317 9.49 41.89 -1.67
C LEU A 317 10.97 42.09 -1.97
N SER A 318 11.64 41.07 -2.54
CA SER A 318 13.07 41.24 -2.83
C SER A 318 13.32 42.33 -3.88
N LEU A 319 12.35 42.56 -4.78
CA LEU A 319 12.51 43.63 -5.78
C LEU A 319 12.61 45.00 -5.11
N ASP A 320 11.90 45.20 -4.00
CA ASP A 320 12.01 46.48 -3.31
C ASP A 320 13.41 46.68 -2.74
N LEU A 321 14.05 45.61 -2.27
CA LEU A 321 15.43 45.75 -1.81
C LEU A 321 16.35 46.01 -2.99
N LEU A 322 16.16 45.28 -4.09
CA LEU A 322 17.01 45.47 -5.26
C LEU A 322 16.95 46.91 -5.76
N GLU A 323 15.75 47.47 -5.79
CA GLU A 323 15.57 48.83 -6.30
C GLU A 323 16.28 49.85 -5.41
N VAL A 324 16.08 49.75 -4.09
CA VAL A 324 16.74 50.70 -3.19
C VAL A 324 18.25 50.60 -3.31
N LEU A 325 18.77 49.37 -3.36
CA LEU A 325 20.22 49.20 -3.46
C LEU A 325 20.74 49.78 -4.76
N CYS A 326 20.06 49.53 -5.89
CA CYS A 326 20.56 50.02 -7.17
C CYS A 326 20.45 51.53 -7.31
N LEU A 327 19.58 52.17 -6.52
CA LEU A 327 19.45 53.62 -6.57
C LEU A 327 20.30 54.32 -5.51
N ASP A 328 21.02 53.57 -4.68
CA ASP A 328 21.75 54.14 -3.55
C ASP A 328 23.10 54.62 -4.04
N GLY A 329 23.32 55.94 -3.98
CA GLY A 329 24.57 56.52 -4.48
C GLY A 329 25.82 55.97 -3.82
N ASP A 330 25.72 55.49 -2.57
CA ASP A 330 26.90 54.93 -1.92
C ASP A 330 27.44 53.70 -2.63
N LEU A 331 26.62 53.00 -3.41
CA LEU A 331 27.06 51.82 -4.14
C LEU A 331 27.42 52.14 -5.59
N SER A 332 27.45 53.41 -5.97
CA SER A 332 27.71 53.74 -7.37
C SER A 332 29.14 53.38 -7.74
N GLY A 333 29.32 53.08 -9.02
CA GLY A 333 30.62 52.71 -9.54
C GLY A 333 30.89 51.22 -9.57
N TRP A 334 29.95 50.41 -9.07
CA TRP A 334 30.12 48.98 -8.92
C TRP A 334 28.99 48.27 -9.65
N ASN A 335 29.34 47.34 -10.55
CA ASN A 335 28.35 46.59 -11.33
C ASN A 335 28.23 45.15 -10.86
N GLY A 336 28.65 44.84 -9.64
CA GLY A 336 28.63 43.48 -9.12
C GLY A 336 27.32 42.99 -8.53
N MET A 337 26.31 43.86 -8.37
CA MET A 337 25.05 43.42 -7.80
CA MET A 337 25.05 43.41 -7.79
C MET A 337 24.33 42.47 -8.75
N GLY A 338 23.91 41.31 -8.24
CA GLY A 338 23.25 40.31 -9.05
C GLY A 338 21.94 39.86 -8.41
N PHE A 339 21.07 39.29 -9.24
CA PHE A 339 19.71 38.95 -8.83
C PHE A 339 19.23 37.76 -9.65
N VAL A 340 18.65 36.77 -8.98
CA VAL A 340 18.16 35.56 -9.64
C VAL A 340 16.70 35.76 -10.03
N VAL A 341 16.34 35.26 -11.21
CA VAL A 341 14.95 35.17 -11.62
C VAL A 341 14.65 33.73 -12.05
N GLN A 342 13.50 33.22 -11.64
CA GLN A 342 13.13 31.82 -11.83
C GLN A 342 12.16 31.69 -13.00
N ALA A 343 12.59 30.95 -14.04
CA ALA A 343 11.79 30.79 -15.24
C ALA A 343 10.56 29.91 -15.01
N TYR A 344 10.52 29.09 -13.95
CA TYR A 344 9.25 28.38 -13.75
C TYR A 344 8.16 29.31 -13.24
N GLY A 345 8.46 30.58 -13.00
CA GLY A 345 7.49 31.51 -12.45
C GLY A 345 6.76 32.28 -13.55
N LYS A 346 5.46 32.43 -13.36
CA LYS A 346 4.61 33.12 -14.33
C LYS A 346 4.95 34.60 -14.45
N ARG A 347 5.58 35.19 -13.44
CA ARG A 347 5.94 36.59 -13.50
C ARG A 347 7.27 36.83 -14.17
N CYS A 348 8.03 35.78 -14.48
CA CYS A 348 9.42 35.91 -14.90
C CYS A 348 9.66 36.95 -15.99
N PRO A 349 8.96 36.96 -17.13
CA PRO A 349 9.24 37.99 -18.15
C PRO A 349 9.00 39.41 -17.66
N PHE A 350 7.97 39.60 -16.83
CA PHE A 350 7.66 40.91 -16.30
C PHE A 350 8.67 41.35 -15.26
N VAL A 351 9.19 40.41 -14.47
CA VAL A 351 10.31 40.71 -13.57
C VAL A 351 11.52 41.12 -14.38
N LEU A 352 11.79 40.44 -15.49
CA LEU A 352 12.93 40.83 -16.30
C LEU A 352 12.74 42.24 -16.87
N ASP A 353 11.54 42.56 -17.35
CA ASP A 353 11.29 43.93 -17.85
C ASP A 353 11.58 44.96 -16.78
N PHE A 354 11.18 44.68 -15.54
CA PHE A 354 11.43 45.59 -14.44
C PHE A 354 12.92 45.75 -14.17
N ILE A 355 13.66 44.63 -14.12
CA ILE A 355 15.10 44.69 -13.84
C ILE A 355 15.86 45.42 -14.93
N ILE A 356 15.56 45.12 -16.20
CA ILE A 356 16.23 45.80 -17.31
C ILE A 356 15.98 47.31 -17.24
N ASP A 357 14.76 47.71 -16.91
CA ASP A 357 14.48 49.14 -16.79
C ASP A 357 15.20 49.74 -15.58
N LEU A 358 15.26 48.99 -14.47
CA LEU A 358 16.02 49.47 -13.32
C LEU A 358 17.49 49.63 -13.65
N ALA A 359 18.04 48.70 -14.44
CA ALA A 359 19.42 48.81 -14.88
C ALA A 359 19.62 50.09 -15.70
N ARG A 360 18.69 50.39 -16.59
CA ARG A 360 18.79 51.61 -17.38
C ARG A 360 18.71 52.86 -16.51
N ARG A 361 17.74 52.92 -15.61
CA ARG A 361 17.57 54.09 -14.76
C ARG A 361 18.78 54.32 -13.87
N SER A 362 19.26 53.27 -13.24
CA SER A 362 20.35 53.38 -12.28
C SER A 362 21.71 53.46 -12.96
N GLY A 363 21.81 53.00 -14.21
CA GLY A 363 23.09 52.95 -14.87
C GLY A 363 23.99 51.84 -14.39
N ARG A 364 23.46 50.87 -13.65
CA ARG A 364 24.23 49.72 -13.18
C ARG A 364 23.89 48.52 -14.05
N ARG A 365 24.93 47.77 -14.42
CA ARG A 365 24.76 46.61 -15.28
C ARG A 365 24.44 45.43 -14.37
N ILE A 366 23.15 45.24 -14.11
CA ILE A 366 22.76 44.22 -13.14
C ILE A 366 23.07 42.84 -13.68
N MET A 367 23.67 41.99 -12.84
CA MET A 367 23.93 40.60 -13.20
C MET A 367 22.65 39.82 -12.95
N VAL A 368 22.11 39.19 -13.98
CA VAL A 368 20.85 38.48 -13.85
C VAL A 368 21.13 37.00 -14.06
N ARG A 369 20.97 36.21 -13.00
CA ARG A 369 21.11 34.76 -13.13
C ARG A 369 19.73 34.18 -13.42
N LEU A 370 19.59 33.57 -14.60
CA LEU A 370 18.34 32.93 -14.99
C LEU A 370 18.41 31.46 -14.62
N VAL A 371 17.50 31.02 -13.76
CA VAL A 371 17.41 29.63 -13.34
C VAL A 371 16.02 29.13 -13.67
N LYS A 372 15.85 27.83 -13.59
CA LYS A 372 14.48 27.34 -13.80
C LYS A 372 13.66 27.46 -12.53
N GLY A 373 14.19 27.02 -11.37
CA GLY A 373 13.52 27.22 -10.10
C GLY A 373 13.61 26.02 -9.18
N ALA A 374 13.92 26.23 -7.91
CA ALA A 374 14.31 25.14 -7.01
C ALA A 374 13.22 24.70 -6.03
N TYR A 375 12.06 25.36 -6.00
CA TYR A 375 11.08 25.13 -4.95
C TYR A 375 9.74 24.64 -5.49
N TRP A 376 9.76 23.90 -6.60
CA TRP A 376 8.52 23.61 -7.31
C TRP A 376 7.53 22.85 -6.43
N ASP A 377 7.96 21.74 -5.82
CA ASP A 377 7.05 20.93 -5.00
C ASP A 377 6.39 21.78 -3.92
N ALA A 378 7.19 22.63 -3.27
CA ALA A 378 6.68 23.43 -2.17
C ALA A 378 5.66 24.45 -2.66
N GLU A 379 5.85 25.00 -3.87
CA GLU A 379 4.90 25.98 -4.38
C GLU A 379 3.56 25.32 -4.69
N ILE A 380 3.57 24.10 -5.23
CA ILE A 380 2.28 23.41 -5.48
C ILE A 380 1.54 23.20 -4.16
N LYS A 381 2.25 22.69 -3.14
CA LYS A 381 1.61 22.40 -1.86
C LYS A 381 1.05 23.67 -1.22
N ARG A 382 1.83 24.75 -1.25
CA ARG A 382 1.41 25.99 -0.61
C ARG A 382 0.13 26.54 -1.23
N ALA A 383 0.08 26.56 -2.57
CA ALA A 383 -1.10 27.12 -3.24
C ALA A 383 -2.34 26.27 -2.96
N GLN A 384 -2.17 24.96 -2.86
CA GLN A 384 -3.31 24.09 -2.55
C GLN A 384 -3.80 24.34 -1.12
N LEU A 385 -2.87 24.41 -0.16
CA LEU A 385 -3.26 24.66 1.23
C LEU A 385 -3.97 26.00 1.38
N ASP A 386 -3.53 27.01 0.63
CA ASP A 386 -4.09 28.35 0.78
C ASP A 386 -5.33 28.57 -0.08
N GLY A 387 -5.72 27.57 -0.87
CA GLY A 387 -6.93 27.67 -1.67
C GLY A 387 -6.93 28.84 -2.65
N LEU A 388 -5.81 29.06 -3.31
CA LEU A 388 -5.67 30.21 -4.19
C LEU A 388 -6.11 29.86 -5.60
N ALA A 389 -6.25 30.90 -6.43
CA ALA A 389 -6.88 30.70 -7.73
C ALA A 389 -6.07 29.77 -8.63
N ASP A 390 -4.75 29.78 -8.51
CA ASP A 390 -3.92 29.02 -9.43
C ASP A 390 -2.51 29.02 -8.85
N PHE A 391 -1.59 28.42 -9.56
CA PHE A 391 -0.24 28.32 -9.03
C PHE A 391 0.59 29.51 -9.50
N PRO A 392 1.63 29.90 -8.74
CA PRO A 392 2.53 30.95 -9.23
C PRO A 392 3.66 30.42 -10.10
N VAL A 393 3.64 29.12 -10.38
CA VAL A 393 4.64 28.44 -11.19
C VAL A 393 3.89 27.60 -12.22
N PHE A 394 4.58 27.24 -13.29
CA PHE A 394 4.02 26.31 -14.26
C PHE A 394 3.89 24.92 -13.66
N THR A 395 3.01 24.10 -14.25
CA THR A 395 2.80 22.74 -13.75
C THR A 395 3.33 21.65 -14.68
N ARG A 396 3.72 21.99 -15.89
CA ARG A 396 4.39 21.05 -16.79
C ARG A 396 5.83 21.49 -16.99
N LYS A 397 6.76 20.54 -16.84
CA LYS A 397 8.18 20.86 -16.94
C LYS A 397 8.52 21.50 -18.28
N ILE A 398 7.88 21.05 -19.36
CA ILE A 398 8.18 21.62 -20.66
C ILE A 398 7.80 23.10 -20.73
N HIS A 399 6.82 23.53 -19.92
CA HIS A 399 6.47 24.95 -19.89
C HIS A 399 7.61 25.78 -19.31
N THR A 400 8.23 25.29 -18.24
CA THR A 400 9.40 25.98 -17.69
C THR A 400 10.53 26.07 -18.71
N ASP A 401 10.73 25.00 -19.50
CA ASP A 401 11.79 25.04 -20.50
C ASP A 401 11.52 26.13 -21.54
N VAL A 402 10.27 26.24 -22.01
CA VAL A 402 9.95 27.28 -22.99
C VAL A 402 10.11 28.67 -22.37
N SER A 403 9.61 28.84 -21.15
CA SER A 403 9.77 30.10 -20.43
C SER A 403 11.24 30.48 -20.35
N TYR A 404 12.09 29.52 -19.97
CA TYR A 404 13.52 29.78 -19.83
C TYR A 404 14.11 30.30 -21.14
N ILE A 405 13.80 29.62 -22.25
CA ILE A 405 14.37 30.03 -23.53
C ILE A 405 13.83 31.38 -23.96
N ALA A 406 12.53 31.63 -23.73
CA ALA A 406 11.96 32.94 -24.06
C ALA A 406 12.61 34.05 -23.23
N CYS A 407 12.83 33.79 -21.93
CA CYS A 407 13.45 34.81 -21.10
C CYS A 407 14.92 35.00 -21.46
N ALA A 408 15.57 33.95 -21.95
CA ALA A 408 16.94 34.07 -22.43
C ALA A 408 17.01 34.99 -23.65
N ALA A 409 16.03 34.90 -24.54
CA ALA A 409 16.01 35.80 -25.69
C ALA A 409 15.84 37.24 -25.24
N LYS A 410 15.02 37.47 -24.21
CA LYS A 410 14.85 38.82 -23.70
C LYS A 410 16.16 39.35 -23.12
N LEU A 411 16.87 38.52 -22.36
CA LEU A 411 18.13 38.94 -21.76
C LEU A 411 19.22 39.16 -22.81
N LEU A 412 19.30 38.29 -23.82
CA LEU A 412 20.34 38.45 -24.82
C LEU A 412 20.16 39.71 -25.64
N ALA A 413 18.95 40.24 -25.69
CA ALA A 413 18.67 41.49 -26.39
C ALA A 413 19.01 42.72 -25.56
N ALA A 414 19.44 42.55 -24.31
CA ALA A 414 19.69 43.66 -23.41
C ALA A 414 21.08 43.56 -22.78
N THR A 415 22.02 42.89 -23.45
CA THR A 415 23.34 42.68 -22.85
C THR A 415 24.11 43.98 -22.65
N ASP A 416 23.68 45.09 -23.28
CA ASP A 416 24.34 46.36 -23.01
C ASP A 416 23.97 46.93 -21.64
N VAL A 417 22.84 46.53 -21.06
CA VAL A 417 22.47 47.06 -19.75
C VAL A 417 22.41 46.02 -18.64
N VAL A 418 22.33 44.72 -18.96
CA VAL A 418 22.41 43.67 -17.94
C VAL A 418 23.44 42.64 -18.38
N PHE A 419 23.90 41.85 -17.40
CA PHE A 419 24.84 40.75 -17.65
C PHE A 419 24.12 39.43 -17.45
N PRO A 420 23.69 38.74 -18.51
CA PRO A 420 22.93 37.49 -18.34
C PRO A 420 23.83 36.34 -17.92
N GLN A 421 23.32 35.52 -16.99
CA GLN A 421 24.02 34.36 -16.46
C GLN A 421 23.07 33.17 -16.57
N PHE A 422 23.35 32.27 -17.51
CA PHE A 422 22.40 31.19 -17.81
C PHE A 422 22.78 29.97 -16.99
N ALA A 423 22.05 29.76 -15.89
CA ALA A 423 22.34 28.74 -14.90
C ALA A 423 21.43 27.55 -15.20
N THR A 424 21.95 26.58 -15.94
CA THR A 424 21.20 25.36 -16.24
C THR A 424 22.20 24.29 -16.62
N HIS A 425 21.86 23.03 -16.31
CA HIS A 425 22.67 21.89 -16.71
C HIS A 425 22.09 21.17 -17.92
N ASN A 426 20.92 21.59 -18.39
CA ASN A 426 20.22 20.90 -19.47
C ASN A 426 20.92 21.18 -20.79
N ALA A 427 21.53 20.16 -21.40
CA ALA A 427 22.29 20.34 -22.64
C ALA A 427 21.44 20.91 -23.75
N GLN A 428 20.14 20.59 -23.79
CA GLN A 428 19.30 21.13 -24.85
C GLN A 428 19.09 22.62 -24.64
N THR A 429 18.83 23.04 -23.40
CA THR A 429 18.66 24.46 -23.09
C THR A 429 19.92 25.24 -23.39
N LEU A 430 21.09 24.71 -22.97
CA LEU A 430 22.36 25.36 -23.22
C LEU A 430 22.61 25.57 -24.71
N ALA A 431 22.38 24.52 -25.51
CA ALA A 431 22.68 24.61 -26.94
C ALA A 431 21.78 25.62 -27.64
N ALA A 432 20.50 25.65 -27.26
CA ALA A 432 19.59 26.61 -27.86
C ALA A 432 20.03 28.05 -27.56
N ILE A 433 20.46 28.30 -26.33
CA ILE A 433 20.92 29.62 -25.95
C ILE A 433 22.26 29.93 -26.62
N TYR A 434 23.16 28.95 -26.66
CA TYR A 434 24.47 29.14 -27.29
C TYR A 434 24.32 29.62 -28.73
N HIS A 435 23.41 29.01 -29.48
CA HIS A 435 23.22 29.42 -30.86
C HIS A 435 22.39 30.70 -30.95
N MET A 436 21.44 30.89 -30.03
CA MET A 436 20.71 32.14 -29.96
C MET A 436 21.64 33.32 -29.79
N ALA A 437 22.69 33.16 -28.97
CA ALA A 437 23.60 34.27 -28.67
C ALA A 437 24.43 34.69 -29.88
N GLY A 438 24.60 33.83 -30.87
CA GLY A 438 25.33 34.21 -32.06
C GLY A 438 26.84 34.13 -31.87
N LYS A 439 27.54 34.51 -32.95
CA LYS A 439 28.98 34.25 -33.05
C LYS A 439 29.82 35.29 -32.33
N ASP A 440 29.35 36.52 -32.22
CA ASP A 440 30.13 37.58 -31.59
C ASP A 440 30.08 37.42 -30.08
N PHE A 441 31.23 37.17 -29.46
CA PHE A 441 31.29 37.03 -28.02
C PHE A 441 32.53 37.70 -27.47
N HIS A 442 32.37 38.36 -26.33
CA HIS A 442 33.48 38.84 -25.53
C HIS A 442 33.20 38.52 -24.07
N VAL A 443 34.26 38.24 -23.31
CA VAL A 443 34.10 38.03 -21.88
C VAL A 443 33.46 39.26 -21.27
N GLY A 444 32.36 39.06 -20.54
CA GLY A 444 31.55 40.15 -20.03
C GLY A 444 30.22 40.32 -20.72
N LYS A 445 30.02 39.70 -21.89
CA LYS A 445 28.73 39.84 -22.59
C LYS A 445 27.65 39.00 -21.91
N TYR A 446 27.94 37.72 -21.65
CA TYR A 446 27.10 36.85 -20.84
C TYR A 446 27.98 35.70 -20.38
N GLU A 447 27.44 34.85 -19.50
CA GLU A 447 28.16 33.66 -19.08
C GLU A 447 27.17 32.54 -18.83
N PHE A 448 27.69 31.32 -18.74
CA PHE A 448 26.91 30.21 -18.23
C PHE A 448 27.30 29.92 -16.78
N GLN A 449 26.43 29.20 -16.07
CA GLN A 449 26.70 28.80 -14.69
C GLN A 449 26.22 27.37 -14.45
N CYS A 450 26.83 26.73 -13.45
CA CYS A 450 26.53 25.34 -13.08
C CYS A 450 26.74 25.16 -11.58
N LEU A 451 26.08 24.15 -11.02
CA LEU A 451 26.22 23.80 -9.61
C LEU A 451 27.40 22.88 -9.42
N HIS A 452 28.19 23.14 -8.37
CA HIS A 452 29.29 22.24 -8.05
C HIS A 452 28.77 20.82 -7.80
N GLY A 453 29.35 19.85 -8.50
CA GLY A 453 29.04 18.46 -8.31
C GLY A 453 28.02 17.86 -9.24
N MET A 454 27.65 18.54 -10.32
CA MET A 454 26.65 18.04 -11.26
C MET A 454 27.01 18.38 -12.70
N LEU A 468 33.44 24.93 -27.28
CA LEU A 468 32.44 26.00 -27.26
C LEU A 468 33.06 27.34 -26.86
N ASP A 469 33.83 27.31 -25.75
CA ASP A 469 34.58 28.47 -25.24
C ASP A 469 33.64 29.61 -24.83
N ARG A 470 32.80 29.31 -23.85
CA ARG A 470 32.05 30.32 -23.15
C ARG A 470 32.33 30.21 -21.67
N PRO A 471 32.47 31.34 -20.95
CA PRO A 471 32.76 31.31 -19.52
C PRO A 471 31.68 30.59 -18.73
N CME A 472 32.10 30.02 -17.61
CA CME A 472 31.28 29.16 -16.83
CB CME A 472 31.55 27.68 -17.12
SG CME A 472 30.79 26.55 -16.02
SD CME A 472 28.80 26.60 -16.65
CE CME A 472 28.70 25.56 -18.08
CZ CME A 472 28.64 24.07 -17.77
OH CME A 472 29.97 23.57 -17.78
C CME A 472 31.58 29.46 -15.36
O CME A 472 32.70 29.35 -14.89
N ARG A 473 30.55 29.87 -14.64
CA ARG A 473 30.71 30.14 -13.21
C ARG A 473 30.10 29.02 -12.36
N ILE A 474 30.92 28.50 -11.45
CA ILE A 474 30.53 27.41 -10.58
C ILE A 474 29.94 27.97 -9.30
N TYR A 475 28.68 27.61 -9.03
CA TYR A 475 28.04 27.91 -7.75
C TYR A 475 28.55 26.90 -6.72
N ALA A 476 29.28 27.40 -5.73
CA ALA A 476 30.12 26.55 -4.87
C ALA A 476 29.65 26.59 -3.43
N PRO A 477 28.96 25.56 -2.94
CA PRO A 477 28.58 25.53 -1.53
C PRO A 477 29.81 25.40 -0.64
N VAL A 478 29.76 26.08 0.50
CA VAL A 478 30.83 26.05 1.49
C VAL A 478 30.18 25.82 2.85
N GLY A 479 30.69 24.86 3.61
CA GLY A 479 30.11 24.60 4.92
C GLY A 479 30.47 23.22 5.42
N THR A 480 30.21 23.03 6.71
CA THR A 480 30.44 21.76 7.37
C THR A 480 29.29 20.79 7.09
N HIS A 481 29.52 19.51 7.43
CA HIS A 481 28.53 18.47 7.17
C HIS A 481 27.17 18.83 7.74
N GLU A 482 27.16 19.39 8.95
CA GLU A 482 25.90 19.74 9.61
C GLU A 482 25.11 20.75 8.78
N THR A 483 25.75 21.86 8.42
CA THR A 483 25.09 23.02 7.80
C THR A 483 24.62 22.76 6.37
N LEU A 484 24.90 21.60 5.82
CA LEU A 484 24.73 21.35 4.39
C LEU A 484 23.40 20.69 4.03
N LEU A 485 22.60 20.28 5.02
CA LEU A 485 21.60 19.24 4.78
C LEU A 485 20.41 19.76 3.98
N ALA A 486 19.86 20.92 4.33
CA ALA A 486 18.71 21.45 3.59
C ALA A 486 19.04 21.65 2.12
N TYR A 487 20.14 22.34 1.83
CA TYR A 487 20.56 22.52 0.45
C TYR A 487 20.81 21.18 -0.24
N LEU A 488 21.43 20.23 0.46
CA LEU A 488 21.79 18.96 -0.16
C LEU A 488 20.55 18.17 -0.58
N VAL A 489 19.53 18.13 0.27
CA VAL A 489 18.34 17.35 -0.07
C VAL A 489 17.63 17.98 -1.26
N ARG A 490 17.46 19.30 -1.23
CA ARG A 490 16.88 20.02 -2.36
C ARG A 490 17.64 19.71 -3.65
N ARG A 491 18.99 19.69 -3.59
CA ARG A 491 19.79 19.38 -4.77
C ARG A 491 19.57 17.94 -5.25
N LEU A 492 19.62 16.98 -4.32
CA LEU A 492 19.54 15.58 -4.73
C LEU A 492 18.15 15.21 -5.25
N LEU A 493 17.12 15.89 -4.75
CA LEU A 493 15.76 15.67 -5.26
C LEU A 493 15.65 16.05 -6.73
N GLU A 494 16.16 17.23 -7.09
CA GLU A 494 16.12 17.65 -8.49
C GLU A 494 16.78 16.60 -9.38
N ASN A 495 17.95 16.11 -8.98
CA ASN A 495 18.66 15.10 -9.77
C ASN A 495 17.90 13.79 -9.88
N GLY A 496 16.98 13.50 -8.95
CA GLY A 496 16.29 12.23 -8.94
C GLY A 496 14.91 12.23 -9.59
N ALA A 497 14.42 13.41 -9.96
CA ALA A 497 13.10 13.51 -10.57
C ALA A 497 13.12 12.98 -12.00
N ASN A 498 12.08 12.21 -12.37
CA ASN A 498 12.06 11.55 -13.68
C ASN A 498 12.15 12.56 -14.82
N SER A 499 11.62 13.76 -14.63
CA SER A 499 11.63 14.77 -15.68
C SER A 499 12.95 15.53 -15.76
N SER A 500 13.83 15.37 -14.78
CA SER A 500 15.04 16.17 -14.75
C SER A 500 16.06 15.67 -15.77
N PHE A 501 16.84 16.61 -16.31
CA PHE A 501 17.86 16.28 -17.29
C PHE A 501 18.89 15.30 -16.73
N VAL A 502 19.29 15.49 -15.46
CA VAL A 502 20.33 14.64 -14.89
C VAL A 502 19.83 13.21 -14.74
N HIS A 503 18.56 13.04 -14.35
CA HIS A 503 18.02 11.69 -14.27
C HIS A 503 17.88 11.07 -15.66
N ARG A 504 17.43 11.85 -16.64
CA ARG A 504 17.18 11.29 -17.97
C ARG A 504 18.49 10.99 -18.70
N ILE A 505 19.50 11.84 -18.52
CA ILE A 505 20.78 11.60 -19.18
C ILE A 505 21.41 10.31 -18.68
N ASN A 506 21.08 9.90 -17.46
CA ASN A 506 21.60 8.67 -16.88
C ASN A 506 20.67 7.47 -17.10
N ASP A 507 19.44 7.70 -17.52
CA ASP A 507 18.52 6.61 -17.83
C ASP A 507 18.86 6.05 -19.21
N PRO A 508 19.25 4.77 -19.31
CA PRO A 508 19.57 4.20 -20.63
C PRO A 508 18.35 4.07 -21.54
N LYS A 509 17.14 4.08 -20.99
CA LYS A 509 15.93 4.01 -21.80
C LYS A 509 15.65 5.31 -22.54
N VAL A 510 16.31 6.42 -22.17
CA VAL A 510 16.07 7.72 -22.80
C VAL A 510 17.09 7.90 -23.92
N SER A 511 16.61 7.95 -25.16
CA SER A 511 17.47 8.17 -26.29
C SER A 511 17.94 9.63 -26.32
N ILE A 512 19.09 9.84 -26.97
CA ILE A 512 19.58 11.19 -27.20
C ILE A 512 18.55 12.01 -27.98
N ASP A 513 17.84 11.35 -28.92
CA ASP A 513 16.83 12.06 -29.70
C ASP A 513 15.73 12.61 -28.80
N GLU A 514 15.35 11.87 -27.76
CA GLU A 514 14.41 12.39 -26.78
C GLU A 514 15.01 13.56 -25.99
N LEU A 515 16.32 13.50 -25.74
CA LEU A 515 16.97 14.52 -24.92
C LEU A 515 17.16 15.83 -25.67
N ILE A 516 17.25 15.77 -27.00
CA ILE A 516 17.47 16.96 -27.81
C ILE A 516 16.17 17.47 -28.43
N ALA A 517 15.03 16.93 -28.02
CA ALA A 517 13.74 17.41 -28.49
C ALA A 517 13.55 18.88 -28.10
N ASP A 518 13.10 19.68 -29.06
CA ASP A 518 12.88 21.10 -28.85
C ASP A 518 11.62 21.35 -28.04
N PRO A 519 11.71 21.84 -26.81
CA PRO A 519 10.47 22.07 -26.04
C PRO A 519 9.54 23.07 -26.69
N VAL A 520 10.07 24.06 -27.40
CA VAL A 520 9.25 25.09 -28.04
C VAL A 520 8.32 24.45 -29.07
N GLU A 521 8.88 23.63 -29.97
CA GLU A 521 8.05 23.00 -31.00
C GLU A 521 7.12 21.95 -30.42
N VAL A 522 7.53 21.23 -29.38
CA VAL A 522 6.64 20.26 -28.75
C VAL A 522 5.43 20.96 -28.16
N VAL A 523 5.65 22.07 -27.47
CA VAL A 523 4.53 22.82 -26.91
C VAL A 523 3.67 23.40 -28.04
N ARG A 524 4.31 23.93 -29.09
CA ARG A 524 3.56 24.59 -30.16
C ARG A 524 2.61 23.62 -30.84
N ALA A 525 2.95 22.34 -30.90
CA ALA A 525 2.14 21.33 -31.56
C ALA A 525 1.15 20.66 -30.62
N MET A 526 1.11 21.05 -29.35
CA MET A 526 0.17 20.46 -28.42
C MET A 526 -1.26 20.89 -28.75
N PRO A 527 -2.26 20.07 -28.41
CA PRO A 527 -3.65 20.42 -28.75
C PRO A 527 -4.11 21.72 -28.12
N VAL A 528 -3.95 21.86 -26.81
CA VAL A 528 -4.21 23.10 -26.10
C VAL A 528 -2.87 23.58 -25.54
N VAL A 529 -2.38 24.70 -26.06
CA VAL A 529 -1.09 25.24 -25.63
C VAL A 529 -1.20 25.71 -24.19
N GLY A 530 -0.32 25.20 -23.34
CA GLY A 530 -0.29 25.63 -21.95
C GLY A 530 -1.30 24.99 -21.03
N ALA A 531 -1.85 23.84 -21.40
CA ALA A 531 -2.78 23.15 -20.50
C ALA A 531 -2.08 22.76 -19.20
N LYS A 532 -2.82 22.88 -18.10
CA LYS A 532 -2.35 22.42 -16.80
C LYS A 532 -1.98 20.94 -16.87
N HIS A 533 -1.03 20.55 -16.02
CA HIS A 533 -0.72 19.14 -15.86
C HIS A 533 -1.98 18.36 -15.46
N ASP A 534 -2.18 17.21 -16.11
CA ASP A 534 -3.38 16.42 -15.87
C ASP A 534 -3.49 15.90 -14.44
N ARG A 535 -2.36 15.67 -13.76
CA ARG A 535 -2.36 15.00 -12.47
C ARG A 535 -2.14 15.95 -11.29
N ILE A 536 -2.17 17.26 -11.52
CA ILE A 536 -2.02 18.23 -10.42
C ILE A 536 -3.31 19.02 -10.29
N ALA A 537 -3.92 18.97 -9.10
CA ALA A 537 -5.23 19.58 -8.91
C ALA A 537 -5.09 21.07 -8.63
N LEU A 538 -5.89 21.89 -9.32
CA LEU A 538 -6.05 23.26 -8.89
C LEU A 538 -6.57 23.27 -7.44
N PRO A 539 -6.22 24.30 -6.67
CA PRO A 539 -6.71 24.33 -5.28
C PRO A 539 -8.22 24.17 -5.15
N ALA A 540 -8.99 24.77 -6.07
CA ALA A 540 -10.44 24.65 -6.01
C ALA A 540 -10.92 23.22 -6.21
N GLU A 541 -10.12 22.36 -6.82
CA GLU A 541 -10.57 21.03 -7.22
C GLU A 541 -9.94 19.93 -6.38
N LEU A 542 -9.44 20.27 -5.18
CA LEU A 542 -8.78 19.29 -4.33
C LEU A 542 -9.67 18.09 -4.05
N PHE A 543 -10.97 18.30 -3.95
CA PHE A 543 -11.89 17.25 -3.57
C PHE A 543 -12.67 16.69 -4.76
N GLY A 544 -12.27 17.06 -5.96
CA GLY A 544 -12.93 16.51 -7.15
C GLY A 544 -14.42 16.78 -7.16
N ASP A 545 -15.19 15.74 -7.47
CA ASP A 545 -16.62 15.90 -7.62
C ASP A 545 -17.37 16.00 -6.31
N ALA A 546 -16.71 15.72 -5.18
CA ALA A 546 -17.41 15.73 -3.90
C ALA A 546 -17.95 17.12 -3.58
N ARG A 547 -17.10 18.14 -3.72
CA ARG A 547 -17.47 19.50 -3.38
C ARG A 547 -16.36 20.44 -3.84
N THR A 548 -16.71 21.72 -3.90
CA THR A 548 -15.74 22.74 -4.29
C THR A 548 -15.00 23.24 -3.05
N ASN A 549 -13.68 23.24 -3.12
CA ASN A 549 -12.88 23.77 -2.04
C ASN A 549 -13.16 25.26 -1.86
N SER A 550 -13.14 25.71 -0.60
CA SER A 550 -13.21 27.13 -0.32
C SER A 550 -11.98 27.83 -0.89
N ALA A 551 -12.13 29.11 -1.24
CA ALA A 551 -11.06 29.92 -1.78
C ALA A 551 -10.53 30.88 -0.73
N GLY A 552 -9.21 31.03 -0.68
CA GLY A 552 -8.55 31.93 0.23
C GLY A 552 -8.17 33.24 -0.44
N LEU A 553 -7.24 33.94 0.18
CA LEU A 553 -6.76 35.22 -0.33
C LEU A 553 -5.26 35.27 -0.15
N ASP A 554 -4.57 35.83 -1.14
CA ASP A 554 -3.10 35.88 -1.14
C ASP A 554 -2.65 37.19 -0.50
N LEU A 555 -2.23 37.12 0.77
CA LEU A 555 -1.78 38.33 1.46
C LEU A 555 -0.37 38.74 1.10
N SER A 556 0.26 38.07 0.13
CA SER A 556 1.49 38.56 -0.49
C SER A 556 1.22 39.34 -1.78
N ASN A 557 -0.02 39.40 -2.25
CA ASN A 557 -0.37 40.06 -3.51
C ASN A 557 -0.79 41.50 -3.25
N GLU A 558 -0.07 42.47 -3.86
CA GLU A 558 -0.37 43.89 -3.57
C GLU A 558 -1.76 44.30 -4.03
N GLU A 559 -2.24 43.76 -5.16
CA GLU A 559 -3.61 44.08 -5.58
C GLU A 559 -4.62 43.54 -4.57
N THR A 560 -4.37 42.35 -4.05
CA THR A 560 -5.24 41.80 -3.02
C THR A 560 -5.22 42.65 -1.76
N LEU A 561 -4.03 43.08 -1.34
CA LEU A 561 -3.93 43.86 -0.11
C LEU A 561 -4.59 45.22 -0.28
N ALA A 562 -4.48 45.79 -1.48
CA ALA A 562 -5.10 47.10 -1.73
C ALA A 562 -6.61 46.99 -1.71
N SER A 563 -7.17 45.98 -2.37
CA SER A 563 -8.64 45.86 -2.35
C SER A 563 -9.12 45.40 -0.97
N LEU A 564 -8.35 44.55 -0.30
CA LEU A 564 -8.75 44.11 1.03
C LEU A 564 -8.70 45.28 2.01
N THR A 565 -7.74 46.18 1.86
CA THR A 565 -7.70 47.37 2.71
C THR A 565 -9.01 48.16 2.61
N GLU A 566 -9.50 48.38 1.39
CA GLU A 566 -10.72 49.15 1.23
C GLU A 566 -11.93 48.40 1.78
N ALA A 567 -12.00 47.09 1.54
CA ALA A 567 -13.14 46.34 2.05
C ALA A 567 -13.14 46.27 3.57
N LEU A 568 -11.95 46.17 4.18
CA LEU A 568 -11.85 46.15 5.63
C LEU A 568 -12.25 47.49 6.24
N ARG A 569 -11.76 48.59 5.65
CA ARG A 569 -12.19 49.92 6.09
C ARG A 569 -13.69 50.09 5.98
N GLU A 570 -14.27 49.65 4.87
CA GLU A 570 -15.72 49.78 4.69
C GLU A 570 -16.49 48.93 5.70
N SER A 571 -15.96 47.77 6.07
CA SER A 571 -16.66 46.94 7.05
C SER A 571 -16.69 47.61 8.42
N ALA A 572 -15.69 48.42 8.71
CA ALA A 572 -15.62 49.14 9.99
C ALA A 572 -16.54 50.35 10.02
N ALA A 573 -17.06 50.78 8.88
CA ALA A 573 -18.06 51.83 8.82
C ALA A 573 -19.47 51.31 9.01
N MET A 574 -19.67 49.99 8.98
CA MET A 574 -21.01 49.44 9.05
C MET A 574 -21.50 49.43 10.50
N LYS A 575 -22.82 49.59 10.65
CA LYS A 575 -23.45 49.57 11.96
C LYS A 575 -23.96 48.15 12.21
N TRP A 576 -23.05 47.28 12.65
CA TRP A 576 -23.38 45.88 12.90
C TRP A 576 -24.28 45.74 14.13
N THR A 577 -25.26 44.86 14.03
CA THR A 577 -26.18 44.61 15.14
C THR A 577 -26.48 43.12 15.24
N ALA A 578 -26.83 42.68 16.45
CA ALA A 578 -27.29 41.33 16.69
C ALA A 578 -28.57 41.41 17.52
N LEU A 579 -29.63 40.80 17.04
CA LEU A 579 -30.92 40.88 17.68
C LEU A 579 -31.45 39.47 17.93
N PRO A 580 -32.33 39.29 18.92
CA PRO A 580 -33.03 38.02 19.02
C PRO A 580 -33.96 37.86 17.84
N GLN A 581 -33.62 36.96 16.92
CA GLN A 581 -34.36 36.78 15.68
C GLN A 581 -35.23 35.54 15.85
N LEU A 582 -36.45 35.75 16.34
CA LEU A 582 -37.37 34.64 16.52
C LEU A 582 -38.13 34.37 15.22
N ALA A 583 -38.84 33.24 15.20
CA ALA A 583 -39.60 32.86 14.01
C ALA A 583 -40.59 33.94 13.61
N THR A 584 -41.16 34.64 14.59
CA THR A 584 -42.17 35.66 14.35
C THR A 584 -41.56 37.02 14.02
N GLY A 585 -40.30 37.24 14.37
CA GLY A 585 -39.64 38.50 14.09
C GLY A 585 -38.66 38.89 15.17
N PRO A 586 -38.00 40.03 15.00
CA PRO A 586 -37.02 40.49 16.00
C PRO A 586 -37.71 40.87 17.30
N ALA A 587 -37.09 40.50 18.42
CA ALA A 587 -37.64 40.79 19.74
C ALA A 587 -36.84 41.90 20.41
N ALA A 588 -37.49 42.58 21.35
CA ALA A 588 -36.84 43.61 22.14
C ALA A 588 -36.05 42.98 23.29
N GLY A 589 -35.15 43.77 23.86
CA GLY A 589 -34.37 43.27 24.98
C GLY A 589 -33.36 44.31 25.44
N GLU A 590 -32.50 43.88 26.37
CA GLU A 590 -31.43 44.74 26.87
C GLU A 590 -30.33 44.85 25.83
N THR A 591 -29.99 46.09 25.48
CA THR A 591 -29.03 46.38 24.42
C THR A 591 -27.73 46.91 25.02
N ARG A 592 -26.60 46.46 24.47
CA ARG A 592 -25.30 46.97 24.87
C ARG A 592 -24.35 46.93 23.69
N THR A 593 -23.27 47.70 23.78
CA THR A 593 -22.31 47.74 22.68
C THR A 593 -21.37 46.54 22.73
N VAL A 594 -20.76 46.25 21.59
CA VAL A 594 -19.74 45.21 21.43
C VAL A 594 -18.42 45.92 21.14
N LEU A 595 -17.43 45.67 21.98
CA LEU A 595 -16.17 46.39 21.91
C LEU A 595 -15.07 45.52 21.35
N ASN A 596 -14.15 46.16 20.63
CA ASN A 596 -12.97 45.50 20.07
C ASN A 596 -12.06 45.05 21.21
N PRO A 597 -11.79 43.75 21.34
CA PRO A 597 -10.92 43.30 22.45
C PRO A 597 -9.51 43.88 22.38
N GLY A 598 -9.04 44.33 21.22
CA GLY A 598 -7.74 44.94 21.13
C GLY A 598 -7.71 46.42 21.39
N ASP A 599 -8.87 47.01 21.57
CA ASP A 599 -9.00 48.45 21.82
C ASP A 599 -10.46 48.75 22.17
N HIS A 600 -10.76 48.88 23.46
CA HIS A 600 -12.12 49.04 23.93
C HIS A 600 -12.76 50.35 23.47
N ARG A 601 -11.94 51.28 22.97
CA ARG A 601 -12.47 52.51 22.39
C ARG A 601 -13.15 52.28 21.05
N ASP A 602 -12.87 51.16 20.39
CA ASP A 602 -13.42 50.84 19.09
C ASP A 602 -14.73 50.07 19.29
N VAL A 603 -15.85 50.75 19.11
CA VAL A 603 -17.16 50.10 19.20
C VAL A 603 -17.46 49.41 17.87
N VAL A 604 -17.64 48.10 17.91
CA VAL A 604 -17.89 47.34 16.70
C VAL A 604 -19.36 47.31 16.33
N GLY A 605 -20.25 47.31 17.31
CA GLY A 605 -21.67 47.21 17.05
C GLY A 605 -22.44 47.13 18.34
N SER A 606 -23.68 46.66 18.24
CA SER A 606 -24.54 46.57 19.41
C SER A 606 -25.33 45.27 19.35
N VAL A 607 -25.56 44.69 20.52
CA VAL A 607 -26.28 43.43 20.63
C VAL A 607 -27.49 43.64 21.54
N THR A 608 -28.63 43.12 21.11
CA THR A 608 -29.82 43.02 21.95
C THR A 608 -29.93 41.57 22.41
N GLU A 609 -29.93 41.37 23.72
CA GLU A 609 -29.86 40.04 24.29
C GLU A 609 -31.26 39.51 24.60
N THR A 610 -31.34 38.18 24.65
CA THR A 610 -32.60 37.46 24.74
C THR A 610 -33.02 37.28 26.18
N SER A 611 -34.29 37.55 26.46
CA SER A 611 -34.88 37.24 27.75
C SER A 611 -35.13 35.74 27.84
N GLU A 612 -35.12 35.24 29.08
CA GLU A 612 -35.37 33.81 29.30
C GLU A 612 -36.76 33.42 28.82
N GLU A 613 -37.73 34.35 28.90
CA GLU A 613 -39.06 34.07 28.37
C GLU A 613 -39.02 33.88 26.86
N ASP A 614 -38.31 34.76 26.15
CA ASP A 614 -38.24 34.66 24.71
C ASP A 614 -37.46 33.43 24.27
N ALA A 615 -36.44 33.02 25.03
CA ALA A 615 -35.73 31.77 24.75
C ALA A 615 -36.69 30.60 24.78
N ARG A 616 -37.50 30.51 25.84
CA ARG A 616 -38.48 29.43 25.91
C ARG A 616 -39.51 29.53 24.80
N ARG A 617 -39.88 30.75 24.42
CA ARG A 617 -40.82 30.93 23.31
C ARG A 617 -40.22 30.42 22.01
N ALA A 618 -38.93 30.75 21.77
CA ALA A 618 -38.28 30.29 20.54
C ALA A 618 -38.30 28.77 20.41
N VAL A 619 -38.07 28.05 21.50
CA VAL A 619 -38.08 26.58 21.41
C VAL A 619 -39.47 26.10 21.04
N ARG A 620 -40.50 26.68 21.67
CA ARG A 620 -41.86 26.31 21.31
C ARG A 620 -42.15 26.61 19.85
N LEU A 621 -41.69 27.75 19.35
CA LEU A 621 -41.85 28.07 17.94
C LEU A 621 -41.09 27.09 17.05
N ALA A 622 -39.88 26.70 17.46
CA ALA A 622 -39.12 25.71 16.69
C ALA A 622 -39.83 24.37 16.68
N ALA A 623 -40.39 23.96 17.82
CA ALA A 623 -41.17 22.73 17.87
C ALA A 623 -42.35 22.77 16.90
N ASP A 624 -43.02 23.92 16.81
CA ASP A 624 -44.15 24.00 15.89
C ASP A 624 -43.72 24.07 14.43
N ALA A 625 -42.51 24.54 14.15
CA ALA A 625 -41.96 24.55 12.80
C ALA A 625 -41.31 23.24 12.39
N ALA A 626 -41.09 22.31 13.34
CA ALA A 626 -40.31 21.11 13.04
C ALA A 626 -40.87 20.28 11.90
N PRO A 627 -42.17 19.98 11.82
CA PRO A 627 -42.65 19.14 10.72
C PRO A 627 -42.45 19.77 9.35
N ASP A 628 -42.63 21.09 9.23
CA ASP A 628 -42.48 21.73 7.93
C ASP A 628 -41.03 21.72 7.46
N TRP A 629 -40.08 21.92 8.38
CA TRP A 629 -38.69 21.89 7.94
C TRP A 629 -38.23 20.47 7.64
N ALA A 630 -38.70 19.49 8.42
CA ALA A 630 -38.40 18.10 8.12
C ALA A 630 -38.90 17.69 6.75
N ALA A 631 -39.97 18.31 6.27
CA ALA A 631 -40.60 17.95 5.00
C ALA A 631 -39.87 18.54 3.79
N VAL A 632 -38.93 19.45 4.00
CA VAL A 632 -38.08 19.92 2.91
C VAL A 632 -37.13 18.77 2.55
N PRO A 633 -37.14 18.27 1.32
CA PRO A 633 -36.32 17.10 0.95
C PRO A 633 -34.85 17.35 1.26
N PRO A 634 -34.11 16.31 1.66
CA PRO A 634 -32.71 16.51 2.05
C PRO A 634 -31.88 17.19 0.96
N SER A 635 -32.16 16.92 -0.32
CA SER A 635 -31.39 17.55 -1.38
C SER A 635 -31.62 19.05 -1.41
N GLU A 636 -32.84 19.50 -1.12
CA GLU A 636 -33.12 20.93 -1.10
C GLU A 636 -32.50 21.60 0.11
N ARG A 637 -32.52 20.94 1.27
CA ARG A 637 -31.81 21.47 2.43
C ARG A 637 -30.32 21.62 2.13
N ALA A 638 -29.73 20.61 1.49
CA ALA A 638 -28.32 20.70 1.14
C ALA A 638 -28.07 21.83 0.15
N ALA A 639 -29.02 22.06 -0.77
CA ALA A 639 -28.88 23.16 -1.71
C ALA A 639 -28.86 24.50 -0.99
N CYS A 640 -29.68 24.65 0.06
CA CYS A 640 -29.62 25.86 0.87
C CYS A 640 -28.24 26.04 1.47
N LEU A 641 -27.62 24.95 1.95
CA LEU A 641 -26.29 25.09 2.53
C LEU A 641 -25.28 25.50 1.47
N ASP A 642 -25.36 24.92 0.27
CA ASP A 642 -24.41 25.31 -0.78
C ASP A 642 -24.62 26.76 -1.19
N ARG A 643 -25.87 27.23 -1.18
CA ARG A 643 -26.14 28.62 -1.51
C ARG A 643 -25.56 29.55 -0.45
N ALA A 644 -25.68 29.18 0.83
CA ALA A 644 -25.08 29.99 1.89
C ALA A 644 -23.56 30.01 1.77
N ALA A 645 -22.96 28.90 1.38
CA ALA A 645 -21.52 28.85 1.16
C ALA A 645 -21.08 29.82 0.08
N GLU A 646 -21.83 29.88 -1.02
CA GLU A 646 -21.53 30.85 -2.07
C GLU A 646 -21.62 32.27 -1.55
N LEU A 647 -22.64 32.56 -0.74
CA LEU A 647 -22.82 33.89 -0.18
C LEU A 647 -21.67 34.27 0.76
N MET A 648 -21.21 33.30 1.57
CA MET A 648 -20.08 33.59 2.48
C MET A 648 -18.80 33.79 1.69
N GLN A 649 -18.58 32.98 0.65
CA GLN A 649 -17.40 33.19 -0.19
C GLN A 649 -17.41 34.59 -0.78
N ALA A 650 -18.56 35.03 -1.28
CA ALA A 650 -18.64 36.35 -1.91
C ALA A 650 -18.42 37.47 -0.89
N ARG A 651 -18.89 37.28 0.33
CA ARG A 651 -18.79 38.30 1.36
C ARG A 651 -17.54 38.15 2.24
N MET A 652 -16.59 37.30 1.87
CA MET A 652 -15.45 37.05 2.74
C MET A 652 -14.75 38.31 3.20
N PRO A 653 -14.37 39.26 2.31
CA PRO A 653 -13.63 40.44 2.80
C PRO A 653 -14.35 41.21 3.89
N THR A 654 -15.66 41.42 3.74
CA THR A 654 -16.43 42.07 4.79
C THR A 654 -16.47 41.22 6.05
N LEU A 655 -16.67 39.91 5.90
CA LEU A 655 -16.67 39.01 7.06
C LEU A 655 -15.34 39.05 7.80
N LEU A 656 -14.22 39.10 7.05
CA LEU A 656 -12.92 39.22 7.68
C LEU A 656 -12.87 40.41 8.62
N GLY A 657 -13.35 41.56 8.15
CA GLY A 657 -13.24 42.77 8.93
C GLY A 657 -14.00 42.68 10.25
N LEU A 658 -15.18 42.05 10.23
CA LEU A 658 -15.94 41.90 11.46
C LEU A 658 -15.25 40.95 12.42
N ILE A 659 -14.74 39.81 11.91
CA ILE A 659 -14.06 38.87 12.77
C ILE A 659 -12.81 39.49 13.39
N ILE A 660 -12.05 40.26 12.60
CA ILE A 660 -10.85 40.90 13.13
C ILE A 660 -11.19 41.83 14.29
N ARG A 661 -12.24 42.65 14.13
CA ARG A 661 -12.53 43.66 15.15
C ARG A 661 -13.35 43.11 16.30
N GLU A 662 -14.28 42.18 16.04
CA GLU A 662 -15.11 41.66 17.11
C GLU A 662 -14.39 40.58 17.94
N ALA A 663 -13.64 39.71 17.29
CA ALA A 663 -13.03 38.59 18.00
C ALA A 663 -11.53 38.75 18.21
N GLY A 664 -10.94 39.84 17.75
CA GLY A 664 -9.51 40.06 17.96
C GLY A 664 -8.60 39.19 17.13
N LYS A 665 -9.04 38.71 15.99
CA LYS A 665 -8.26 37.81 15.15
C LYS A 665 -7.41 38.57 14.15
N SER A 666 -6.29 37.96 13.76
CA SER A 666 -5.52 38.46 12.64
C SER A 666 -6.24 38.17 11.32
N ALA A 667 -5.81 38.87 10.27
CA ALA A 667 -6.44 38.68 8.96
C ALA A 667 -6.19 37.26 8.45
N LEU A 668 -4.98 36.74 8.66
CA LEU A 668 -4.69 35.37 8.24
C LEU A 668 -5.66 34.38 8.88
N ASN A 669 -5.84 34.48 10.19
CA ASN A 669 -6.72 33.55 10.90
C ASN A 669 -8.19 33.78 10.54
N ALA A 670 -8.57 35.03 10.26
CA ALA A 670 -9.95 35.29 9.85
C ALA A 670 -10.23 34.67 8.50
N ILE A 671 -9.29 34.74 7.57
CA ILE A 671 -9.47 34.06 6.28
C ILE A 671 -9.70 32.58 6.50
N ALA A 672 -8.87 31.96 7.33
CA ALA A 672 -8.98 30.52 7.55
C ALA A 672 -10.31 30.19 8.19
N GLU A 673 -10.81 31.06 9.06
CA GLU A 673 -12.08 30.81 9.71
C GLU A 673 -13.25 30.90 8.73
N VAL A 674 -13.27 31.94 7.88
CA VAL A 674 -14.33 32.01 6.86
C VAL A 674 -14.25 30.80 5.93
N ARG A 675 -13.04 30.41 5.53
CA ARG A 675 -12.91 29.20 4.70
C ARG A 675 -13.49 27.98 5.41
N GLU A 676 -13.24 27.86 6.71
CA GLU A 676 -13.77 26.71 7.45
C GLU A 676 -15.28 26.72 7.47
N ALA A 677 -15.91 27.89 7.66
CA ALA A 677 -17.36 27.97 7.62
C ALA A 677 -17.90 27.51 6.28
N ILE A 678 -17.28 28.00 5.19
CA ILE A 678 -17.67 27.59 3.84
C ILE A 678 -17.49 26.08 3.66
N ASP A 679 -16.38 25.53 4.14
CA ASP A 679 -16.14 24.10 4.01
C ASP A 679 -17.17 23.28 4.80
N PHE A 680 -17.52 23.70 6.02
CA PHE A 680 -18.56 23.00 6.78
C PHE A 680 -19.85 22.92 5.98
N LEU A 681 -20.30 24.07 5.46
CA LEU A 681 -21.54 24.12 4.71
C LEU A 681 -21.51 23.16 3.52
N ARG A 682 -20.41 23.18 2.76
CA ARG A 682 -20.35 22.34 1.57
C ARG A 682 -20.12 20.88 1.93
N TYR A 683 -19.40 20.62 3.03
CA TYR A 683 -19.16 19.23 3.43
C TYR A 683 -20.44 18.59 3.95
N TYR A 684 -21.18 19.27 4.82
CA TYR A 684 -22.41 18.66 5.32
C TYR A 684 -23.47 18.57 4.21
N ALA A 685 -23.44 19.49 3.25
CA ALA A 685 -24.33 19.37 2.09
C ALA A 685 -24.03 18.09 1.31
N GLU A 686 -22.75 17.84 1.01
CA GLU A 686 -22.41 16.63 0.27
C GLU A 686 -22.71 15.37 1.08
N GLN A 687 -22.38 15.36 2.37
CA GLN A 687 -22.68 14.19 3.20
C GLN A 687 -24.17 13.92 3.22
N THR A 688 -24.99 14.98 3.19
CA THR A 688 -26.44 14.80 3.14
C THR A 688 -26.86 14.16 1.82
N ARG A 689 -26.34 14.67 0.70
CA ARG A 689 -26.70 14.11 -0.59
C ARG A 689 -26.28 12.64 -0.69
N ARG A 690 -25.21 12.26 0.01
CA ARG A 690 -24.76 10.87 -0.02
CA ARG A 690 -24.75 10.88 0.00
C ARG A 690 -25.56 9.96 0.91
N THR A 691 -26.28 10.50 1.91
CA THR A 691 -26.79 9.57 2.94
C THR A 691 -28.27 9.67 3.27
N LEU A 692 -28.84 10.87 3.39
CA LEU A 692 -30.10 11.01 4.12
C LEU A 692 -31.31 10.65 3.26
N GLY A 693 -32.19 9.82 3.81
CA GLY A 693 -33.41 9.44 3.13
C GLY A 693 -34.61 9.58 4.05
N PRO A 694 -35.75 9.05 3.61
CA PRO A 694 -37.00 9.23 4.39
C PRO A 694 -36.99 8.58 5.76
N GLY A 695 -36.27 7.47 5.94
CA GLY A 695 -36.24 6.80 7.21
C GLY A 695 -35.32 7.39 8.26
N HIS A 696 -34.50 8.37 7.90
CA HIS A 696 -33.62 9.02 8.87
C HIS A 696 -34.31 10.31 9.32
N GLY A 697 -35.21 10.17 10.30
CA GLY A 697 -36.01 11.27 10.75
C GLY A 697 -35.25 12.21 11.68
N PRO A 698 -35.54 13.50 11.58
CA PRO A 698 -34.91 14.46 12.50
C PRO A 698 -35.25 14.19 13.96
N LEU A 699 -34.36 14.66 14.83
CA LEU A 699 -34.62 14.65 16.26
C LEU A 699 -35.72 15.62 16.65
N GLY A 700 -35.72 16.82 16.07
CA GLY A 700 -36.55 17.90 16.55
C GLY A 700 -35.71 19.14 16.82
N PRO A 701 -36.21 20.09 17.61
CA PRO A 701 -35.43 21.32 17.86
C PRO A 701 -34.08 21.03 18.49
N ILE A 702 -33.03 21.60 17.90
CA ILE A 702 -31.67 21.41 18.40
CA ILE A 702 -31.65 21.41 18.37
C ILE A 702 -31.12 22.75 18.86
N VAL A 703 -30.58 22.76 20.07
CA VAL A 703 -29.97 23.96 20.64
C VAL A 703 -28.49 23.93 20.31
N CYS A 704 -28.01 24.93 19.57
CA CYS A 704 -26.60 25.00 19.18
C CYS A 704 -25.94 26.11 19.97
N ILE A 705 -24.99 25.75 20.81
CA ILE A 705 -24.30 26.68 21.67
C ILE A 705 -22.85 26.69 21.21
N SER A 706 -22.36 27.86 20.82
CA SER A 706 -21.08 27.98 20.15
C SER A 706 -20.14 28.88 20.95
N PRO A 707 -18.83 28.73 20.75
CA PRO A 707 -17.85 29.46 21.56
C PRO A 707 -17.44 30.76 20.87
N TRP A 708 -16.72 31.59 21.63
CA TRP A 708 -16.29 32.88 21.08
C TRP A 708 -15.06 32.77 20.20
N ASN A 709 -14.30 31.67 20.29
CA ASN A 709 -12.96 31.66 19.69
C ASN A 709 -12.97 31.29 18.22
N PHE A 710 -13.99 30.56 17.75
CA PHE A 710 -14.25 30.42 16.32
C PHE A 710 -15.69 30.87 16.10
N PRO A 711 -15.94 32.16 16.18
CA PRO A 711 -17.32 32.67 16.28
C PRO A 711 -18.10 32.59 14.98
N LEU A 712 -17.47 32.29 13.86
CA LEU A 712 -18.21 32.00 12.63
C LEU A 712 -18.13 30.53 12.23
N ALA A 713 -16.96 29.90 12.32
CA ALA A 713 -16.82 28.56 11.75
C ALA A 713 -17.55 27.52 12.58
N ILE A 714 -17.29 27.47 13.89
CA ILE A 714 -17.95 26.46 14.70
C ILE A 714 -19.42 26.77 14.84
N PHE A 715 -19.74 28.06 14.96
CA PHE A 715 -21.13 28.52 14.89
C PHE A 715 -21.83 27.96 13.66
N THR A 716 -21.24 28.18 12.48
CA THR A 716 -21.85 27.71 11.24
C THR A 716 -21.88 26.19 11.15
N GLY A 717 -20.80 25.53 11.56
CA GLY A 717 -20.74 24.08 11.43
C GLY A 717 -21.84 23.37 12.21
N GLN A 718 -22.03 23.75 13.47
CA GLN A 718 -23.07 23.10 14.27
C GLN A 718 -24.46 23.35 13.69
N ILE A 719 -24.74 24.60 13.33
CA ILE A 719 -26.06 24.96 12.83
C ILE A 719 -26.33 24.31 11.48
N ALA A 720 -25.32 24.29 10.61
CA ALA A 720 -25.50 23.71 9.27
C ALA A 720 -25.81 22.23 9.36
N ALA A 721 -25.06 21.49 10.18
CA ALA A 721 -25.31 20.06 10.32
C ALA A 721 -26.71 19.82 10.85
N ALA A 722 -27.11 20.53 11.91
CA ALA A 722 -28.44 20.30 12.49
C ALA A 722 -29.54 20.63 11.49
N LEU A 723 -29.43 21.78 10.80
CA LEU A 723 -30.43 22.15 9.80
C LEU A 723 -30.51 21.13 8.68
N VAL A 724 -29.37 20.73 8.12
CA VAL A 724 -29.43 19.88 6.94
C VAL A 724 -29.92 18.49 7.30
N ALA A 725 -29.78 18.07 8.56
CA ALA A 725 -30.35 16.82 9.02
C ALA A 725 -31.85 16.93 9.27
N GLY A 726 -32.45 18.08 8.98
CA GLY A 726 -33.88 18.26 9.10
C GLY A 726 -34.37 18.77 10.43
N ASN A 727 -33.49 19.30 11.28
CA ASN A 727 -33.87 19.83 12.59
C ASN A 727 -33.94 21.35 12.56
N PRO A 728 -34.98 21.95 13.14
CA PRO A 728 -34.92 23.40 13.36
C PRO A 728 -33.95 23.71 14.46
N VAL A 729 -33.31 24.88 14.38
CA VAL A 729 -32.16 25.23 15.21
C VAL A 729 -32.47 26.47 16.04
N LEU A 730 -32.07 26.42 17.32
CA LEU A 730 -31.96 27.57 18.19
C LEU A 730 -30.47 27.84 18.35
N ALA A 731 -30.00 28.97 17.81
CA ALA A 731 -28.58 29.31 17.79
C ALA A 731 -28.27 30.27 18.93
N LYS A 732 -27.46 29.84 19.89
CA LYS A 732 -27.06 30.67 21.02
C LYS A 732 -25.57 30.98 20.89
N PRO A 733 -25.19 32.13 20.34
CA PRO A 733 -23.78 32.45 20.20
C PRO A 733 -23.16 32.88 21.52
N ALA A 734 -21.85 32.76 21.59
CA ALA A 734 -21.14 33.23 22.77
C ALA A 734 -21.43 34.71 23.01
N GLU A 735 -21.46 35.10 24.28
CA GLU A 735 -21.82 36.48 24.63
C GLU A 735 -20.82 37.47 24.04
N GLU A 736 -19.56 37.06 23.85
CA GLU A 736 -18.54 37.98 23.37
C GLU A 736 -18.62 38.27 21.89
N THR A 737 -19.19 37.38 21.09
CA THR A 737 -19.11 37.48 19.62
C THR A 737 -20.48 37.29 18.96
N PRO A 738 -21.48 38.10 19.30
CA PRO A 738 -22.80 37.93 18.69
C PRO A 738 -22.94 38.52 17.29
N LEU A 739 -22.09 39.47 16.90
CA LEU A 739 -22.31 40.19 15.65
C LEU A 739 -22.05 39.29 14.45
N ILE A 740 -20.92 38.59 14.47
CA ILE A 740 -20.62 37.69 13.36
C ILE A 740 -21.62 36.54 13.33
N ALA A 741 -22.14 36.13 14.48
CA ALA A 741 -23.19 35.13 14.49
C ALA A 741 -24.44 35.67 13.79
N ALA A 742 -24.85 36.90 14.14
CA ALA A 742 -26.03 37.47 13.52
C ALA A 742 -25.86 37.58 12.01
N GLU A 743 -24.64 37.90 11.57
CA GLU A 743 -24.38 37.99 10.13
C GLU A 743 -24.41 36.61 9.48
N GLY A 744 -23.92 35.58 10.18
CA GLY A 744 -24.02 34.23 9.65
C GLY A 744 -25.47 33.77 9.52
N VAL A 745 -26.32 34.13 10.49
CA VAL A 745 -27.73 33.79 10.39
C VAL A 745 -28.39 34.55 9.25
N ARG A 746 -28.01 35.82 9.05
CA ARG A 746 -28.57 36.59 7.95
C ARG A 746 -28.22 35.95 6.61
N ILE A 747 -26.99 35.48 6.47
CA ILE A 747 -26.57 34.80 5.24
C ILE A 747 -27.35 33.51 5.05
N LEU A 748 -27.49 32.71 6.12
CA LEU A 748 -28.27 31.47 6.02
C LEU A 748 -29.74 31.75 5.69
N ARG A 749 -30.32 32.78 6.29
CA ARG A 749 -31.71 33.10 5.95
C ARG A 749 -31.80 33.65 4.52
N GLU A 750 -30.82 34.46 4.11
CA GLU A 750 -30.80 34.91 2.73
C GLU A 750 -30.71 33.75 1.75
N ALA A 751 -30.03 32.67 2.12
CA ALA A 751 -29.87 31.53 1.23
C ALA A 751 -31.13 30.70 1.10
N GLY A 752 -32.11 30.90 1.99
CA GLY A 752 -33.36 30.18 1.88
C GLY A 752 -33.82 29.51 3.15
N ILE A 753 -33.00 29.49 4.19
CA ILE A 753 -33.40 28.84 5.45
C ILE A 753 -34.51 29.68 6.06
N PRO A 754 -35.69 29.12 6.31
CA PRO A 754 -36.80 29.91 6.86
C PRO A 754 -36.52 30.38 8.27
N ALA A 755 -37.09 31.53 8.61
CA ALA A 755 -36.92 32.10 9.94
C ALA A 755 -37.40 31.15 11.02
N SER A 756 -38.42 30.34 10.72
CA SER A 756 -38.87 29.37 11.71
C SER A 756 -37.87 28.24 11.91
N ALA A 757 -37.01 27.97 10.93
CA ALA A 757 -36.04 26.89 11.05
C ALA A 757 -34.73 27.33 11.70
N LEU A 758 -34.43 28.64 11.70
CA LEU A 758 -33.17 29.12 12.27
C LEU A 758 -33.45 30.40 13.04
N GLN A 759 -33.42 30.30 14.37
CA GLN A 759 -33.64 31.43 15.25
C GLN A 759 -32.35 31.76 15.99
N LEU A 760 -32.09 33.06 16.17
CA LEU A 760 -30.88 33.54 16.81
C LEU A 760 -31.21 34.12 18.18
N LEU A 761 -30.53 33.65 19.21
CA LEU A 761 -30.79 34.07 20.59
C LEU A 761 -29.48 34.54 21.23
N PRO A 762 -29.09 35.80 21.03
CA PRO A 762 -27.91 36.33 21.72
C PRO A 762 -28.11 36.38 23.22
N GLY A 763 -27.02 36.29 23.95
CA GLY A 763 -27.06 36.43 25.39
C GLY A 763 -25.99 35.57 26.05
N ASP A 764 -26.07 35.50 27.38
CA ASP A 764 -25.10 34.77 28.18
C ASP A 764 -25.56 33.33 28.41
N GLY A 765 -24.91 32.64 29.34
CA GLY A 765 -25.20 31.24 29.59
C GLY A 765 -26.59 31.00 30.15
N ARG A 766 -27.19 32.01 30.79
CA ARG A 766 -28.57 31.88 31.24
C ARG A 766 -29.52 31.67 30.07
N VAL A 767 -29.25 32.33 28.95
CA VAL A 767 -29.99 32.03 27.73
C VAL A 767 -29.72 30.61 27.28
N GLY A 768 -28.45 30.22 27.25
CA GLY A 768 -28.10 28.84 26.95
C GLY A 768 -28.84 27.87 27.85
N ALA A 769 -28.87 28.15 29.15
CA ALA A 769 -29.49 27.22 30.09
C ALA A 769 -31.01 27.16 29.88
N ALA A 770 -31.63 28.31 29.59
CA ALA A 770 -33.06 28.31 29.34
C ALA A 770 -33.40 27.48 28.11
N LEU A 771 -32.57 27.57 27.07
CA LEU A 771 -32.79 26.80 25.85
C LEU A 771 -32.63 25.31 26.12
N VAL A 772 -31.58 24.95 26.84
CA VAL A 772 -31.31 23.54 27.15
C VAL A 772 -32.44 22.94 27.96
N ALA A 773 -32.96 23.70 28.92
CA ALA A 773 -34.00 23.20 29.81
C ALA A 773 -35.38 23.17 29.17
N ALA A 774 -35.56 23.78 28.00
CA ALA A 774 -36.89 23.88 27.39
C ALA A 774 -37.42 22.50 27.04
N ALA A 775 -38.73 22.30 27.25
CA ALA A 775 -39.30 20.97 27.20
C ALA A 775 -39.13 20.32 25.83
N GLU A 776 -39.27 21.10 24.75
CA GLU A 776 -39.24 20.52 23.41
C GLU A 776 -37.84 20.44 22.82
N THR A 777 -36.81 20.73 23.60
CA THR A 777 -35.44 20.58 23.13
C THR A 777 -35.12 19.12 22.93
N ALA A 778 -34.71 18.76 21.71
CA ALA A 778 -34.51 17.37 21.33
C ALA A 778 -33.05 16.98 21.21
N GLY A 779 -32.15 17.93 21.33
CA GLY A 779 -30.73 17.64 21.21
C GLY A 779 -29.96 18.92 21.40
N VAL A 780 -28.70 18.77 21.82
CA VAL A 780 -27.87 19.91 22.14
C VAL A 780 -26.50 19.70 21.47
N MET A 781 -26.05 20.72 20.77
CA MET A 781 -24.69 20.73 20.23
C MET A 781 -23.94 21.83 20.97
N PHE A 782 -22.87 21.43 21.68
CA PHE A 782 -22.13 22.36 22.51
C PHE A 782 -20.65 22.30 22.16
N THR A 783 -20.04 23.47 22.01
CA THR A 783 -18.59 23.59 21.92
C THR A 783 -18.14 24.65 22.90
N GLY A 784 -17.27 24.28 23.82
CA GLY A 784 -16.89 25.17 24.91
C GLY A 784 -16.08 24.44 25.95
N SER A 785 -16.04 25.01 27.16
CA SER A 785 -15.28 24.41 28.23
C SER A 785 -15.90 23.10 28.71
N THR A 786 -15.05 22.22 29.27
CA THR A 786 -15.53 20.97 29.85
C THR A 786 -16.48 21.21 31.01
N GLU A 787 -16.20 22.23 31.84
CA GLU A 787 -17.06 22.52 32.99
C GLU A 787 -18.48 22.84 32.56
N VAL A 788 -18.63 23.66 31.53
CA VAL A 788 -19.97 24.06 31.11
C VAL A 788 -20.68 22.89 30.45
N ALA A 789 -19.96 22.13 29.63
CA ALA A 789 -20.51 20.90 29.07
C ALA A 789 -21.02 19.99 30.17
N ARG A 790 -20.29 19.92 31.29
CA ARG A 790 -20.72 19.08 32.40
C ARG A 790 -22.01 19.61 33.03
N LEU A 791 -22.17 20.93 33.07
CA LEU A 791 -23.43 21.50 33.56
C LEU A 791 -24.59 21.18 32.62
N ILE A 792 -24.34 21.19 31.32
CA ILE A 792 -25.39 20.88 30.36
C ILE A 792 -25.78 19.41 30.45
N GLN A 793 -24.77 18.52 30.50
CA GLN A 793 -25.05 17.10 30.70
C GLN A 793 -25.90 16.85 31.93
N ALA A 794 -25.60 17.56 33.03
CA ALA A 794 -26.37 17.36 34.25
C ALA A 794 -27.82 17.76 34.05
N GLN A 795 -28.05 18.88 33.35
CA GLN A 795 -29.43 19.30 33.07
C GLN A 795 -30.15 18.30 32.18
N LEU A 796 -29.44 17.71 31.20
CA LEU A 796 -30.09 16.77 30.30
C LEU A 796 -30.28 15.39 30.93
N ALA A 797 -29.58 15.09 32.02
CA ALA A 797 -29.66 13.75 32.61
C ALA A 797 -31.04 13.47 33.18
N ASP A 798 -31.77 14.50 33.61
CA ASP A 798 -33.12 14.37 34.11
C ASP A 798 -34.15 14.18 33.00
N ARG A 799 -33.74 14.25 31.75
CA ARG A 799 -34.65 14.40 30.62
C ARG A 799 -34.69 13.16 29.75
N LEU A 800 -35.85 12.88 29.19
CA LEU A 800 -36.03 11.86 28.18
C LEU A 800 -36.82 12.43 27.01
N SER A 801 -36.55 11.91 25.82
CA SER A 801 -37.30 12.29 24.64
C SER A 801 -38.71 11.71 24.76
N PRO A 802 -39.64 12.15 23.90
CA PRO A 802 -40.99 11.53 23.93
C PRO A 802 -40.96 10.02 23.80
N ALA A 803 -39.97 9.47 23.09
CA ALA A 803 -39.80 8.03 22.97
C ALA A 803 -39.11 7.39 24.17
N GLY A 804 -38.77 8.17 25.19
CA GLY A 804 -38.12 7.63 26.37
C GLY A 804 -36.64 7.30 26.21
N ARG A 805 -35.93 8.04 25.37
CA ARG A 805 -34.51 7.85 25.15
C ARG A 805 -33.74 9.11 25.58
N PRO A 806 -32.45 8.98 25.93
CA PRO A 806 -31.68 10.15 26.32
C PRO A 806 -31.65 11.20 25.21
N ILE A 807 -31.57 12.46 25.62
CA ILE A 807 -31.44 13.60 24.70
C ILE A 807 -29.99 13.65 24.21
N PRO A 808 -29.74 13.57 22.91
CA PRO A 808 -28.34 13.55 22.43
C PRO A 808 -27.63 14.86 22.73
N LEU A 809 -26.40 14.72 23.22
CA LEU A 809 -25.50 15.85 23.44
C LEU A 809 -24.21 15.57 22.68
N ILE A 810 -23.86 16.48 21.77
CA ILE A 810 -22.52 16.52 21.18
C ILE A 810 -21.78 17.64 21.88
N ALA A 811 -20.70 17.30 22.58
CA ALA A 811 -19.98 18.25 23.40
C ALA A 811 -18.51 18.15 23.04
N GLU A 812 -17.99 19.18 22.42
CA GLU A 812 -16.57 19.23 22.06
C GLU A 812 -15.90 20.25 22.95
N THR A 813 -14.94 19.77 23.76
CA THR A 813 -14.46 20.58 24.89
C THR A 813 -12.94 20.77 24.81
N GLY A 814 -12.30 21.06 25.92
CA GLY A 814 -10.92 21.51 25.89
C GLY A 814 -9.90 20.42 25.57
N GLY A 815 -8.64 20.83 25.57
CA GLY A 815 -7.54 19.89 25.44
C GLY A 815 -6.32 20.44 26.14
N GLN A 816 -5.48 19.54 26.62
CA GLN A 816 -4.17 19.86 27.18
C GLN A 816 -3.13 19.28 26.22
N ASN A 817 -3.04 19.91 25.06
CA ASN A 817 -2.42 19.26 23.91
C ASN A 817 -0.90 19.31 24.00
N ALA A 818 -0.27 18.16 23.72
CA ALA A 818 1.18 18.01 23.81
C ALA A 818 1.79 17.80 22.43
N MET A 819 3.09 18.08 22.36
CA MET A 819 3.93 17.75 21.23
C MET A 819 5.20 17.13 21.77
N ILE A 820 5.61 16.00 21.21
CA ILE A 820 6.84 15.34 21.61
C ILE A 820 7.86 15.51 20.49
N VAL A 821 9.06 15.94 20.85
CA VAL A 821 10.13 16.21 19.90
C VAL A 821 11.33 15.38 20.29
N ASP A 822 11.89 14.63 19.36
CA ASP A 822 13.07 13.85 19.71
C ASP A 822 14.28 14.43 19.00
N SER A 823 15.45 13.84 19.26
CA SER A 823 16.71 14.41 18.79
C SER A 823 16.94 14.21 17.29
N SER A 824 16.03 13.53 16.59
CA SER A 824 16.12 13.42 15.15
C SER A 824 15.37 14.52 14.42
N ALA A 825 14.52 15.27 15.13
CA ALA A 825 13.76 16.33 14.48
C ALA A 825 14.68 17.49 14.09
N LEU A 826 14.23 18.26 13.11
CA LEU A 826 14.96 19.44 12.66
C LEU A 826 14.51 20.66 13.47
N ALA A 827 15.44 21.25 14.22
CA ALA A 827 15.11 22.31 15.18
C ALA A 827 14.33 23.45 14.52
N GLU A 828 14.78 23.91 13.35
CA GLU A 828 14.11 25.01 12.65
C GLU A 828 12.65 24.69 12.35
N GLN A 829 12.37 23.47 11.88
CA GLN A 829 10.99 23.06 11.62
C GLN A 829 10.18 23.03 12.92
N VAL A 830 10.76 22.43 13.96
CA VAL A 830 10.09 22.34 15.25
C VAL A 830 9.70 23.73 15.75
N VAL A 831 10.65 24.66 15.75
CA VAL A 831 10.39 25.97 16.35
C VAL A 831 9.28 26.69 15.61
N GLY A 832 9.29 26.64 14.27
CA GLY A 832 8.21 27.25 13.50
C GLY A 832 6.86 26.62 13.83
N ASP A 833 6.82 25.29 13.96
CA ASP A 833 5.54 24.65 14.25
C ASP A 833 5.11 24.88 15.69
N VAL A 834 6.07 25.04 16.61
CA VAL A 834 5.72 25.31 18.00
C VAL A 834 5.20 26.73 18.15
N ILE A 835 5.91 27.71 17.57
CA ILE A 835 5.48 29.11 17.67
C ILE A 835 4.06 29.28 17.12
N THR A 836 3.79 28.67 15.97
CA THR A 836 2.45 28.73 15.39
C THR A 836 1.42 28.03 16.27
N SER A 837 1.72 26.80 16.71
CA SER A 837 0.72 26.01 17.43
C SER A 837 0.40 26.61 18.80
N ALA A 838 1.38 27.21 19.46
CA ALA A 838 1.12 27.70 20.80
C ALA A 838 0.56 29.13 20.83
N PHE A 839 0.97 29.99 19.89
CA PHE A 839 0.69 31.41 20.04
C PHE A 839 -0.20 32.00 18.96
N ASP A 840 -0.40 31.30 17.84
CA ASP A 840 -1.43 31.71 16.89
C ASP A 840 -2.75 31.94 17.60
N SER A 841 -3.43 33.03 17.27
CA SER A 841 -4.74 33.37 17.86
C SER A 841 -4.63 33.54 19.37
N ALA A 842 -3.43 33.91 19.83
CA ALA A 842 -3.14 34.11 21.24
C ALA A 842 -3.36 32.82 22.05
N GLY A 843 -3.11 31.67 21.42
CA GLY A 843 -3.33 30.41 22.09
C GLY A 843 -4.79 30.09 22.35
N GLN A 844 -5.71 30.83 21.75
CA GLN A 844 -7.13 30.62 21.99
C GLN A 844 -7.75 29.71 20.93
N ARG A 845 -7.08 28.59 20.68
CA ARG A 845 -7.62 27.52 19.86
C ARG A 845 -7.76 26.31 20.76
N CYS A 846 -8.82 25.51 20.55
CA CYS A 846 -8.93 24.29 21.33
C CYS A 846 -7.75 23.37 21.07
N SER A 847 -7.18 23.46 19.86
CA SER A 847 -6.09 22.62 19.42
C SER A 847 -4.71 23.14 19.81
N ALA A 848 -4.64 24.30 20.45
CA ALA A 848 -3.36 24.97 20.70
C ALA A 848 -2.38 24.10 21.46
N LEU A 849 -1.10 24.21 21.11
CA LEU A 849 -0.06 23.48 21.83
C LEU A 849 0.11 24.05 23.24
N ARG A 850 -0.09 23.19 24.25
CA ARG A 850 0.02 23.59 25.65
C ARG A 850 1.28 23.10 26.32
N VAL A 851 1.79 21.93 25.92
CA VAL A 851 2.92 21.28 26.59
C VAL A 851 3.87 20.76 25.54
N LEU A 852 5.08 21.32 25.48
CA LEU A 852 6.10 20.87 24.55
C LEU A 852 7.07 19.97 25.32
N CYS A 853 7.31 18.76 24.80
CA CYS A 853 8.14 17.75 25.46
C CYS A 853 9.40 17.55 24.62
N LEU A 854 10.56 17.93 25.16
CA LEU A 854 11.81 17.95 24.40
C LEU A 854 12.74 16.87 24.93
N GLN A 855 13.25 16.03 24.04
CA GLN A 855 14.25 15.06 24.46
C GLN A 855 15.46 15.80 25.04
N GLU A 856 15.98 15.27 26.16
CA GLU A 856 16.97 15.99 26.95
C GLU A 856 18.17 16.44 26.12
N ASP A 857 18.65 15.59 25.20
CA ASP A 857 19.86 15.89 24.44
C ASP A 857 19.73 17.11 23.54
N VAL A 858 18.52 17.49 23.12
CA VAL A 858 18.34 18.62 22.24
C VAL A 858 17.53 19.75 22.88
N ALA A 859 17.15 19.60 24.16
CA ALA A 859 16.24 20.56 24.78
C ALA A 859 16.85 21.96 24.87
N ASP A 860 18.12 22.06 25.28
CA ASP A 860 18.71 23.38 25.45
C ASP A 860 18.75 24.14 24.13
N ARG A 861 19.17 23.48 23.06
CA ARG A 861 19.29 24.15 21.78
C ARG A 861 17.93 24.58 21.25
N ILE A 862 16.93 23.71 21.38
CA ILE A 862 15.61 24.07 20.88
C ILE A 862 15.00 25.19 21.72
N LEU A 863 15.17 25.13 23.05
CA LEU A 863 14.63 26.18 23.92
C LEU A 863 15.26 27.53 23.59
N THR A 864 16.57 27.55 23.34
CA THR A 864 17.22 28.80 22.96
C THR A 864 16.63 29.37 21.68
N MET A 865 16.48 28.53 20.66
CA MET A 865 15.87 28.98 19.41
CA MET A 865 15.88 28.99 19.40
C MET A 865 14.43 29.40 19.63
N LEU A 866 13.71 28.65 20.44
CA LEU A 866 12.31 28.98 20.67
C LEU A 866 12.17 30.34 21.35
N LYS A 867 13.02 30.63 22.33
CA LYS A 867 12.94 31.94 22.98
C LYS A 867 13.30 33.04 22.00
N GLY A 868 14.31 32.81 21.16
CA GLY A 868 14.65 33.78 20.15
C GLY A 868 13.51 34.06 19.18
N ALA A 869 12.82 33.00 18.75
CA ALA A 869 11.71 33.19 17.83
C ALA A 869 10.54 33.89 18.52
N LEU A 870 10.33 33.61 19.81
CA LEU A 870 9.29 34.28 20.58
C LEU A 870 9.44 35.80 20.48
N HIS A 871 10.67 36.28 20.59
CA HIS A 871 10.91 37.72 20.63
C HIS A 871 10.80 38.39 19.27
N GLU A 872 10.55 37.63 18.20
CA GLU A 872 10.28 38.23 16.89
C GLU A 872 8.80 38.42 16.60
N LEU A 873 7.91 38.13 17.57
CA LEU A 873 6.48 38.26 17.34
C LEU A 873 6.01 39.68 17.64
N HIS A 874 5.08 40.17 16.83
CA HIS A 874 4.47 41.49 16.97
C HIS A 874 3.08 41.28 17.58
N ILE A 875 2.84 41.91 18.73
CA ILE A 875 1.55 41.83 19.42
C ILE A 875 0.87 43.20 19.35
N GLY A 876 -0.42 43.21 19.04
CA GLY A 876 -1.13 44.48 18.99
C GLY A 876 -2.50 44.29 18.39
N ARG A 877 -3.19 45.42 18.22
CA ARG A 877 -4.48 45.43 17.57
C ARG A 877 -4.35 44.85 16.16
N THR A 878 -5.27 43.95 15.81
CA THR A 878 -5.07 43.07 14.66
C THR A 878 -5.52 43.68 13.34
N ASP A 879 -5.81 44.97 13.28
CA ASP A 879 -6.09 45.60 12.01
C ASP A 879 -4.82 46.10 11.31
N ARG A 880 -3.69 45.43 11.57
CA ARG A 880 -2.43 45.62 10.83
C ARG A 880 -1.92 44.26 10.40
N LEU A 881 -1.56 44.14 9.12
CA LEU A 881 -1.04 42.87 8.61
C LEU A 881 0.20 42.43 9.37
N SER A 882 0.97 43.37 9.91
CA SER A 882 2.21 43.03 10.61
C SER A 882 1.98 42.41 11.98
N VAL A 883 0.76 42.38 12.50
CA VAL A 883 0.53 41.85 13.83
C VAL A 883 0.47 40.32 13.77
N ASP A 884 1.22 39.67 14.64
CA ASP A 884 1.22 38.20 14.69
C ASP A 884 0.24 37.63 15.70
N VAL A 885 0.13 38.30 16.85
CA VAL A 885 -0.67 37.83 17.97
C VAL A 885 -1.53 38.99 18.44
N GLY A 886 -2.84 38.77 18.49
CA GLY A 886 -3.76 39.78 18.96
C GLY A 886 -4.09 39.66 20.44
N PRO A 887 -5.19 40.27 20.85
CA PRO A 887 -5.57 40.26 22.27
C PRO A 887 -6.28 38.96 22.64
N VAL A 888 -6.35 38.72 23.94
CA VAL A 888 -7.30 37.72 24.44
C VAL A 888 -8.67 38.37 24.56
N ILE A 889 -9.70 37.54 24.67
CA ILE A 889 -11.04 37.99 24.33
C ILE A 889 -11.58 39.00 25.36
N THR A 890 -11.27 38.81 26.64
CA THR A 890 -11.84 39.66 27.68
C THR A 890 -10.80 39.96 28.76
N SER A 891 -11.13 40.94 29.60
CA SER A 891 -10.28 41.19 30.76
C SER A 891 -10.34 40.03 31.76
N GLU A 892 -11.48 39.33 31.83
CA GLU A 892 -11.56 38.16 32.70
C GLU A 892 -10.64 37.05 32.21
N ALA A 893 -10.62 36.81 30.90
CA ALA A 893 -9.68 35.85 30.35
C ALA A 893 -8.25 36.26 30.66
N LYS A 894 -7.93 37.54 30.45
CA LYS A 894 -6.60 38.04 30.75
C LYS A 894 -6.23 37.79 32.21
N ASP A 895 -7.12 38.15 33.15
CA ASP A 895 -6.83 37.98 34.57
C ASP A 895 -6.59 36.52 34.90
N ASN A 896 -7.41 35.63 34.32
CA ASN A 896 -7.27 34.21 34.61
C ASN A 896 -5.94 33.66 34.09
N ILE A 897 -5.53 34.09 32.88
CA ILE A 897 -4.27 33.64 32.32
C ILE A 897 -3.10 34.18 33.14
N GLU A 898 -3.14 35.47 33.47
CA GLU A 898 -2.04 36.06 34.20
C GLU A 898 -1.93 35.52 35.62
N LYS A 899 -3.04 35.08 36.21
CA LYS A 899 -2.97 34.44 37.52
C LYS A 899 -2.17 33.14 37.43
N HIS A 900 -2.36 32.38 36.35
CA HIS A 900 -1.63 31.13 36.18
C HIS A 900 -0.14 31.39 36.04
N ILE A 901 0.21 32.38 35.22
CA ILE A 901 1.61 32.71 34.99
C ILE A 901 2.30 33.09 36.29
N GLU A 902 1.63 33.91 37.09
CA GLU A 902 2.25 34.37 38.33
C GLU A 902 2.37 33.25 39.34
N ARG A 903 1.41 32.31 39.37
CA ARG A 903 1.57 31.14 40.21
C ARG A 903 2.83 30.36 39.83
N MET A 904 2.99 30.07 38.53
CA MET A 904 4.21 29.39 38.05
C MET A 904 5.46 30.16 38.43
N ARG A 905 5.46 31.48 38.20
CA ARG A 905 6.62 32.29 38.56
C ARG A 905 6.87 32.24 40.08
N GLY A 906 5.81 32.17 40.87
CA GLY A 906 5.99 32.11 42.32
C GLY A 906 6.52 30.76 42.79
N LEU A 907 6.29 29.71 42.00
CA LEU A 907 6.87 28.40 42.30
C LEU A 907 8.31 28.29 41.82
N GLY A 908 8.88 29.34 41.25
CA GLY A 908 10.26 29.35 40.80
C GLY A 908 10.49 28.85 39.39
N ARG A 909 9.44 28.54 38.63
CA ARG A 909 9.63 28.08 37.26
C ARG A 909 10.15 29.21 36.39
N LYS A 910 11.02 28.88 35.43
CA LYS A 910 11.53 29.90 34.51
C LYS A 910 10.41 30.35 33.57
N VAL A 911 10.23 31.67 33.48
CA VAL A 911 9.19 32.27 32.66
C VAL A 911 9.83 33.25 31.70
N GLU A 912 9.61 33.06 30.41
CA GLU A 912 10.05 33.97 29.36
C GLU A 912 8.83 34.66 28.78
N GLN A 913 8.88 35.99 28.70
CA GLN A 913 7.78 36.75 28.12
C GLN A 913 8.35 37.88 27.28
N ILE A 914 7.65 38.22 26.24
CA ILE A 914 8.06 39.37 25.46
C ILE A 914 7.34 40.59 25.97
N GLY A 915 7.96 41.76 25.80
CA GLY A 915 7.38 42.98 26.31
C GLY A 915 6.28 43.49 25.38
N LEU A 916 5.23 44.02 25.99
CA LEU A 916 4.10 44.56 25.26
C LEU A 916 4.28 46.06 25.06
N ALA A 917 3.88 46.54 23.88
CA ALA A 917 3.90 47.96 23.61
C ALA A 917 2.86 48.67 24.48
N SER A 918 3.09 49.97 24.72
CA SER A 918 2.15 50.74 25.53
C SER A 918 0.78 50.81 24.87
N GLU A 919 0.74 50.69 23.53
CA GLU A 919 -0.53 50.76 22.81
C GLU A 919 -1.49 49.66 23.22
N THR A 920 -0.97 48.55 23.73
CA THR A 920 -1.85 47.44 24.10
C THR A 920 -2.69 47.75 25.34
N GLY A 921 -2.41 48.84 26.05
CA GLY A 921 -3.12 49.12 27.28
C GLY A 921 -4.60 49.36 27.08
N VAL A 922 -5.00 49.80 25.88
CA VAL A 922 -6.41 50.08 25.63
C VAL A 922 -7.22 48.82 25.31
N GLY A 923 -6.56 47.67 25.18
CA GLY A 923 -7.24 46.40 25.00
C GLY A 923 -6.88 45.42 26.10
N THR A 924 -7.10 44.13 25.87
CA THR A 924 -6.79 43.10 26.87
C THR A 924 -5.81 42.11 26.25
N PHE A 925 -4.51 42.32 26.51
CA PHE A 925 -3.46 41.51 25.91
C PHE A 925 -2.69 40.71 26.97
N VAL A 926 -2.30 39.50 26.58
CA VAL A 926 -1.36 38.68 27.34
C VAL A 926 -0.16 38.41 26.44
N PRO A 927 1.05 38.72 26.87
CA PRO A 927 2.21 38.46 26.03
C PRO A 927 2.45 36.97 25.89
N PRO A 928 2.81 36.51 24.70
CA PRO A 928 3.23 35.11 24.55
C PRO A 928 4.29 34.77 25.59
N THR A 929 4.13 33.58 26.17
CA THR A 929 4.84 33.21 27.39
C THR A 929 5.32 31.77 27.27
N ILE A 930 6.57 31.50 27.68
CA ILE A 930 7.11 30.15 27.78
C ILE A 930 7.45 29.89 29.23
N ILE A 931 6.98 28.75 29.75
CA ILE A 931 7.14 28.37 31.15
C ILE A 931 7.79 26.99 31.17
N GLU A 932 8.92 26.88 31.86
CA GLU A 932 9.63 25.61 31.93
C GLU A 932 9.19 24.84 33.18
N LEU A 933 8.60 23.67 32.98
CA LEU A 933 8.09 22.84 34.07
C LEU A 933 9.06 21.72 34.40
N GLU A 934 8.96 21.25 35.65
CA GLU A 934 9.75 20.11 36.11
C GLU A 934 9.09 18.79 35.73
N LYS A 935 7.80 18.69 35.99
CA LYS A 935 7.00 17.50 35.71
C LYS A 935 5.72 17.90 35.01
N LEU A 936 5.16 16.96 34.24
CA LEU A 936 3.89 17.23 33.58
C LEU A 936 2.79 17.52 34.58
N SER A 937 2.90 16.98 35.79
CA SER A 937 1.86 17.19 36.80
C SER A 937 1.85 18.60 37.38
N ASP A 938 2.81 19.46 37.01
CA ASP A 938 2.74 20.86 37.42
C ASP A 938 1.51 21.56 36.87
N LEU A 939 0.89 21.03 35.82
CA LEU A 939 -0.27 21.65 35.19
C LEU A 939 -1.56 21.06 35.74
N GLN A 940 -2.47 21.94 36.17
CA GLN A 940 -3.79 21.51 36.61
C GLN A 940 -4.76 21.45 35.43
N ARG A 941 -5.40 22.58 35.11
CA ARG A 941 -6.40 22.63 34.07
C ARG A 941 -5.88 23.38 32.86
N GLU A 942 -6.64 23.29 31.77
CA GLU A 942 -6.31 24.02 30.55
C GLU A 942 -6.24 25.52 30.83
N VAL A 943 -5.21 26.15 30.27
CA VAL A 943 -5.00 27.60 30.37
C VAL A 943 -5.18 28.17 28.97
N PHE A 944 -6.31 28.82 28.73
CA PHE A 944 -6.74 29.12 27.36
C PHE A 944 -6.15 30.46 26.91
N GLY A 945 -4.85 30.42 26.60
CA GLY A 945 -4.12 31.64 26.32
C GLY A 945 -2.76 31.35 25.74
N PRO A 946 -1.96 32.40 25.48
CA PRO A 946 -0.69 32.20 24.77
C PRO A 946 0.43 31.77 25.72
N VAL A 947 0.27 30.59 26.32
CA VAL A 947 1.16 30.13 27.38
C VAL A 947 1.63 28.72 27.04
N LEU A 948 2.89 28.58 26.69
CA LEU A 948 3.49 27.30 26.33
C LEU A 948 4.30 26.78 27.51
N HIS A 949 4.03 25.54 27.91
CA HIS A 949 4.79 24.87 28.95
C HIS A 949 5.76 23.89 28.31
N VAL A 950 6.96 23.82 28.88
CA VAL A 950 8.05 23.02 28.29
C VAL A 950 8.55 22.05 29.35
N ILE A 951 8.61 20.78 28.99
CA ILE A 951 9.22 19.77 29.85
C ILE A 951 10.27 19.01 29.04
N ARG A 952 11.21 18.40 29.77
CA ARG A 952 12.30 17.64 29.16
C ARG A 952 12.16 16.18 29.55
N TYR A 953 12.63 15.27 28.68
CA TYR A 953 12.51 13.85 28.99
C TYR A 953 13.74 13.10 28.46
N ARG A 954 14.13 12.06 29.18
CA ARG A 954 15.17 11.14 28.73
C ARG A 954 14.57 10.14 27.74
N ARG A 955 15.33 9.81 26.69
CA ARG A 955 14.79 8.97 25.62
C ARG A 955 14.22 7.65 26.15
N ASP A 956 14.92 6.99 27.09
CA ASP A 956 14.37 5.75 27.63
C ASP A 956 13.07 5.95 28.40
N ASP A 957 12.70 7.19 28.74
CA ASP A 957 11.44 7.44 29.45
C ASP A 957 10.30 7.85 28.51
N LEU A 958 10.47 7.68 27.20
CA LEU A 958 9.43 8.11 26.26
C LEU A 958 8.10 7.40 26.54
N ASP A 959 8.14 6.10 26.78
CA ASP A 959 6.88 5.39 27.01
C ASP A 959 6.18 5.92 28.25
N ARG A 960 6.96 6.19 29.32
CA ARG A 960 6.38 6.76 30.53
C ARG A 960 5.78 8.13 30.25
N LEU A 961 6.44 8.91 29.40
CA LEU A 961 5.94 10.24 29.07
C LEU A 961 4.61 10.16 28.34
N VAL A 962 4.48 9.26 27.37
CA VAL A 962 3.20 9.08 26.70
C VAL A 962 2.11 8.71 27.70
N ASP A 963 2.43 7.81 28.66
CA ASP A 963 1.51 7.51 29.75
C ASP A 963 1.08 8.78 30.49
N ASP A 964 2.04 9.65 30.81
CA ASP A 964 1.73 10.86 31.56
C ASP A 964 0.87 11.83 30.75
N VAL A 965 1.14 11.94 29.45
CA VAL A 965 0.27 12.73 28.59
C VAL A 965 -1.15 12.16 28.60
N ASN A 966 -1.28 10.83 28.43
CA ASN A 966 -2.62 10.24 28.47
C ASN A 966 -3.29 10.45 29.82
N ALA A 967 -2.51 10.51 30.90
CA ALA A 967 -3.08 10.51 32.24
C ALA A 967 -3.75 11.82 32.61
N THR A 968 -3.55 12.89 31.85
CA THR A 968 -4.32 14.12 32.07
C THR A 968 -5.81 13.88 31.88
N GLY A 969 -6.19 12.86 31.12
CA GLY A 969 -7.57 12.60 30.78
C GLY A 969 -8.07 13.31 29.53
N TYR A 970 -7.30 14.27 29.00
CA TYR A 970 -7.63 14.93 27.75
C TYR A 970 -7.19 14.06 26.58
N GLY A 971 -7.62 14.45 25.38
CA GLY A 971 -7.29 13.67 24.19
C GLY A 971 -7.68 14.35 22.89
N LEU A 972 -7.26 15.60 22.72
CA LEU A 972 -7.71 16.34 21.55
C LEU A 972 -6.65 16.29 20.46
N THR A 973 -5.68 17.21 20.48
CA THR A 973 -4.63 17.18 19.47
C THR A 973 -3.31 16.75 20.09
N PHE A 974 -2.46 16.18 19.25
CA PHE A 974 -1.15 15.69 19.68
C PHE A 974 -0.20 15.79 18.50
N GLY A 975 1.01 16.26 18.77
CA GLY A 975 2.04 16.38 17.75
C GLY A 975 3.26 15.54 18.05
N LEU A 976 3.89 15.05 16.98
CA LEU A 976 5.14 14.31 17.10
C LEU A 976 6.07 14.78 16.01
N HIS A 977 7.28 15.24 16.41
CA HIS A 977 8.34 15.56 15.48
C HIS A 977 9.46 14.54 15.63
N THR A 978 9.62 13.70 14.62
CA THR A 978 10.67 12.71 14.58
C THR A 978 10.84 12.28 13.13
N ARG A 979 12.04 11.80 12.81
CA ARG A 979 12.25 11.17 11.52
C ARG A 979 12.28 9.64 11.59
N LEU A 980 12.11 9.07 12.78
CA LEU A 980 12.41 7.65 13.02
C LEU A 980 11.11 6.84 13.04
N ASP A 981 11.01 5.84 12.16
CA ASP A 981 9.78 5.06 12.05
C ASP A 981 9.45 4.32 13.34
N GLU A 982 10.47 3.81 14.04
CA GLU A 982 10.18 3.07 15.26
C GLU A 982 9.52 3.99 16.28
N THR A 983 9.98 5.24 16.35
CA THR A 983 9.40 6.18 17.29
C THR A 983 7.99 6.57 16.88
N ILE A 984 7.75 6.74 15.57
CA ILE A 984 6.40 7.04 15.10
C ILE A 984 5.46 5.91 15.48
N ALA A 985 5.87 4.67 15.21
CA ALA A 985 4.99 3.53 15.48
C ALA A 985 4.69 3.41 16.97
N HIS A 986 5.72 3.56 17.80
CA HIS A 986 5.55 3.46 19.25
C HIS A 986 4.61 4.54 19.75
N VAL A 987 4.92 5.81 19.45
CA VAL A 987 4.15 6.90 20.01
C VAL A 987 2.72 6.88 19.50
N THR A 988 2.53 6.71 18.19
CA THR A 988 1.17 6.82 17.66
C THR A 988 0.33 5.62 18.10
N SER A 989 0.95 4.49 18.42
CA SER A 989 0.16 3.37 18.90
C SER A 989 -0.23 3.51 20.37
N ARG A 990 0.51 4.29 21.16
CA ARG A 990 0.25 4.42 22.58
C ARG A 990 -0.50 5.67 22.98
N ILE A 991 -0.38 6.76 22.20
CA ILE A 991 -1.08 8.00 22.52
C ILE A 991 -2.58 7.82 22.31
N LYS A 992 -3.37 8.49 23.15
CA LYS A 992 -4.84 8.43 23.07
C LYS A 992 -5.35 9.84 22.79
N ALA A 993 -5.44 10.20 21.50
CA ALA A 993 -5.91 11.53 21.11
C ALA A 993 -6.63 11.42 19.78
N GLY A 994 -7.54 12.37 19.54
CA GLY A 994 -8.38 12.31 18.36
C GLY A 994 -7.73 12.82 17.09
N ASN A 995 -6.80 13.77 17.19
CA ASN A 995 -6.16 14.40 16.03
C ASN A 995 -4.65 14.35 16.21
N LEU A 996 -3.97 13.53 15.41
CA LEU A 996 -2.52 13.38 15.51
C LEU A 996 -1.88 14.10 14.33
N TYR A 997 -0.69 14.65 14.57
CA TYR A 997 0.01 15.43 13.56
C TYR A 997 1.47 15.04 13.61
N ILE A 998 2.05 14.66 12.47
CA ILE A 998 3.43 14.20 12.41
C ILE A 998 4.24 15.20 11.58
N ASN A 999 5.27 15.78 12.20
CA ASN A 999 6.21 16.69 11.54
C ASN A 999 5.53 17.91 10.93
N ARG A 1000 4.51 18.43 11.64
CA ARG A 1000 3.84 19.67 11.24
C ARG A 1000 3.23 20.30 12.50
N ASN A 1001 2.59 21.45 12.34
CA ASN A 1001 1.90 22.05 13.48
C ASN A 1001 0.65 21.23 13.81
N ILE A 1002 0.02 21.56 14.93
CA ILE A 1002 -1.13 20.77 15.39
C ILE A 1002 -2.44 21.56 15.34
N ILE A 1003 -2.51 22.64 14.56
CA ILE A 1003 -3.67 23.50 14.53
C ILE A 1003 -4.27 23.56 13.13
N GLY A 1004 -5.48 24.10 13.05
CA GLY A 1004 -6.07 24.37 11.75
C GLY A 1004 -6.55 23.13 11.03
N ALA A 1005 -7.15 22.18 11.76
CA ALA A 1005 -7.75 21.02 11.12
C ALA A 1005 -8.69 21.43 10.00
N VAL A 1006 -8.64 20.68 8.90
CA VAL A 1006 -9.37 21.01 7.67
C VAL A 1006 -10.58 20.09 7.56
N VAL A 1007 -11.75 20.68 7.34
CA VAL A 1007 -13.00 19.92 7.22
C VAL A 1007 -12.89 18.83 6.17
N GLY A 1008 -13.28 17.60 6.53
CA GLY A 1008 -13.23 16.50 5.59
C GLY A 1008 -11.85 15.96 5.29
N VAL A 1009 -10.81 16.53 5.89
CA VAL A 1009 -9.42 16.14 5.65
C VAL A 1009 -8.76 15.70 6.95
N GLN A 1010 -8.84 16.54 7.99
CA GLN A 1010 -8.63 16.15 9.38
C GLN A 1010 -9.94 16.37 10.12
N PRO A 1011 -10.90 15.44 10.01
CA PRO A 1011 -12.09 15.52 10.87
C PRO A 1011 -11.67 15.71 12.31
N PHE A 1012 -12.32 16.63 13.00
CA PHE A 1012 -11.77 17.19 14.23
C PHE A 1012 -12.61 16.83 15.44
N GLY A 1013 -11.95 16.38 16.50
CA GLY A 1013 -12.65 16.05 17.71
C GLY A 1013 -11.91 14.99 18.49
N GLY A 1014 -11.92 15.09 19.81
CA GLY A 1014 -11.16 14.24 20.65
C GLY A 1014 -12.00 13.32 21.52
N ARG A 1015 -11.36 12.75 22.53
CA ARG A 1015 -11.92 11.74 23.41
C ARG A 1015 -11.67 12.17 24.85
N GLY A 1016 -12.18 11.38 25.79
CA GLY A 1016 -11.92 11.69 27.19
C GLY A 1016 -12.54 13.01 27.58
N LEU A 1017 -11.77 13.82 28.29
CA LEU A 1017 -12.24 15.14 28.69
C LEU A 1017 -12.38 16.09 27.51
N SER A 1018 -11.98 15.68 26.31
CA SER A 1018 -11.96 16.57 25.15
C SER A 1018 -13.22 16.47 24.30
N GLY A 1019 -14.08 15.50 24.54
CA GLY A 1019 -15.26 15.44 23.72
C GLY A 1019 -15.95 14.11 23.77
N THR A 1020 -17.21 14.13 23.35
CA THR A 1020 -18.02 12.92 23.18
C THR A 1020 -17.91 12.33 21.79
N GLY A 1021 -17.56 13.15 20.80
CA GLY A 1021 -17.74 12.76 19.43
C GLY A 1021 -19.22 12.80 19.08
N PRO A 1022 -19.55 12.53 17.80
CA PRO A 1022 -18.60 12.25 16.72
C PRO A 1022 -17.86 13.50 16.27
N LYS A 1023 -16.85 13.32 15.43
CA LYS A 1023 -16.02 14.44 15.00
C LYS A 1023 -16.79 15.38 14.08
N ALA A 1024 -16.63 16.67 14.34
CA ALA A 1024 -17.06 17.71 13.40
C ALA A 1024 -16.24 17.61 12.12
N GLY A 1025 -16.92 17.87 10.99
CA GLY A 1025 -16.26 17.76 9.71
C GLY A 1025 -15.86 16.36 9.36
N GLY A 1026 -16.57 15.37 9.90
CA GLY A 1026 -16.32 13.99 9.60
C GLY A 1026 -17.61 13.27 9.26
N PRO A 1027 -17.49 12.00 8.85
CA PRO A 1027 -18.63 11.32 8.23
C PRO A 1027 -19.66 10.74 9.21
N LEU A 1028 -19.38 10.70 10.51
CA LEU A 1028 -20.33 10.22 11.50
C LEU A 1028 -21.19 11.33 12.09
N TYR A 1029 -20.90 12.59 11.77
CA TYR A 1029 -21.52 13.72 12.46
C TYR A 1029 -23.02 13.79 12.23
N LEU A 1030 -23.46 13.75 10.97
CA LEU A 1030 -24.88 13.94 10.69
C LEU A 1030 -25.73 12.83 11.31
N GLY A 1031 -25.18 11.61 11.42
CA GLY A 1031 -25.97 10.51 11.94
C GLY A 1031 -26.36 10.65 13.40
N ARG A 1032 -25.71 11.54 14.12
CA ARG A 1032 -26.07 11.82 15.51
C ARG A 1032 -27.27 12.75 15.62
N LEU A 1033 -27.67 13.41 14.52
CA LEU A 1033 -28.71 14.43 14.54
C LEU A 1033 -30.02 13.93 13.92
N VAL A 1034 -30.13 12.61 13.74
CA VAL A 1034 -31.33 11.96 13.25
C VAL A 1034 -31.64 10.80 14.19
N THR A 1035 -32.88 10.32 14.16
CA THR A 1035 -33.27 9.27 15.10
C THR A 1035 -32.72 7.91 14.70
N THR A 1036 -32.59 7.66 13.40
CA THR A 1036 -31.96 6.45 12.87
C THR A 1036 -30.81 6.86 11.98
N ALA A 1037 -29.61 6.45 12.35
CA ALA A 1037 -28.41 6.91 11.66
C ALA A 1037 -28.26 6.22 10.31
N PRO A 1038 -27.84 6.94 9.27
CA PRO A 1038 -27.57 6.32 7.97
C PRO A 1038 -26.19 5.67 7.97
N VAL A 1039 -25.92 4.94 6.89
CA VAL A 1039 -24.59 4.37 6.67
C VAL A 1039 -23.70 5.43 6.02
N PRO A 1040 -22.69 5.93 6.72
CA PRO A 1040 -21.84 6.98 6.13
C PRO A 1040 -21.09 6.47 4.91
N PRO A 1041 -20.68 7.36 4.01
CA PRO A 1041 -19.80 6.95 2.91
C PRO A 1041 -18.55 6.25 3.44
N GLN A 1042 -18.12 5.21 2.71
CA GLN A 1042 -16.90 4.46 2.97
C GLN A 1042 -16.87 3.81 4.36
N HIS A 1043 -18.01 3.71 5.05
CA HIS A 1043 -18.05 3.26 6.45
C HIS A 1043 -18.30 1.75 6.49
N SER A 1044 -17.22 0.98 6.60
CA SER A 1044 -17.31 -0.48 6.71
C SER A 1044 -15.92 -0.99 7.07
N SER A 1045 -15.87 -2.26 7.46
CA SER A 1045 -14.60 -2.89 7.77
C SER A 1045 -14.72 -4.39 7.51
N VAL A 1046 -13.69 -4.97 6.89
CA VAL A 1046 -13.69 -6.42 6.68
C VAL A 1046 -13.16 -7.17 7.88
N HIS A 1047 -12.75 -6.47 8.94
CA HIS A 1047 -12.13 -7.12 10.09
C HIS A 1047 -13.18 -7.41 11.15
N THR A 1048 -13.04 -8.55 11.82
CA THR A 1048 -13.97 -8.97 12.87
C THR A 1048 -13.20 -9.10 14.17
N ASP A 1049 -13.72 -8.50 15.22
CA ASP A 1049 -13.01 -8.57 16.50
C ASP A 1049 -12.93 -10.02 16.96
N PRO A 1050 -11.75 -10.51 17.36
CA PRO A 1050 -11.64 -11.93 17.73
C PRO A 1050 -12.27 -12.26 19.07
N VAL A 1051 -12.32 -11.31 20.00
CA VAL A 1051 -12.99 -11.60 21.27
C VAL A 1051 -14.50 -11.71 21.05
N LEU A 1052 -15.04 -10.87 20.16
CA LEU A 1052 -16.44 -11.01 19.76
C LEU A 1052 -16.71 -12.42 19.24
N LEU A 1053 -15.86 -12.91 18.33
CA LEU A 1053 -16.04 -14.26 17.81
C LEU A 1053 -15.96 -15.31 18.92
N ASP A 1054 -15.03 -15.13 19.86
CA ASP A 1054 -14.94 -16.07 20.97
C ASP A 1054 -16.22 -16.04 21.82
N PHE A 1055 -16.77 -14.84 21.99
CA PHE A 1055 -18.00 -14.70 22.76
C PHE A 1055 -19.19 -15.35 22.03
N ALA A 1056 -19.29 -15.17 20.72
CA ALA A 1056 -20.39 -15.79 19.98
C ALA A 1056 -20.30 -17.32 20.03
N LYS A 1057 -19.08 -17.88 20.01
CA LYS A 1057 -18.95 -19.33 20.17
C LYS A 1057 -19.39 -19.76 21.57
N TRP A 1058 -18.96 -19.03 22.60
CA TRP A 1058 -19.39 -19.32 23.96
C TRP A 1058 -20.90 -19.29 24.07
N LEU A 1059 -21.55 -18.31 23.43
CA LEU A 1059 -23.02 -18.23 23.44
C LEU A 1059 -23.63 -19.49 22.83
N ASP A 1060 -23.10 -19.92 21.68
CA ASP A 1060 -23.59 -21.14 21.06
C ASP A 1060 -23.41 -22.34 21.97
N GLY A 1061 -22.31 -22.37 22.74
CA GLY A 1061 -22.09 -23.47 23.67
C GLY A 1061 -23.05 -23.48 24.83
N LYS A 1062 -23.51 -22.30 25.27
CA LYS A 1062 -24.51 -22.19 26.32
C LYS A 1062 -25.94 -22.37 25.80
N GLY A 1063 -26.13 -22.52 24.49
CA GLY A 1063 -27.45 -22.67 23.91
C GLY A 1063 -28.13 -21.38 23.50
N ALA A 1064 -27.49 -20.23 23.71
CA ALA A 1064 -28.09 -18.93 23.39
C ALA A 1064 -27.89 -18.66 21.90
N ARG A 1065 -28.64 -19.42 21.11
CA ARG A 1065 -28.42 -19.43 19.66
C ARG A 1065 -28.80 -18.10 19.03
N ALA A 1066 -29.94 -17.52 19.42
CA ALA A 1066 -30.33 -16.23 18.87
C ALA A 1066 -29.29 -15.16 19.19
N GLU A 1067 -28.83 -15.12 20.44
CA GLU A 1067 -27.86 -14.12 20.83
C GLU A 1067 -26.53 -14.35 20.14
N ALA A 1068 -26.16 -15.62 19.94
CA ALA A 1068 -24.91 -15.94 19.23
C ALA A 1068 -24.95 -15.42 17.80
N GLU A 1069 -26.09 -15.61 17.12
CA GLU A 1069 -26.28 -15.03 15.80
C GLU A 1069 -26.24 -13.50 15.83
N ALA A 1070 -26.91 -12.89 16.82
CA ALA A 1070 -26.84 -11.43 16.94
C ALA A 1070 -25.40 -10.96 17.15
N ALA A 1071 -24.64 -11.72 17.93
CA ALA A 1071 -23.23 -11.36 18.15
C ALA A 1071 -22.45 -11.41 16.84
N ARG A 1072 -22.63 -12.47 16.06
CA ARG A 1072 -21.91 -12.56 14.79
CA ARG A 1072 -21.92 -12.57 14.79
C ARG A 1072 -22.31 -11.42 13.86
N ASN A 1073 -23.61 -11.08 13.84
CA ASN A 1073 -24.06 -9.95 13.02
C ASN A 1073 -23.41 -8.64 13.47
N ALA A 1074 -23.26 -8.43 14.79
CA ALA A 1074 -22.58 -7.23 15.28
C ALA A 1074 -21.12 -7.23 14.86
N GLY A 1075 -20.47 -8.40 14.89
CA GLY A 1075 -19.10 -8.50 14.44
C GLY A 1075 -18.94 -8.05 12.99
N SER A 1076 -19.91 -8.38 12.12
CA SER A 1076 -19.81 -7.99 10.72
C SER A 1076 -20.19 -6.54 10.51
N SER A 1077 -21.21 -6.05 11.22
CA SER A 1077 -21.68 -4.68 11.05
C SER A 1077 -20.69 -3.66 11.62
N SER A 1078 -19.89 -4.06 12.59
CA SER A 1078 -18.92 -3.14 13.17
C SER A 1078 -17.99 -2.61 12.09
N ALA A 1079 -17.65 -1.34 12.20
CA ALA A 1079 -16.66 -0.73 11.32
C ALA A 1079 -15.32 -0.55 12.03
N LEU A 1080 -15.15 -1.19 13.18
CA LEU A 1080 -13.84 -1.23 13.82
C LEU A 1080 -12.79 -1.74 12.84
N GLY A 1081 -11.68 -1.00 12.70
CA GLY A 1081 -10.64 -1.39 11.78
C GLY A 1081 -10.69 -0.67 10.44
N LEU A 1082 -11.72 0.14 10.20
CA LEU A 1082 -11.75 1.04 9.04
C LEU A 1082 -10.48 1.89 9.01
N ASP A 1083 -9.88 2.02 7.83
CA ASP A 1083 -8.57 2.67 7.71
C ASP A 1083 -8.51 3.31 6.33
N LEU A 1084 -8.68 4.63 6.27
CA LEU A 1084 -8.88 5.35 5.02
C LEU A 1084 -7.85 6.44 4.89
N GLU A 1085 -7.49 6.76 3.65
CA GLU A 1085 -6.75 7.97 3.36
C GLU A 1085 -7.71 8.96 2.70
N LEU A 1086 -7.76 10.17 3.23
CA LEU A 1086 -8.67 11.20 2.75
C LEU A 1086 -7.97 12.11 1.73
N PRO A 1087 -8.68 12.49 0.68
CA PRO A 1087 -8.11 13.43 -0.31
C PRO A 1087 -7.70 14.75 0.32
N GLY A 1088 -6.58 15.29 -0.13
CA GLY A 1088 -6.11 16.56 0.37
C GLY A 1088 -4.96 17.10 -0.45
N PRO A 1089 -4.21 18.03 0.11
CA PRO A 1089 -3.10 18.62 -0.64
C PRO A 1089 -1.96 17.64 -0.84
N VAL A 1090 -1.16 17.91 -1.88
CA VAL A 1090 0.09 17.17 -2.08
C VAL A 1090 1.02 17.41 -0.88
N GLY A 1091 1.96 16.48 -0.69
CA GLY A 1091 2.93 16.62 0.38
C GLY A 1091 2.39 16.35 1.77
N GLU A 1092 1.23 15.70 1.86
CA GLU A 1092 0.63 15.40 3.14
C GLU A 1092 -0.18 14.11 2.97
N ARG A 1093 -0.16 13.25 3.98
CA ARG A 1093 -1.02 12.06 4.02
C ARG A 1093 -1.97 12.21 5.18
N ASN A 1094 -3.28 12.16 4.90
CA ASN A 1094 -4.29 12.39 5.90
C ASN A 1094 -5.10 11.12 6.06
N LEU A 1095 -5.01 10.53 7.25
CA LEU A 1095 -5.54 9.21 7.52
C LEU A 1095 -6.71 9.32 8.48
N TYR A 1096 -7.66 8.41 8.32
CA TYR A 1096 -8.83 8.39 9.18
C TYR A 1096 -9.11 6.94 9.54
N THR A 1097 -9.20 6.64 10.83
CA THR A 1097 -9.29 5.26 11.29
C THR A 1097 -10.30 5.15 12.43
N LEU A 1098 -10.93 3.98 12.56
CA LEU A 1098 -11.89 3.71 13.62
C LEU A 1098 -11.28 2.68 14.57
N HIS A 1099 -11.21 3.04 15.85
CA HIS A 1099 -10.62 2.23 16.90
C HIS A 1099 -11.65 1.93 17.97
N ALA A 1100 -11.29 1.07 18.91
CA ALA A 1100 -12.14 0.89 20.08
C ALA A 1100 -12.15 2.17 20.92
N ARG A 1101 -13.26 2.38 21.66
CA ARG A 1101 -13.32 3.55 22.52
C ARG A 1101 -12.59 3.33 23.83
N GLY A 1102 -12.65 2.12 24.39
CA GLY A 1102 -12.05 1.89 25.68
C GLY A 1102 -12.89 0.94 26.51
N ARG A 1103 -13.25 1.32 27.73
CA ARG A 1103 -14.08 0.48 28.58
C ARG A 1103 -15.48 1.06 28.61
N ILE A 1104 -16.46 0.24 28.22
CA ILE A 1104 -17.86 0.66 28.15
C ILE A 1104 -18.57 0.17 29.40
N LEU A 1105 -19.28 1.07 30.08
CA LEU A 1105 -20.13 0.70 31.21
C LEU A 1105 -21.39 0.05 30.69
N LEU A 1106 -21.67 -1.18 31.11
CA LEU A 1106 -22.89 -1.87 30.74
C LEU A 1106 -23.82 -1.90 31.94
N VAL A 1107 -25.04 -1.42 31.73
CA VAL A 1107 -26.06 -1.46 32.78
C VAL A 1107 -27.23 -2.29 32.24
N PRO A 1108 -27.16 -3.62 32.35
CA PRO A 1108 -28.22 -4.46 31.82
C PRO A 1108 -29.34 -4.67 32.82
N ALA A 1109 -30.46 -5.12 32.30
CA ALA A 1109 -31.61 -5.54 33.11
C ALA A 1109 -31.90 -7.03 33.01
N THR A 1110 -31.75 -7.64 31.83
CA THR A 1110 -32.05 -9.04 31.61
C THR A 1110 -30.82 -9.76 31.09
N GLU A 1111 -30.86 -11.09 31.15
CA GLU A 1111 -29.77 -11.91 30.61
C GLU A 1111 -29.58 -11.65 29.11
N SER A 1112 -30.68 -11.67 28.35
CA SER A 1112 -30.55 -11.45 26.92
C SER A 1112 -30.07 -10.03 26.62
N GLY A 1113 -30.54 -9.06 27.41
CA GLY A 1113 -30.03 -7.70 27.26
C GLY A 1113 -28.53 -7.61 27.47
N LEU A 1114 -28.03 -8.28 28.53
CA LEU A 1114 -26.58 -8.28 28.77
C LEU A 1114 -25.83 -8.90 27.59
N TYR A 1115 -26.34 -9.99 27.03
CA TYR A 1115 -25.63 -10.61 25.90
C TYR A 1115 -25.56 -9.68 24.70
N HIS A 1116 -26.67 -9.00 24.38
CA HIS A 1116 -26.66 -8.02 23.29
C HIS A 1116 -25.72 -6.86 23.57
N GLN A 1117 -25.73 -6.32 24.80
CA GLN A 1117 -24.82 -5.23 25.12
C GLN A 1117 -23.38 -5.68 25.00
N LEU A 1118 -23.07 -6.88 25.51
CA LEU A 1118 -21.71 -7.38 25.45
C LEU A 1118 -21.27 -7.61 24.01
N ALA A 1119 -22.16 -8.19 23.19
CA ALA A 1119 -21.85 -8.37 21.78
C ALA A 1119 -21.52 -7.04 21.10
N ALA A 1120 -22.35 -6.02 21.35
CA ALA A 1120 -22.11 -4.71 20.73
C ALA A 1120 -20.76 -4.15 21.17
N ALA A 1121 -20.47 -4.23 22.47
CA ALA A 1121 -19.22 -3.66 22.98
C ALA A 1121 -17.99 -4.42 22.45
N LEU A 1122 -18.06 -5.75 22.43
CA LEU A 1122 -16.93 -6.54 21.99
C LEU A 1122 -16.71 -6.42 20.49
N ALA A 1123 -17.80 -6.37 19.70
CA ALA A 1123 -17.69 -6.22 18.25
C ALA A 1123 -16.97 -4.94 17.85
N THR A 1124 -16.96 -3.93 18.71
CA THR A 1124 -16.31 -2.65 18.46
C THR A 1124 -14.99 -2.53 19.23
N GLY A 1125 -14.47 -3.65 19.74
CA GLY A 1125 -13.11 -3.71 20.26
C GLY A 1125 -12.97 -3.32 21.71
N ASN A 1126 -14.08 -3.05 22.40
CA ASN A 1126 -14.03 -2.49 23.73
C ASN A 1126 -13.94 -3.57 24.81
N SER A 1127 -13.46 -3.15 25.97
CA SER A 1127 -13.69 -3.87 27.21
C SER A 1127 -14.95 -3.31 27.86
N VAL A 1128 -15.42 -3.98 28.91
CA VAL A 1128 -16.66 -3.61 29.57
C VAL A 1128 -16.49 -3.68 31.08
N ALA A 1129 -17.26 -2.85 31.77
CA ALA A 1129 -17.52 -2.99 33.19
C ALA A 1129 -19.02 -3.19 33.32
N ILE A 1130 -19.43 -4.30 33.92
CA ILE A 1130 -20.86 -4.62 34.02
C ILE A 1130 -21.34 -4.29 35.42
N ASP A 1131 -22.46 -3.58 35.49
CA ASP A 1131 -23.10 -3.24 36.76
C ASP A 1131 -23.40 -4.50 37.58
N ALA A 1132 -22.67 -4.68 38.68
CA ALA A 1132 -22.91 -5.82 39.55
C ALA A 1132 -24.29 -5.77 40.22
N ALA A 1133 -24.89 -4.58 40.32
CA ALA A 1133 -26.22 -4.46 40.93
C ALA A 1133 -27.31 -5.07 40.06
N SER A 1134 -27.01 -5.39 38.79
CA SER A 1134 -27.94 -6.11 37.95
C SER A 1134 -28.19 -7.53 38.42
N GLY A 1135 -27.27 -8.10 39.20
CA GLY A 1135 -27.44 -9.46 39.67
C GLY A 1135 -27.35 -10.54 38.61
N LEU A 1136 -26.73 -10.25 37.46
CA LEU A 1136 -26.70 -11.20 36.35
C LEU A 1136 -25.39 -11.96 36.28
N GLN A 1137 -24.63 -12.03 37.37
CA GLN A 1137 -23.32 -12.65 37.33
C GLN A 1137 -23.39 -14.10 36.84
N ALA A 1138 -24.41 -14.84 37.26
CA ALA A 1138 -24.52 -16.24 36.87
C ALA A 1138 -24.73 -16.42 35.37
N SER A 1139 -25.09 -15.35 34.66
CA SER A 1139 -25.32 -15.45 33.21
C SER A 1139 -24.03 -15.50 32.42
N LEU A 1140 -22.88 -15.23 33.04
CA LEU A 1140 -21.57 -15.22 32.39
C LEU A 1140 -20.61 -16.17 33.07
N LYS A 1141 -21.07 -17.37 33.42
CA LYS A 1141 -20.22 -18.38 34.03
C LYS A 1141 -19.34 -19.05 32.98
N ASN A 1142 -18.08 -19.30 33.34
CA ASN A 1142 -17.15 -20.08 32.51
C ASN A 1142 -16.91 -19.41 31.16
N LEU A 1143 -16.57 -18.12 31.19
CA LEU A 1143 -16.24 -17.44 29.96
C LEU A 1143 -14.86 -17.87 29.46
N PRO A 1144 -14.66 -17.90 28.14
CA PRO A 1144 -13.30 -18.06 27.61
C PRO A 1144 -12.39 -17.00 28.19
N GLN A 1145 -11.12 -17.36 28.37
CA GLN A 1145 -10.18 -16.42 28.97
C GLN A 1145 -10.08 -15.14 28.14
N THR A 1146 -10.12 -15.24 26.81
CA THR A 1146 -10.01 -14.05 25.97
C THR A 1146 -11.15 -13.08 26.24
N VAL A 1147 -12.35 -13.60 26.51
CA VAL A 1147 -13.47 -12.73 26.80
C VAL A 1147 -13.40 -12.23 28.24
N GLY A 1148 -13.00 -13.10 29.18
CA GLY A 1148 -12.89 -12.69 30.56
C GLY A 1148 -11.88 -11.58 30.76
N LEU A 1149 -10.80 -11.58 29.98
CA LEU A 1149 -9.84 -10.48 30.04
C LEU A 1149 -10.52 -9.13 29.76
N ARG A 1150 -11.61 -9.13 29.01
CA ARG A 1150 -12.29 -7.87 28.65
C ARG A 1150 -13.43 -7.52 29.60
N VAL A 1151 -13.82 -8.42 30.49
CA VAL A 1151 -15.02 -8.26 31.30
C VAL A 1151 -14.63 -8.01 32.75
N SER A 1152 -15.22 -6.99 33.35
CA SER A 1152 -15.11 -6.80 34.78
C SER A 1152 -16.48 -6.45 35.33
N TRP A 1153 -16.69 -6.74 36.60
CA TRP A 1153 -17.93 -6.41 37.28
C TRP A 1153 -17.68 -5.24 38.22
N SER A 1154 -18.65 -4.33 38.30
CA SER A 1154 -18.47 -3.07 39.01
C SER A 1154 -19.60 -2.87 40.01
N LYS A 1155 -19.24 -2.74 41.30
CA LYS A 1155 -20.18 -2.35 42.34
C LYS A 1155 -20.13 -0.86 42.64
N ASP A 1156 -19.09 -0.17 42.20
CA ASP A 1156 -18.90 1.26 42.42
C ASP A 1156 -18.41 1.80 41.07
N TRP A 1157 -19.33 2.30 40.25
CA TRP A 1157 -18.96 2.73 38.90
C TRP A 1157 -17.89 3.82 38.95
N ALA A 1158 -18.00 4.75 39.90
CA ALA A 1158 -17.05 5.86 39.92
C ALA A 1158 -15.62 5.38 40.19
N ALA A 1159 -15.48 4.27 40.92
CA ALA A 1159 -14.17 3.72 41.21
C ALA A 1159 -13.53 3.02 40.02
N ASP A 1160 -14.33 2.56 39.05
CA ASP A 1160 -13.86 1.70 37.98
C ASP A 1160 -13.72 2.42 36.65
N GLY A 1161 -13.92 3.73 36.62
CA GLY A 1161 -13.73 4.48 35.42
C GLY A 1161 -12.27 4.85 35.21
N PRO A 1162 -11.98 5.72 34.24
CA PRO A 1162 -12.97 6.38 33.37
C PRO A 1162 -13.54 5.43 32.33
N PHE A 1163 -14.81 5.60 32.01
CA PHE A 1163 -15.42 4.87 30.91
C PHE A 1163 -15.40 5.70 29.64
N ALA A 1164 -15.66 5.05 28.51
CA ALA A 1164 -15.69 5.72 27.20
C ALA A 1164 -17.08 5.70 26.58
N GLY A 1165 -18.07 5.28 27.33
CA GLY A 1165 -19.41 5.08 26.81
C GLY A 1165 -20.20 4.21 27.76
N ALA A 1166 -21.51 4.15 27.52
CA ALA A 1166 -22.39 3.33 28.36
C ALA A 1166 -23.54 2.79 27.52
N LEU A 1167 -23.94 1.56 27.84
CA LEU A 1167 -25.11 0.92 27.27
C LEU A 1167 -26.06 0.59 28.43
N VAL A 1168 -27.33 0.97 28.30
CA VAL A 1168 -28.31 0.83 29.38
C VAL A 1168 -29.54 0.12 28.84
N GLU A 1169 -30.07 -0.78 29.65
CA GLU A 1169 -31.33 -1.47 29.36
C GLU A 1169 -32.33 -1.20 30.48
N GLY A 1170 -33.54 -0.82 30.12
CA GLY A 1170 -34.58 -0.67 31.12
C GLY A 1170 -35.77 0.12 30.61
N ASP A 1171 -36.80 0.20 31.46
CA ASP A 1171 -37.92 1.08 31.13
C ASP A 1171 -37.49 2.53 31.33
N ALA A 1172 -38.42 3.45 31.01
CA ALA A 1172 -38.12 4.88 31.04
C ALA A 1172 -37.61 5.34 32.41
N GLU A 1173 -38.28 4.90 33.49
CA GLU A 1173 -37.86 5.33 34.83
C GLU A 1173 -36.46 4.81 35.18
N ARG A 1174 -36.16 3.57 34.76
CA ARG A 1174 -34.83 3.02 35.00
C ARG A 1174 -33.77 3.76 34.20
N ILE A 1175 -34.05 4.06 32.94
CA ILE A 1175 -33.08 4.76 32.09
C ILE A 1175 -32.77 6.14 32.66
N ARG A 1176 -33.80 6.82 33.17
CA ARG A 1176 -33.63 8.15 33.72
C ARG A 1176 -32.75 8.11 34.97
N ALA A 1177 -32.99 7.13 35.84
CA ALA A 1177 -32.20 6.99 37.06
C ALA A 1177 -30.75 6.64 36.74
N VAL A 1178 -30.53 5.71 35.81
CA VAL A 1178 -29.16 5.34 35.42
C VAL A 1178 -28.46 6.53 34.77
N ASN A 1179 -29.18 7.25 33.90
CA ASN A 1179 -28.61 8.42 33.23
C ASN A 1179 -28.12 9.45 34.25
N LYS A 1180 -28.88 9.63 35.34
CA LYS A 1180 -28.46 10.57 36.37
C LYS A 1180 -27.23 10.06 37.11
N ALA A 1181 -27.16 8.75 37.38
CA ALA A 1181 -25.98 8.21 38.02
C ALA A 1181 -24.76 8.33 37.13
N ILE A 1182 -24.92 8.06 35.84
CA ILE A 1182 -23.79 8.16 34.91
C ILE A 1182 -23.30 9.62 34.81
N ALA A 1183 -24.23 10.57 34.72
CA ALA A 1183 -23.82 11.97 34.65
C ALA A 1183 -23.01 12.39 35.87
N ALA A 1184 -23.24 11.76 37.02
CA ALA A 1184 -22.52 12.07 38.25
C ALA A 1184 -21.15 11.40 38.32
N LEU A 1185 -20.81 10.53 37.37
CA LEU A 1185 -19.49 9.94 37.37
C LEU A 1185 -18.44 11.01 37.08
N PRO A 1186 -17.31 11.01 37.79
CA PRO A 1186 -16.28 12.02 37.53
C PRO A 1186 -15.59 11.78 36.20
N GLY A 1187 -14.99 12.84 35.68
CA GLY A 1187 -14.24 12.75 34.45
C GLY A 1187 -15.05 13.04 33.21
N PRO A 1188 -14.87 12.20 32.18
CA PRO A 1188 -15.38 12.53 30.84
C PRO A 1188 -16.90 12.45 30.76
N LEU A 1189 -17.44 13.21 29.82
CA LEU A 1189 -18.85 13.07 29.45
C LEU A 1189 -19.02 11.77 28.68
N LEU A 1190 -19.91 10.90 29.14
CA LEU A 1190 -20.10 9.62 28.48
C LEU A 1190 -21.23 9.72 27.49
N LEU A 1191 -21.01 9.16 26.30
CA LEU A 1191 -22.06 8.98 25.31
C LEU A 1191 -22.87 7.76 25.72
N VAL A 1192 -24.12 7.99 26.14
CA VAL A 1192 -24.98 6.94 26.70
C VAL A 1192 -25.99 6.50 25.64
N GLN A 1193 -26.17 5.18 25.50
CA GLN A 1193 -27.23 4.63 24.67
C GLN A 1193 -28.15 3.78 25.54
N ALA A 1194 -29.46 3.95 25.35
CA ALA A 1194 -30.42 3.25 26.17
C ALA A 1194 -31.41 2.52 25.27
N ALA A 1195 -31.93 1.39 25.78
CA ALA A 1195 -32.98 0.65 25.10
C ALA A 1195 -33.81 -0.11 26.12
N SER A 1196 -35.08 -0.32 25.80
CA SER A 1196 -35.91 -1.23 26.56
C SER A 1196 -35.57 -2.67 26.19
N SER A 1197 -35.94 -3.60 27.07
CA SER A 1197 -35.79 -5.02 26.74
C SER A 1197 -36.51 -5.35 25.46
N GLY A 1198 -37.69 -4.76 25.27
CA GLY A 1198 -38.47 -5.04 24.08
C GLY A 1198 -37.80 -4.52 22.83
N GLU A 1199 -37.21 -3.32 22.92
CA GLU A 1199 -36.48 -2.80 21.76
C GLU A 1199 -35.28 -3.68 21.42
N ILE A 1200 -34.58 -4.19 22.45
CA ILE A 1200 -33.47 -5.10 22.18
C ILE A 1200 -33.98 -6.34 21.46
N ALA A 1201 -35.18 -6.81 21.83
CA ALA A 1201 -35.74 -7.98 21.16
C ALA A 1201 -36.13 -7.67 19.72
N ARG A 1202 -36.68 -6.48 19.49
CA ARG A 1202 -37.26 -6.17 18.18
C ARG A 1202 -36.24 -5.62 17.20
N ASN A 1203 -35.28 -4.85 17.66
CA ASN A 1203 -34.44 -4.05 16.76
C ASN A 1203 -32.98 -4.44 16.88
N PRO A 1204 -32.40 -5.09 15.87
CA PRO A 1204 -30.98 -5.46 15.93
C PRO A 1204 -30.06 -4.27 16.11
N ASP A 1205 -30.49 -3.07 15.72
CA ASP A 1205 -29.69 -1.86 15.90
C ASP A 1205 -30.13 -1.06 17.13
N ALA A 1206 -30.73 -1.73 18.11
CA ALA A 1206 -31.13 -1.05 19.35
C ALA A 1206 -29.98 -0.24 19.92
N TYR A 1207 -28.77 -0.78 19.86
CA TYR A 1207 -27.55 -0.07 20.22
C TYR A 1207 -26.75 0.18 18.95
N CYS A 1208 -26.41 1.45 18.69
CA CYS A 1208 -25.74 1.80 17.45
C CYS A 1208 -24.23 1.62 17.59
N LEU A 1209 -23.67 0.79 16.71
CA LEU A 1209 -22.23 0.51 16.75
C LEU A 1209 -21.40 1.72 16.32
N ASN A 1210 -21.99 2.68 15.59
CA ASN A 1210 -21.25 3.88 15.23
C ASN A 1210 -20.73 4.62 16.46
N TRP A 1211 -21.46 4.58 17.57
CA TRP A 1211 -21.08 5.37 18.73
C TRP A 1211 -20.20 4.59 19.71
N LEU A 1212 -19.86 3.35 19.38
CA LEU A 1212 -19.00 2.50 20.20
C LEU A 1212 -17.58 2.37 19.66
N VAL A 1213 -17.25 3.06 18.56
CA VAL A 1213 -15.89 3.18 18.07
C VAL A 1213 -15.45 4.63 18.25
N GLU A 1214 -14.15 4.83 18.15
CA GLU A 1214 -13.52 6.12 18.33
C GLU A 1214 -12.81 6.48 17.02
N GLU A 1215 -13.10 7.67 16.51
CA GLU A 1215 -12.45 8.14 15.30
C GLU A 1215 -11.10 8.72 15.64
N VAL A 1216 -10.10 8.44 14.82
CA VAL A 1216 -8.80 9.06 14.97
C VAL A 1216 -8.38 9.61 13.61
N SER A 1217 -7.92 10.85 13.60
CA SER A 1217 -7.42 11.47 12.38
C SER A 1217 -5.92 11.66 12.57
N ALA A 1218 -5.14 11.36 11.54
CA ALA A 1218 -3.69 11.53 11.60
C ALA A 1218 -3.24 12.24 10.34
N SER A 1219 -2.49 13.33 10.51
CA SER A 1219 -2.01 14.11 9.38
C SER A 1219 -0.49 14.11 9.40
N ILE A 1220 0.12 13.59 8.34
CA ILE A 1220 1.57 13.40 8.26
C ILE A 1220 2.13 14.30 7.18
N ASN A 1221 3.08 15.17 7.55
CA ASN A 1221 3.74 16.03 6.57
C ASN A 1221 4.80 15.19 5.87
N THR A 1222 4.51 14.77 4.64
CA THR A 1222 5.44 13.89 3.93
C THR A 1222 6.49 14.68 3.17
N ALA A 1223 6.39 16.01 3.15
CA ALA A 1223 7.44 16.83 2.57
C ALA A 1223 8.50 17.21 3.59
N ALA A 1224 8.37 16.71 4.83
CA ALA A 1224 9.20 17.19 5.93
C ALA A 1224 10.68 16.95 5.68
N ALA A 1225 11.03 15.85 5.01
CA ALA A 1225 12.43 15.58 4.73
C ALA A 1225 13.05 16.59 3.77
N GLY A 1226 12.24 17.44 3.13
CA GLY A 1226 12.76 18.50 2.28
C GLY A 1226 12.18 18.51 0.88
N GLY A 1227 11.38 17.50 0.54
CA GLY A 1227 10.76 17.48 -0.76
C GLY A 1227 9.66 16.43 -0.83
N ASN A 1228 9.08 16.33 -2.01
CA ASN A 1228 7.89 15.52 -2.24
C ASN A 1228 8.23 14.35 -3.16
N ALA A 1229 8.25 13.15 -2.60
CA ALA A 1229 8.57 11.95 -3.39
C ALA A 1229 7.57 11.74 -4.52
N SER A 1230 6.27 11.78 -4.20
CA SER A 1230 5.26 11.51 -5.22
C SER A 1230 5.30 12.52 -6.36
N LEU A 1231 5.52 13.80 -6.04
CA LEU A 1231 5.56 14.81 -7.09
C LEU A 1231 6.80 14.70 -7.97
N MET A 1232 7.80 13.91 -7.56
CA MET A 1232 8.95 13.66 -8.42
C MET A 1232 8.62 12.78 -9.61
N ALA A 1233 7.44 12.15 -9.63
CA ALA A 1233 7.02 11.33 -10.76
C ALA A 1233 6.37 12.18 -11.85
N ALA B 16 6.79 -57.44 -19.69
CA ALA B 16 7.14 -56.17 -19.08
C ALA B 16 7.49 -55.13 -20.14
N PRO B 17 6.65 -54.10 -20.28
CA PRO B 17 6.93 -53.05 -21.27
C PRO B 17 8.25 -52.35 -20.95
N ALA B 18 9.04 -52.13 -21.99
CA ALA B 18 10.34 -51.48 -21.83
C ALA B 18 10.13 -50.08 -21.27
N PRO B 19 11.00 -49.62 -20.36
CA PRO B 19 10.81 -48.29 -19.77
C PRO B 19 10.82 -47.20 -20.83
N PHE B 20 9.79 -46.36 -20.79
CA PHE B 20 9.68 -45.16 -21.62
C PHE B 20 9.52 -45.48 -23.10
N ALA B 21 9.18 -46.73 -23.43
CA ALA B 21 8.99 -47.12 -24.82
C ALA B 21 7.88 -46.31 -25.50
N ASP B 22 6.85 -45.93 -24.76
CA ASP B 22 5.76 -45.13 -25.30
C ASP B 22 5.50 -43.91 -24.44
N PHE B 23 6.55 -43.15 -24.15
CA PHE B 23 6.42 -42.03 -23.20
C PHE B 23 5.46 -40.98 -23.74
N ALA B 24 5.74 -40.47 -24.94
CA ALA B 24 4.95 -39.38 -25.50
C ALA B 24 5.04 -39.35 -27.02
N PRO B 25 4.65 -40.42 -27.70
CA PRO B 25 4.75 -40.43 -29.16
C PRO B 25 3.84 -39.37 -29.77
N PRO B 26 4.32 -38.66 -30.79
CA PRO B 26 3.48 -37.63 -31.42
C PRO B 26 2.30 -38.25 -32.15
N VAL B 27 1.26 -37.43 -32.31
CA VAL B 27 0.06 -37.88 -33.02
C VAL B 27 0.40 -38.30 -34.43
N ARG B 28 1.28 -37.56 -35.10
CA ARG B 28 1.70 -37.87 -36.45
C ARG B 28 3.16 -37.44 -36.60
N PRO B 29 3.89 -38.00 -37.57
CA PRO B 29 5.23 -37.47 -37.84
C PRO B 29 5.18 -35.99 -38.15
N GLN B 30 6.14 -35.25 -37.61
CA GLN B 30 6.14 -33.80 -37.73
C GLN B 30 6.75 -33.40 -39.06
N SER B 31 5.94 -32.79 -39.91
CA SER B 31 6.39 -32.29 -41.20
C SER B 31 7.36 -31.13 -41.02
N THR B 32 7.99 -30.73 -42.13
CA THR B 32 8.85 -29.56 -42.11
C THR B 32 8.11 -28.33 -41.60
N LEU B 33 6.87 -28.13 -42.04
CA LEU B 33 6.12 -26.96 -41.63
C LEU B 33 5.68 -27.05 -40.17
N ARG B 34 5.37 -28.26 -39.69
CA ARG B 34 5.05 -28.39 -38.27
C ARG B 34 6.28 -28.16 -37.41
N ARG B 35 7.45 -28.63 -37.85
CA ARG B 35 8.68 -28.40 -37.07
C ARG B 35 9.03 -26.92 -36.98
N ALA B 36 8.77 -26.15 -38.03
CA ALA B 36 9.09 -24.74 -37.98
C ALA B 36 8.22 -24.01 -36.96
N ILE B 37 6.96 -24.42 -36.83
CA ILE B 37 6.10 -23.90 -35.77
C ILE B 37 6.72 -24.16 -34.41
N THR B 38 7.02 -25.43 -34.13
CA THR B 38 7.52 -25.80 -32.82
C THR B 38 8.82 -25.07 -32.50
N ALA B 39 9.68 -24.89 -33.51
CA ALA B 39 10.95 -24.21 -33.30
C ALA B 39 10.77 -22.75 -32.90
N ALA B 40 9.65 -22.12 -33.28
CA ALA B 40 9.42 -20.72 -32.99
C ALA B 40 8.79 -20.47 -31.62
N TYR B 41 8.41 -21.55 -30.91
CA TYR B 41 7.50 -21.48 -29.76
C TYR B 41 7.89 -20.37 -28.78
N ARG B 42 9.18 -20.31 -28.40
CA ARG B 42 9.61 -19.41 -27.33
C ARG B 42 10.90 -18.69 -27.70
N ARG B 43 11.05 -18.27 -28.95
CA ARG B 43 12.27 -17.59 -29.35
C ARG B 43 12.30 -16.16 -28.81
N PRO B 44 13.50 -15.57 -28.68
CA PRO B 44 13.59 -14.20 -28.17
C PRO B 44 12.78 -13.22 -29.00
N GLU B 45 12.21 -12.22 -28.32
CA GLU B 45 11.41 -11.22 -29.00
C GLU B 45 12.25 -10.40 -29.99
N THR B 46 13.53 -10.19 -29.69
CA THR B 46 14.41 -9.49 -30.62
C THR B 46 14.68 -10.30 -31.88
N GLU B 47 14.42 -11.60 -31.86
CA GLU B 47 14.57 -12.43 -33.03
C GLU B 47 13.28 -12.42 -33.88
N CME B 48 12.14 -12.40 -33.20
CA CME B 48 10.86 -12.53 -33.86
CB CME B 48 9.72 -12.89 -32.89
SG CME B 48 9.99 -14.43 -32.08
SD CME B 48 9.87 -15.92 -33.59
CE CME B 48 11.45 -16.05 -34.36
CZ CME B 48 11.63 -17.31 -35.19
OH CME B 48 12.76 -17.10 -36.02
C CME B 48 10.44 -11.27 -34.60
O CME B 48 9.86 -11.28 -35.70
N LEU B 49 10.74 -10.12 -34.01
CA LEU B 49 10.21 -8.86 -34.57
C LEU B 49 10.75 -8.40 -35.95
N PRO B 50 12.06 -8.45 -36.19
CA PRO B 50 12.60 -7.85 -37.43
C PRO B 50 11.92 -8.41 -38.68
N PRO B 51 11.69 -9.73 -38.81
CA PRO B 51 10.98 -10.19 -40.01
C PRO B 51 9.54 -9.74 -40.06
N LEU B 52 8.90 -9.54 -38.91
CA LEU B 52 7.52 -9.03 -38.89
C LEU B 52 7.49 -7.56 -39.30
N VAL B 53 8.44 -6.76 -38.81
CA VAL B 53 8.54 -5.37 -39.25
C VAL B 53 8.66 -5.29 -40.77
N GLU B 54 9.55 -6.12 -41.34
CA GLU B 54 9.76 -6.08 -42.79
C GLU B 54 8.48 -6.47 -43.54
N ALA B 55 7.76 -7.47 -43.04
CA ALA B 55 6.53 -7.91 -43.71
C ALA B 55 5.41 -6.88 -43.54
N ALA B 56 5.38 -6.15 -42.42
CA ALA B 56 4.33 -5.18 -42.16
C ALA B 56 4.59 -3.81 -42.78
N THR B 57 5.74 -3.64 -43.42
CA THR B 57 6.11 -2.34 -43.97
C THR B 57 5.25 -1.99 -45.16
N GLN B 58 4.77 -0.75 -45.21
CA GLN B 58 3.96 -0.26 -46.32
C GLN B 58 4.49 1.07 -46.81
N SER B 59 4.30 1.33 -48.10
CA SER B 59 4.78 2.54 -48.72
C SER B 59 4.21 3.78 -48.05
N LYS B 60 4.85 4.92 -48.30
CA LYS B 60 4.40 6.18 -47.71
C LYS B 60 2.97 6.50 -48.15
N GLU B 61 2.63 6.18 -49.40
CA GLU B 61 1.29 6.47 -49.89
C GLU B 61 0.23 5.70 -49.11
N ILE B 62 0.42 4.38 -48.96
CA ILE B 62 -0.50 3.57 -48.17
C ILE B 62 -0.57 4.09 -46.74
N ARG B 63 0.60 4.38 -46.16
CA ARG B 63 0.67 4.81 -44.75
C ARG B 63 -0.16 6.07 -44.52
N ASP B 64 0.05 7.10 -45.36
CA ASP B 64 -0.73 8.32 -45.20
C ASP B 64 -2.21 8.07 -45.45
N ALA B 65 -2.53 7.30 -46.49
CA ALA B 65 -3.92 6.90 -46.73
C ALA B 65 -4.53 6.19 -45.52
N ALA B 66 -3.72 5.41 -44.79
CA ALA B 66 -4.25 4.64 -43.66
C ALA B 66 -4.49 5.52 -42.44
N ALA B 67 -3.59 6.45 -42.16
CA ALA B 67 -3.77 7.31 -41.00
C ALA B 67 -4.95 8.25 -41.17
N SER B 68 -5.27 8.64 -42.41
CA SER B 68 -6.45 9.45 -42.65
C SER B 68 -7.72 8.64 -42.43
N THR B 69 -7.78 7.43 -42.99
CA THR B 69 -8.91 6.55 -42.75
C THR B 69 -9.08 6.27 -41.26
N ALA B 70 -7.99 5.90 -40.59
CA ALA B 70 -8.05 5.71 -39.14
C ALA B 70 -8.52 6.97 -38.42
N ARG B 71 -8.14 8.15 -38.92
CA ARG B 71 -8.58 9.38 -38.29
C ARG B 71 -10.09 9.54 -38.36
N LYS B 72 -10.66 9.38 -39.56
CA LYS B 72 -12.12 9.46 -39.72
C LYS B 72 -12.84 8.44 -38.85
N LEU B 73 -12.30 7.22 -38.76
CA LEU B 73 -12.96 6.20 -37.96
C LEU B 73 -12.98 6.59 -36.48
N ILE B 74 -11.90 7.17 -35.98
CA ILE B 74 -11.78 7.49 -34.57
C ILE B 74 -12.65 8.69 -34.21
N GLU B 75 -12.56 9.75 -35.02
CA GLU B 75 -13.41 10.93 -34.80
C GLU B 75 -14.88 10.53 -34.67
N ALA B 76 -15.35 9.68 -35.59
CA ALA B 76 -16.73 9.23 -35.54
C ALA B 76 -17.04 8.49 -34.25
N LEU B 77 -16.12 7.63 -33.80
CA LEU B 77 -16.37 6.88 -32.58
C LEU B 77 -16.46 7.81 -31.37
N ARG B 78 -15.54 8.77 -31.27
CA ARG B 78 -15.56 9.73 -30.18
C ARG B 78 -16.74 10.70 -30.29
N GLY B 79 -17.46 10.72 -31.40
CA GLY B 79 -18.61 11.60 -31.55
C GLY B 79 -19.91 11.01 -31.05
N LYS B 80 -19.96 9.69 -30.86
CA LYS B 80 -21.17 9.01 -30.44
C LYS B 80 -21.06 8.50 -29.00
N GLY B 85 -24.65 3.81 -20.63
CA GLY B 85 -25.80 3.10 -20.12
C GLY B 85 -25.79 3.02 -18.60
N VAL B 86 -24.82 2.27 -18.06
CA VAL B 86 -24.63 2.26 -16.62
C VAL B 86 -24.07 3.61 -16.16
N GLU B 87 -23.23 4.24 -16.98
CA GLU B 87 -22.72 5.55 -16.65
C GLU B 87 -23.84 6.55 -16.42
N GLY B 88 -24.92 6.46 -17.20
CA GLY B 88 -26.03 7.37 -17.04
C GLY B 88 -26.87 7.10 -15.81
N LEU B 89 -26.99 5.83 -15.42
CA LEU B 89 -27.66 5.49 -14.16
C LEU B 89 -26.87 6.01 -12.96
N VAL B 90 -25.54 5.82 -12.98
CA VAL B 90 -24.68 6.32 -11.92
C VAL B 90 -24.80 7.84 -11.81
N GLN B 91 -24.82 8.53 -12.96
CA GLN B 91 -24.93 9.98 -12.91
C GLN B 91 -26.30 10.43 -12.43
N GLU B 92 -27.36 9.78 -12.92
CA GLU B 92 -28.72 10.23 -12.60
C GLU B 92 -29.00 10.17 -11.10
N TYR B 93 -28.53 9.12 -10.44
CA TYR B 93 -28.78 8.92 -9.01
C TYR B 93 -27.56 9.26 -8.16
N SER B 94 -26.51 9.82 -8.75
CA SER B 94 -25.31 10.26 -8.04
C SER B 94 -24.69 9.12 -7.23
N LEU B 95 -24.55 7.96 -7.86
CA LEU B 95 -24.01 6.78 -7.21
C LEU B 95 -22.50 6.86 -7.08
N SER B 96 -22.00 6.44 -5.93
CA SER B 96 -20.59 6.09 -5.85
C SER B 96 -20.34 4.85 -6.70
N SER B 97 -19.06 4.57 -6.94
CA SER B 97 -18.71 3.36 -7.67
C SER B 97 -19.21 2.11 -6.94
N GLN B 98 -18.97 2.03 -5.63
CA GLN B 98 -19.41 0.84 -4.88
C GLN B 98 -20.93 0.71 -4.88
N GLU B 99 -21.64 1.85 -4.83
CA GLU B 99 -23.10 1.80 -4.92
C GLU B 99 -23.55 1.29 -6.28
N GLY B 100 -22.86 1.68 -7.36
CA GLY B 100 -23.22 1.20 -8.67
C GLY B 100 -22.99 -0.29 -8.83
N VAL B 101 -21.86 -0.78 -8.32
CA VAL B 101 -21.58 -2.22 -8.32
C VAL B 101 -22.62 -2.95 -7.47
N ALA B 102 -22.90 -2.43 -6.27
CA ALA B 102 -23.84 -3.10 -5.37
C ALA B 102 -25.24 -3.15 -5.97
N LEU B 103 -25.65 -2.08 -6.65
CA LEU B 103 -26.96 -2.06 -7.28
C LEU B 103 -27.05 -3.07 -8.41
N MET B 104 -25.99 -3.20 -9.20
CA MET B 104 -26.03 -4.16 -10.30
C MET B 104 -26.04 -5.59 -9.78
N CYS B 105 -25.32 -5.86 -8.68
CA CYS B 105 -25.38 -7.18 -8.07
C CYS B 105 -26.78 -7.50 -7.58
N LEU B 106 -27.45 -6.51 -6.95
CA LEU B 106 -28.83 -6.70 -6.52
C LEU B 106 -29.74 -6.94 -7.71
N ALA B 107 -29.53 -6.18 -8.79
CA ALA B 107 -30.37 -6.34 -9.97
C ALA B 107 -30.18 -7.73 -10.58
N GLU B 108 -28.93 -8.20 -10.64
CA GLU B 108 -28.65 -9.57 -11.10
C GLU B 108 -29.39 -10.59 -10.25
N ALA B 109 -29.37 -10.43 -8.93
CA ALA B 109 -30.09 -11.35 -8.06
C ALA B 109 -31.59 -11.30 -8.31
N LEU B 110 -32.15 -10.11 -8.46
CA LEU B 110 -33.59 -10.00 -8.69
C LEU B 110 -33.99 -10.59 -10.04
N LEU B 111 -33.08 -10.58 -11.02
CA LEU B 111 -33.41 -11.15 -12.31
C LEU B 111 -33.32 -12.67 -12.32
N ARG B 112 -32.80 -13.29 -11.26
CA ARG B 112 -32.88 -14.74 -11.11
C ARG B 112 -34.28 -15.19 -10.69
N ILE B 113 -35.16 -14.25 -10.34
CA ILE B 113 -36.58 -14.54 -10.12
C ILE B 113 -37.28 -14.47 -11.47
N PRO B 114 -37.76 -15.59 -12.03
CA PRO B 114 -38.21 -15.57 -13.42
C PRO B 114 -39.52 -14.85 -13.64
N ASP B 115 -40.44 -14.89 -12.67
CA ASP B 115 -41.75 -14.31 -12.84
C ASP B 115 -41.70 -12.81 -12.54
N THR B 116 -42.10 -12.00 -13.51
CA THR B 116 -42.12 -10.55 -13.33
C THR B 116 -42.90 -10.16 -12.08
N ALA B 117 -44.11 -10.73 -11.93
CA ALA B 117 -44.98 -10.34 -10.83
C ALA B 117 -44.35 -10.62 -9.48
N THR B 118 -43.72 -11.79 -9.32
CA THR B 118 -43.12 -12.14 -8.03
C THR B 118 -41.98 -11.19 -7.69
N ARG B 119 -41.12 -10.91 -8.68
CA ARG B 119 -39.98 -10.04 -8.47
C ARG B 119 -40.42 -8.61 -8.14
N ASP B 120 -41.42 -8.10 -8.87
CA ASP B 120 -41.92 -6.75 -8.62
C ASP B 120 -42.50 -6.63 -7.22
N ALA B 121 -43.16 -7.68 -6.73
CA ALA B 121 -43.74 -7.62 -5.40
C ALA B 121 -42.66 -7.68 -4.33
N LEU B 122 -41.64 -8.51 -4.53
CA LEU B 122 -40.53 -8.57 -3.59
C LEU B 122 -39.83 -7.22 -3.49
N ILE B 123 -39.67 -6.54 -4.62
CA ILE B 123 -39.05 -5.22 -4.64
C ILE B 123 -39.90 -4.22 -3.87
N ARG B 124 -41.21 -4.20 -4.14
CA ARG B 124 -42.07 -3.17 -3.57
C ARG B 124 -42.29 -3.37 -2.07
N ASP B 125 -42.24 -4.60 -1.58
CA ASP B 125 -42.65 -4.90 -0.22
C ASP B 125 -41.57 -5.55 0.64
N LYS B 126 -40.37 -5.75 0.12
CA LYS B 126 -39.30 -6.31 0.93
C LYS B 126 -38.01 -5.53 0.73
N ILE B 127 -37.59 -5.39 -0.54
CA ILE B 127 -36.27 -4.80 -0.81
C ILE B 127 -36.30 -3.30 -0.60
N ALA B 128 -37.31 -2.62 -1.13
CA ALA B 128 -37.35 -1.16 -1.07
C ALA B 128 -37.43 -0.65 0.36
N ASP B 129 -37.77 -1.51 1.32
CA ASP B 129 -37.79 -1.16 2.74
C ASP B 129 -36.53 -1.61 3.45
N GLY B 130 -35.39 -1.63 2.74
CA GLY B 130 -34.11 -1.92 3.36
C GLY B 130 -33.86 -3.38 3.69
N ASN B 131 -34.94 -4.14 3.92
CA ASN B 131 -34.82 -5.53 4.34
C ASN B 131 -34.38 -6.42 3.19
N TRP B 132 -33.23 -6.11 2.58
CA TRP B 132 -32.76 -6.87 1.43
C TRP B 132 -31.91 -8.07 1.81
N LYS B 133 -31.24 -8.02 2.97
CA LYS B 133 -30.30 -9.08 3.32
C LYS B 133 -31.01 -10.42 3.46
N SER B 134 -32.13 -10.44 4.18
CA SER B 134 -32.83 -11.69 4.48
C SER B 134 -33.30 -12.38 3.20
N HIS B 135 -34.10 -11.68 2.39
CA HIS B 135 -34.74 -12.31 1.24
C HIS B 135 -33.76 -12.60 0.11
N LEU B 136 -32.58 -11.99 0.11
CA LEU B 136 -31.59 -12.24 -0.92
C LEU B 136 -30.21 -12.47 -0.29
N ARG B 140 -25.51 -18.05 -0.38
CA ARG B 140 -24.80 -17.33 -1.43
C ARG B 140 -24.95 -15.82 -1.27
N SER B 141 -23.83 -15.14 -1.09
CA SER B 141 -23.83 -13.70 -0.97
C SER B 141 -24.41 -13.07 -2.24
N LEU B 142 -25.05 -11.91 -2.05
CA LEU B 142 -25.49 -11.11 -3.19
C LEU B 142 -24.34 -10.74 -4.10
N PHE B 143 -23.13 -10.64 -3.56
CA PHE B 143 -22.02 -9.98 -4.22
C PHE B 143 -21.02 -10.97 -4.85
N VAL B 144 -21.44 -12.21 -5.10
CA VAL B 144 -20.52 -13.22 -5.63
C VAL B 144 -19.87 -12.76 -6.93
N ASN B 145 -20.62 -12.08 -7.80
CA ASN B 145 -20.09 -11.69 -9.11
C ASN B 145 -19.69 -10.22 -9.18
N ALA B 146 -19.41 -9.58 -8.04
CA ALA B 146 -19.17 -8.14 -8.05
C ALA B 146 -17.89 -7.76 -8.81
N ALA B 147 -16.94 -8.68 -8.94
CA ALA B 147 -15.74 -8.33 -9.71
C ALA B 147 -16.12 -8.08 -11.17
N THR B 148 -17.08 -8.85 -11.69
CA THR B 148 -17.55 -8.62 -13.05
C THR B 148 -18.27 -7.28 -13.14
N TRP B 149 -19.21 -7.00 -12.22
CA TRP B 149 -19.88 -5.72 -12.26
C TRP B 149 -18.93 -4.57 -11.95
N GLY B 150 -17.91 -4.82 -11.14
CA GLY B 150 -16.90 -3.80 -10.90
C GLY B 150 -16.21 -3.38 -12.17
N LEU B 151 -15.83 -4.35 -13.01
CA LEU B 151 -15.32 -4.02 -14.34
C LEU B 151 -16.33 -3.20 -15.13
N VAL B 152 -17.60 -3.61 -15.11
CA VAL B 152 -18.63 -2.88 -15.84
C VAL B 152 -18.70 -1.43 -15.35
N VAL B 153 -18.69 -1.23 -14.04
CA VAL B 153 -18.99 0.09 -13.49
C VAL B 153 -17.77 1.01 -13.54
N THR B 154 -16.60 0.50 -13.14
CA THR B 154 -15.41 1.31 -13.02
C THR B 154 -14.38 1.07 -14.12
N GLY B 155 -14.44 -0.05 -14.81
CA GLY B 155 -13.42 -0.40 -15.77
C GLY B 155 -12.16 -0.98 -15.17
N LYS B 156 -12.13 -1.22 -13.87
CA LYS B 156 -10.98 -1.81 -13.21
C LYS B 156 -11.39 -3.14 -12.60
N LEU B 157 -10.44 -4.08 -12.56
CA LEU B 157 -10.69 -5.39 -11.99
C LEU B 157 -10.05 -5.51 -10.62
N THR B 158 -10.81 -5.99 -9.65
CA THR B 158 -10.24 -6.44 -8.38
C THR B 158 -10.49 -7.93 -8.25
N SER B 159 -9.51 -8.67 -7.74
CA SER B 159 -9.61 -10.12 -7.73
C SER B 159 -10.63 -10.62 -6.71
N THR B 160 -10.80 -9.91 -5.60
CA THR B 160 -11.75 -10.29 -4.57
C THR B 160 -12.68 -9.11 -4.31
N VAL B 161 -13.74 -9.40 -3.56
CA VAL B 161 -14.89 -8.52 -3.39
C VAL B 161 -14.90 -8.03 -1.95
N ASN B 162 -14.98 -6.71 -1.76
CA ASN B 162 -15.13 -6.17 -0.40
C ASN B 162 -16.63 -6.20 -0.09
N ASP B 163 -17.08 -7.33 0.45
CA ASP B 163 -18.52 -7.52 0.64
C ASP B 163 -19.08 -6.66 1.77
N ARG B 164 -18.24 -6.22 2.73
CA ARG B 164 -18.76 -5.30 3.73
C ARG B 164 -18.99 -3.91 3.13
N SER B 165 -18.07 -3.48 2.25
CA SER B 165 -18.25 -2.20 1.59
C SER B 165 -19.46 -2.22 0.67
N LEU B 166 -19.65 -3.31 -0.07
CA LEU B 166 -20.81 -3.42 -0.94
C LEU B 166 -22.10 -3.47 -0.14
N ALA B 167 -22.13 -4.22 0.96
CA ALA B 167 -23.36 -4.27 1.75
C ALA B 167 -23.70 -2.89 2.31
N ALA B 168 -22.68 -2.15 2.77
CA ALA B 168 -22.91 -0.80 3.24
C ALA B 168 -23.41 0.09 2.11
N ALA B 169 -22.83 -0.04 0.91
CA ALA B 169 -23.25 0.82 -0.20
C ALA B 169 -24.68 0.49 -0.61
N LEU B 170 -25.07 -0.78 -0.57
CA LEU B 170 -26.42 -1.13 -0.99
C LEU B 170 -27.44 -0.63 0.03
N THR B 171 -27.17 -0.80 1.31
CA THR B 171 -28.04 -0.24 2.34
C THR B 171 -28.21 1.27 2.17
N ARG B 172 -27.08 1.98 1.98
CA ARG B 172 -27.11 3.43 1.84
C ARG B 172 -27.95 3.85 0.65
N LEU B 173 -27.75 3.18 -0.49
CA LEU B 173 -28.44 3.55 -1.71
C LEU B 173 -29.95 3.34 -1.61
N ILE B 174 -30.37 2.20 -1.05
CA ILE B 174 -31.79 1.92 -0.93
C ILE B 174 -32.43 2.86 0.09
N SER B 175 -31.75 3.09 1.22
CA SER B 175 -32.31 3.98 2.23
C SER B 175 -32.42 5.41 1.73
N ARG B 176 -31.59 5.78 0.75
CA ARG B 176 -31.63 7.12 0.17
C ARG B 176 -32.65 7.26 -0.95
N CYS B 177 -32.71 6.28 -1.88
CA CYS B 177 -33.49 6.42 -3.10
C CYS B 177 -34.64 5.43 -3.24
N GLY B 178 -34.65 4.33 -2.50
CA GLY B 178 -35.87 3.52 -2.43
C GLY B 178 -36.16 2.73 -3.70
N GLU B 179 -37.46 2.44 -3.91
CA GLU B 179 -37.84 1.60 -5.04
C GLU B 179 -37.41 2.13 -6.41
N PRO B 180 -37.48 3.43 -6.71
CA PRO B 180 -37.15 3.87 -8.08
C PRO B 180 -35.73 3.54 -8.51
N VAL B 181 -34.74 3.59 -7.60
CA VAL B 181 -33.40 3.24 -8.07
C VAL B 181 -33.29 1.74 -8.27
N ILE B 182 -33.98 0.92 -7.46
CA ILE B 182 -33.95 -0.53 -7.66
C ILE B 182 -34.55 -0.87 -9.01
N ARG B 183 -35.70 -0.26 -9.34
CA ARG B 183 -36.36 -0.51 -10.61
C ARG B 183 -35.45 -0.15 -11.79
N ARG B 184 -34.79 1.01 -11.73
CA ARG B 184 -33.91 1.41 -12.81
C ARG B 184 -32.68 0.51 -12.93
N GLY B 185 -32.15 0.00 -11.81
CA GLY B 185 -31.04 -0.93 -11.89
C GLY B 185 -31.44 -2.25 -12.52
N VAL B 186 -32.63 -2.76 -12.18
CA VAL B 186 -33.12 -4.01 -12.75
C VAL B 186 -33.27 -3.86 -14.26
N ASP B 187 -33.92 -2.79 -14.70
CA ASP B 187 -34.10 -2.55 -16.14
C ASP B 187 -32.75 -2.46 -16.85
N MET B 188 -31.77 -1.82 -16.21
CA MET B 188 -30.43 -1.70 -16.79
C MET B 188 -29.76 -3.07 -16.91
N ALA B 189 -29.78 -3.85 -15.84
CA ALA B 189 -29.15 -5.17 -15.90
C ALA B 189 -29.83 -6.07 -16.90
N MET B 190 -31.16 -5.97 -17.00
CA MET B 190 -31.90 -6.75 -17.99
C MET B 190 -31.40 -6.42 -19.40
N ARG B 191 -31.25 -5.13 -19.71
CA ARG B 191 -30.78 -4.74 -21.04
C ARG B 191 -29.37 -5.22 -21.29
N MET B 192 -28.45 -4.97 -20.36
CA MET B 192 -27.06 -5.39 -20.55
C MET B 192 -26.95 -6.90 -20.67
N MET B 193 -27.51 -7.63 -19.70
CA MET B 193 -27.32 -9.08 -19.69
C MET B 193 -28.10 -9.80 -20.77
N GLY B 194 -29.09 -9.15 -21.39
CA GLY B 194 -29.92 -9.81 -22.37
C GLY B 194 -29.77 -9.30 -23.79
N GLU B 195 -29.17 -8.11 -23.95
CA GLU B 195 -29.12 -7.46 -25.25
C GLU B 195 -27.72 -6.96 -25.62
N GLN B 196 -26.95 -6.53 -24.62
CA GLN B 196 -25.60 -6.02 -24.88
C GLN B 196 -24.54 -7.10 -24.76
N PHE B 197 -24.62 -7.95 -23.73
CA PHE B 197 -23.61 -8.97 -23.51
C PHE B 197 -23.84 -10.22 -24.36
N VAL B 198 -25.10 -10.54 -24.66
CA VAL B 198 -25.42 -11.64 -25.55
C VAL B 198 -26.31 -11.11 -26.65
N THR B 199 -26.31 -11.81 -27.78
CA THR B 199 -27.30 -11.51 -28.80
C THR B 199 -28.65 -12.12 -28.49
N GLY B 200 -28.71 -13.02 -27.52
CA GLY B 200 -29.98 -13.61 -27.15
C GLY B 200 -29.73 -14.70 -26.14
N GLU B 201 -30.78 -14.99 -25.36
CA GLU B 201 -30.68 -16.03 -24.34
C GLU B 201 -30.64 -17.41 -24.97
N THR B 202 -31.38 -17.62 -26.05
CA THR B 202 -31.42 -18.88 -26.79
C THR B 202 -31.07 -18.60 -28.24
N ILE B 203 -30.73 -19.66 -28.97
CA ILE B 203 -30.37 -19.50 -30.38
C ILE B 203 -31.58 -19.01 -31.17
N ARG B 204 -32.80 -19.41 -30.78
CA ARG B 204 -34.01 -18.94 -31.44
C ARG B 204 -34.12 -17.42 -31.33
N GLU B 205 -33.89 -16.89 -30.13
CA GLU B 205 -33.95 -15.44 -29.94
C GLU B 205 -32.81 -14.74 -30.66
N ALA B 206 -31.61 -15.32 -30.62
CA ALA B 206 -30.47 -14.70 -31.30
C ALA B 206 -30.74 -14.59 -32.80
N LEU B 207 -31.30 -15.64 -33.40
CA LEU B 207 -31.54 -15.63 -34.84
C LEU B 207 -32.58 -14.59 -35.22
N LYS B 208 -33.63 -14.42 -34.39
CA LYS B 208 -34.65 -13.44 -34.70
C LYS B 208 -34.08 -12.02 -34.67
N ARG B 209 -33.21 -11.72 -33.71
CA ARG B 209 -32.60 -10.39 -33.63
C ARG B 209 -31.56 -10.15 -34.72
N SER B 210 -30.97 -11.21 -35.28
CA SER B 210 -29.93 -11.02 -36.28
C SER B 210 -30.46 -10.43 -37.58
N LYS B 211 -31.75 -10.60 -37.88
CA LYS B 211 -32.27 -10.19 -39.18
C LYS B 211 -32.08 -8.70 -39.44
N GLU B 212 -32.16 -7.87 -38.39
CA GLU B 212 -32.02 -6.43 -38.56
C GLU B 212 -30.65 -6.08 -39.14
N LEU B 213 -29.59 -6.58 -38.51
CA LEU B 213 -28.25 -6.26 -38.98
C LEU B 213 -27.88 -7.03 -40.25
N GLU B 214 -28.44 -8.22 -40.45
CA GLU B 214 -28.16 -8.97 -41.67
C GLU B 214 -28.67 -8.24 -42.90
N GLU B 215 -29.85 -7.63 -42.80
CA GLU B 215 -30.37 -6.86 -43.92
C GLU B 215 -29.49 -5.65 -44.23
N LYS B 216 -28.72 -5.18 -43.26
CA LYS B 216 -27.75 -4.11 -43.48
C LYS B 216 -26.41 -4.61 -43.98
N GLY B 217 -26.27 -5.91 -44.23
CA GLY B 217 -25.04 -6.47 -44.77
C GLY B 217 -24.15 -7.17 -43.77
N PHE B 218 -24.48 -7.14 -42.48
CA PHE B 218 -23.69 -7.87 -41.50
C PHE B 218 -23.94 -9.37 -41.61
N SER B 219 -23.01 -10.14 -41.06
CA SER B 219 -23.20 -11.58 -40.89
C SER B 219 -22.88 -11.93 -39.45
N TYR B 220 -23.13 -13.19 -39.08
CA TYR B 220 -22.99 -13.62 -37.70
C TYR B 220 -22.21 -14.93 -37.59
N SER B 221 -21.58 -15.10 -36.44
CA SER B 221 -20.98 -16.36 -36.02
C SER B 221 -21.40 -16.55 -34.57
N TYR B 222 -22.21 -17.57 -34.28
CA TYR B 222 -22.78 -17.70 -32.94
C TYR B 222 -21.89 -18.52 -32.02
N ASP B 223 -21.80 -18.05 -30.78
CA ASP B 223 -20.96 -18.61 -29.73
C ASP B 223 -21.88 -19.06 -28.61
N MET B 224 -22.04 -20.37 -28.45
CA MET B 224 -22.96 -20.90 -27.44
C MET B 224 -22.37 -20.89 -26.04
N LEU B 225 -21.18 -20.34 -25.85
CA LEU B 225 -20.64 -19.98 -24.54
C LEU B 225 -20.21 -21.19 -23.71
N GLY B 226 -19.82 -22.29 -24.37
CA GLY B 226 -19.27 -23.43 -23.68
C GLY B 226 -17.75 -23.39 -23.71
N GLU B 227 -17.12 -23.87 -22.63
CA GLU B 227 -15.68 -24.02 -22.61
C GLU B 227 -15.26 -24.78 -21.36
N ALA B 228 -14.07 -25.36 -21.43
CA ALA B 228 -13.45 -26.03 -20.29
C ALA B 228 -14.42 -27.00 -19.61
N ALA B 229 -14.86 -28.01 -20.37
CA ALA B 229 -15.57 -29.12 -19.75
C ALA B 229 -14.73 -29.71 -18.64
N THR B 230 -15.38 -29.96 -17.50
CA THR B 230 -14.75 -30.56 -16.33
C THR B 230 -15.01 -32.06 -16.24
N THR B 231 -16.18 -32.49 -16.74
CA THR B 231 -16.60 -33.87 -16.66
C THR B 231 -17.03 -34.36 -18.04
N ALA B 232 -17.16 -35.68 -18.16
CA ALA B 232 -17.72 -36.28 -19.37
C ALA B 232 -19.12 -35.74 -19.64
N ALA B 233 -19.94 -35.56 -18.59
CA ALA B 233 -21.29 -35.06 -18.77
C ALA B 233 -21.29 -33.63 -19.30
N ASP B 234 -20.37 -32.79 -18.82
CA ASP B 234 -20.22 -31.43 -19.37
C ASP B 234 -19.96 -31.49 -20.87
N ALA B 235 -18.95 -32.27 -21.26
CA ALA B 235 -18.54 -32.31 -22.66
C ALA B 235 -19.67 -32.84 -23.54
N GLU B 236 -20.39 -33.86 -23.07
CA GLU B 236 -21.51 -34.38 -23.84
C GLU B 236 -22.60 -33.33 -23.99
N ARG B 237 -22.86 -32.57 -22.92
CA ARG B 237 -23.87 -31.53 -22.97
C ARG B 237 -23.49 -30.44 -23.96
N TYR B 238 -22.25 -29.97 -23.90
CA TYR B 238 -21.81 -28.93 -24.82
C TYR B 238 -21.88 -29.41 -26.26
N TYR B 239 -21.51 -30.68 -26.48
CA TYR B 239 -21.64 -31.25 -27.83
C TYR B 239 -23.08 -31.21 -28.31
N ARG B 240 -24.02 -31.64 -27.48
CA ARG B 240 -25.41 -31.62 -27.92
C ARG B 240 -25.92 -30.20 -28.12
N ASP B 241 -25.42 -29.25 -27.31
CA ASP B 241 -25.82 -27.86 -27.48
C ASP B 241 -25.31 -27.28 -28.79
N TYR B 242 -24.06 -27.62 -29.17
CA TYR B 242 -23.54 -27.22 -30.48
C TYR B 242 -24.35 -27.84 -31.61
N GLU B 243 -24.67 -29.14 -31.48
CA GLU B 243 -25.46 -29.84 -32.49
C GLU B 243 -26.82 -29.18 -32.68
N SER B 244 -27.52 -28.90 -31.58
CA SER B 244 -28.82 -28.23 -31.66
CA SER B 244 -28.82 -28.25 -31.69
C SER B 244 -28.69 -26.88 -32.35
N ALA B 245 -27.65 -26.12 -32.01
CA ALA B 245 -27.51 -24.78 -32.57
C ALA B 245 -27.25 -24.83 -34.07
N ILE B 246 -26.42 -25.79 -34.51
CA ILE B 246 -26.13 -25.92 -35.95
C ILE B 246 -27.40 -26.18 -36.72
N HIS B 247 -28.29 -27.04 -36.18
CA HIS B 247 -29.55 -27.26 -36.86
C HIS B 247 -30.35 -25.96 -36.99
N ALA B 248 -30.36 -25.16 -35.92
CA ALA B 248 -31.14 -23.92 -35.97
C ALA B 248 -30.49 -22.90 -36.89
N ILE B 249 -29.16 -22.74 -36.77
CA ILE B 249 -28.44 -21.79 -37.62
C ILE B 249 -28.51 -22.24 -39.07
N GLY B 250 -28.32 -23.54 -39.31
CA GLY B 250 -28.35 -24.04 -40.68
C GLY B 250 -29.69 -23.81 -41.34
N LYS B 251 -30.79 -24.10 -40.62
CA LYS B 251 -32.11 -23.84 -41.15
C LYS B 251 -32.30 -22.35 -41.42
N ALA B 252 -31.84 -21.49 -40.52
CA ALA B 252 -32.01 -20.06 -40.71
C ALA B 252 -31.16 -19.56 -41.88
N SER B 253 -29.97 -20.12 -42.05
CA SER B 253 -29.12 -19.73 -43.17
C SER B 253 -29.85 -19.90 -44.49
N ALA B 254 -30.60 -20.99 -44.64
CA ALA B 254 -31.48 -21.21 -45.79
C ALA B 254 -30.71 -21.06 -47.11
N GLY B 255 -29.52 -21.64 -47.16
CA GLY B 255 -28.75 -21.70 -48.38
C GLY B 255 -28.00 -20.45 -48.76
N ARG B 256 -27.89 -19.47 -47.87
CA ARG B 256 -27.16 -18.24 -48.21
C ARG B 256 -25.66 -18.45 -48.32
N GLY B 257 -25.14 -19.58 -47.86
CA GLY B 257 -23.74 -19.91 -48.03
C GLY B 257 -22.86 -19.41 -46.90
N ILE B 258 -21.60 -19.84 -46.94
CA ILE B 258 -20.69 -19.61 -45.83
C ILE B 258 -20.26 -18.16 -45.70
N TYR B 259 -20.36 -17.36 -46.77
CA TYR B 259 -19.87 -15.98 -46.65
C TYR B 259 -21.00 -15.03 -46.25
N GLU B 260 -22.16 -15.12 -46.91
CA GLU B 260 -23.27 -14.25 -46.55
C GLU B 260 -24.06 -14.78 -45.36
N GLY B 261 -24.18 -16.09 -45.23
CA GLY B 261 -24.98 -16.70 -44.19
C GLY B 261 -24.25 -16.85 -42.87
N PRO B 262 -24.98 -17.21 -41.83
CA PRO B 262 -24.39 -17.27 -40.49
C PRO B 262 -23.61 -18.56 -40.27
N GLY B 263 -22.71 -18.50 -39.28
CA GLY B 263 -21.91 -19.64 -38.89
C GLY B 263 -21.91 -19.88 -37.39
N ILE B 264 -21.09 -20.82 -36.95
CA ILE B 264 -20.97 -21.13 -35.54
C ILE B 264 -19.50 -21.19 -35.17
N SER B 265 -19.18 -20.82 -33.93
CA SER B 265 -17.84 -20.92 -33.38
C SER B 265 -17.87 -21.89 -32.20
N ILE B 266 -16.86 -22.74 -32.11
CA ILE B 266 -16.76 -23.72 -31.03
C ILE B 266 -15.41 -23.61 -30.36
N LYS B 267 -15.35 -24.11 -29.13
CA LYS B 267 -14.10 -24.26 -28.39
C LYS B 267 -13.86 -25.73 -28.15
N LEU B 268 -12.68 -26.22 -28.57
CA LEU B 268 -12.39 -27.62 -28.38
C LEU B 268 -12.34 -28.00 -26.90
N SER B 269 -12.02 -27.05 -26.01
CA SER B 269 -12.01 -27.38 -24.58
C SER B 269 -13.40 -27.70 -24.06
N ALA B 270 -14.45 -27.32 -24.78
CA ALA B 270 -15.81 -27.67 -24.39
C ALA B 270 -16.16 -29.11 -24.71
N LEU B 271 -15.41 -29.75 -25.61
CA LEU B 271 -15.84 -31.02 -26.19
C LEU B 271 -15.15 -32.22 -25.56
N HIS B 272 -14.25 -31.99 -24.61
CA HIS B 272 -13.60 -33.09 -23.91
C HIS B 272 -13.04 -32.57 -22.60
N PRO B 273 -13.16 -33.32 -21.50
CA PRO B 273 -12.63 -32.83 -20.21
C PRO B 273 -11.10 -32.91 -20.09
N ARG B 274 -10.41 -33.60 -20.99
CA ARG B 274 -8.96 -33.72 -20.93
C ARG B 274 -8.34 -33.30 -22.25
N TYR B 275 -8.68 -32.08 -22.69
CA TYR B 275 -8.13 -31.52 -23.91
C TYR B 275 -6.73 -30.97 -23.64
N SER B 276 -5.69 -31.77 -23.92
CA SER B 276 -4.32 -31.35 -23.66
C SER B 276 -3.38 -32.32 -24.37
N ARG B 277 -2.15 -31.84 -24.60
CA ARG B 277 -1.14 -32.65 -25.28
C ARG B 277 -0.87 -33.94 -24.51
N ALA B 278 -0.92 -33.88 -23.17
CA ALA B 278 -0.65 -35.08 -22.37
C ALA B 278 -1.66 -36.18 -22.67
N GLN B 279 -2.87 -35.82 -23.06
CA GLN B 279 -3.93 -36.77 -23.37
C GLN B 279 -4.24 -36.81 -24.87
N ALA B 280 -3.22 -36.60 -25.70
CA ALA B 280 -3.43 -36.50 -27.14
C ALA B 280 -4.16 -37.71 -27.69
N ALA B 281 -3.81 -38.92 -27.21
CA ALA B 281 -4.48 -40.12 -27.73
C ALA B 281 -5.98 -40.09 -27.46
N ARG B 282 -6.38 -39.68 -26.24
CA ARG B 282 -7.81 -39.54 -25.99
C ARG B 282 -8.41 -38.41 -26.79
N VAL B 283 -7.66 -37.33 -27.02
CA VAL B 283 -8.18 -36.22 -27.82
C VAL B 283 -8.48 -36.69 -29.24
N MET B 284 -7.51 -37.35 -29.89
CA MET B 284 -7.75 -37.81 -31.25
C MET B 284 -8.83 -38.88 -31.31
N GLY B 285 -8.95 -39.69 -30.26
CA GLY B 285 -9.91 -40.79 -30.28
C GLY B 285 -11.33 -40.42 -29.88
N GLU B 286 -11.50 -39.40 -29.04
CA GLU B 286 -12.79 -39.06 -28.47
C GLU B 286 -13.25 -37.66 -28.83
N LEU B 287 -12.35 -36.68 -28.81
CA LEU B 287 -12.71 -35.31 -29.17
C LEU B 287 -12.91 -35.18 -30.68
N LEU B 288 -11.95 -35.66 -31.46
CA LEU B 288 -12.01 -35.51 -32.92
C LEU B 288 -13.30 -36.04 -33.53
N PRO B 289 -13.82 -37.22 -33.17
CA PRO B 289 -15.11 -37.64 -33.75
C PRO B 289 -16.26 -36.68 -33.46
N ARG B 290 -16.23 -36.04 -32.29
CA ARG B 290 -17.28 -35.06 -32.00
C ARG B 290 -17.19 -33.87 -32.95
N VAL B 291 -15.96 -33.35 -33.16
CA VAL B 291 -15.81 -32.22 -34.07
C VAL B 291 -16.17 -32.62 -35.49
N LYS B 292 -15.76 -33.82 -35.92
CA LYS B 292 -16.14 -34.30 -37.25
C LYS B 292 -17.65 -34.32 -37.43
N ALA B 293 -18.37 -34.81 -36.41
CA ALA B 293 -19.82 -34.90 -36.51
C ALA B 293 -20.45 -33.53 -36.66
N LEU B 294 -19.97 -32.56 -35.89
CA LEU B 294 -20.48 -31.19 -36.00
C LEU B 294 -20.12 -30.60 -37.36
N ALA B 295 -18.90 -30.84 -37.84
CA ALA B 295 -18.50 -30.34 -39.14
C ALA B 295 -19.36 -30.93 -40.25
N LEU B 296 -19.71 -32.21 -40.13
CA LEU B 296 -20.55 -32.84 -41.14
C LEU B 296 -21.94 -32.22 -41.19
N LEU B 297 -22.50 -31.88 -40.02
CA LEU B 297 -23.74 -31.12 -39.98
C LEU B 297 -23.56 -29.74 -40.61
N ALA B 298 -22.47 -29.05 -40.26
CA ALA B 298 -22.21 -27.73 -40.82
C ALA B 298 -22.10 -27.79 -42.35
N LYS B 299 -21.46 -28.84 -42.87
CA LYS B 299 -21.35 -29.01 -44.32
C LYS B 299 -22.72 -29.20 -44.95
N ASN B 300 -23.56 -30.04 -44.33
CA ASN B 300 -24.87 -30.33 -44.89
C ASN B 300 -25.72 -29.07 -45.03
N TYR B 301 -25.60 -28.15 -44.08
CA TYR B 301 -26.31 -26.88 -44.17
C TYR B 301 -25.51 -25.81 -44.91
N ASP B 302 -24.25 -26.09 -45.22
CA ASP B 302 -23.31 -25.14 -45.84
C ASP B 302 -23.20 -23.84 -45.03
N ILE B 303 -22.88 -23.99 -43.75
CA ILE B 303 -22.54 -22.85 -42.90
C ILE B 303 -21.09 -22.99 -42.45
N GLY B 304 -20.55 -21.90 -41.92
CA GLY B 304 -19.20 -21.93 -41.38
C GLY B 304 -19.18 -22.53 -39.98
N LEU B 305 -18.10 -23.24 -39.69
CA LEU B 305 -17.82 -23.74 -38.35
C LEU B 305 -16.39 -23.36 -38.00
N ASN B 306 -16.23 -22.50 -37.00
CA ASN B 306 -14.92 -21.94 -36.64
C ASN B 306 -14.41 -22.55 -35.34
N ILE B 307 -13.14 -22.94 -35.31
CA ILE B 307 -12.50 -23.40 -34.09
C ILE B 307 -11.81 -22.22 -33.42
N ASP B 308 -12.33 -21.78 -32.28
CA ASP B 308 -11.72 -20.69 -31.52
C ASP B 308 -10.34 -21.10 -31.01
N ALA B 309 -9.45 -20.13 -30.90
CA ALA B 309 -8.12 -20.39 -30.38
C ALA B 309 -8.07 -20.09 -28.89
N GLU B 310 -7.43 -21.00 -28.13
CA GLU B 310 -7.41 -20.88 -26.68
C GLU B 310 -5.98 -20.72 -26.16
N GLU B 311 -5.58 -21.49 -25.15
CA GLU B 311 -4.27 -21.27 -24.53
C GLU B 311 -3.14 -21.71 -25.47
N ALA B 312 -1.96 -21.13 -25.26
CA ALA B 312 -0.84 -21.41 -26.15
C ALA B 312 -0.48 -22.89 -26.19
N ASP B 313 -0.63 -23.60 -25.06
CA ASP B 313 -0.23 -25.01 -25.05
C ASP B 313 -1.25 -25.93 -25.73
N ARG B 314 -2.31 -25.39 -26.31
CA ARG B 314 -3.26 -26.15 -27.10
C ARG B 314 -3.17 -25.85 -28.58
N LEU B 315 -2.32 -24.91 -28.98
CA LEU B 315 -2.26 -24.49 -30.37
C LEU B 315 -1.89 -25.65 -31.27
N GLU B 316 -0.75 -26.30 -31.02
CA GLU B 316 -0.29 -27.31 -31.96
C GLU B 316 -1.17 -28.55 -31.92
N LEU B 317 -1.67 -28.90 -30.74
CA LEU B 317 -2.64 -30.00 -30.66
C LEU B 317 -3.83 -29.74 -31.57
N SER B 318 -4.37 -28.52 -31.57
CA SER B 318 -5.54 -28.24 -32.42
C SER B 318 -5.22 -28.41 -33.90
N LEU B 319 -3.96 -28.17 -34.29
CA LEU B 319 -3.56 -28.36 -35.69
C LEU B 319 -3.69 -29.82 -36.12
N ASP B 320 -3.48 -30.77 -35.20
CA ASP B 320 -3.65 -32.17 -35.58
C ASP B 320 -5.10 -32.50 -35.88
N LEU B 321 -6.04 -31.83 -35.22
CA LEU B 321 -7.44 -32.05 -35.56
C LEU B 321 -7.78 -31.36 -36.89
N LEU B 322 -7.26 -30.15 -37.09
CA LEU B 322 -7.49 -29.44 -38.34
C LEU B 322 -6.99 -30.27 -39.52
N GLU B 323 -5.82 -30.89 -39.37
CA GLU B 323 -5.27 -31.72 -40.45
C GLU B 323 -6.21 -32.84 -40.83
N VAL B 324 -6.74 -33.56 -39.83
CA VAL B 324 -7.60 -34.71 -40.12
C VAL B 324 -8.91 -34.26 -40.75
N LEU B 325 -9.50 -33.16 -40.26
CA LEU B 325 -10.74 -32.67 -40.86
C LEU B 325 -10.53 -32.23 -42.30
N CYS B 326 -9.41 -31.58 -42.62
CA CYS B 326 -9.24 -31.11 -43.98
C CYS B 326 -9.00 -32.25 -44.97
N LEU B 327 -8.54 -33.40 -44.50
CA LEU B 327 -8.33 -34.58 -45.36
C LEU B 327 -9.52 -35.55 -45.32
N ASP B 328 -10.56 -35.23 -44.58
CA ASP B 328 -11.73 -36.11 -44.48
C ASP B 328 -12.62 -35.91 -45.69
N GLY B 329 -12.75 -36.94 -46.52
CA GLY B 329 -13.56 -36.87 -47.72
C GLY B 329 -15.05 -36.66 -47.43
N ASP B 330 -15.52 -37.02 -46.24
CA ASP B 330 -16.92 -36.76 -45.91
C ASP B 330 -17.25 -35.28 -45.99
N LEU B 331 -16.25 -34.42 -45.80
CA LEU B 331 -16.44 -32.97 -45.86
C LEU B 331 -16.06 -32.38 -47.21
N SER B 332 -15.90 -33.21 -48.23
CA SER B 332 -15.35 -32.75 -49.51
C SER B 332 -16.17 -31.61 -50.09
N GLY B 333 -15.48 -30.56 -50.52
CA GLY B 333 -16.13 -29.42 -51.17
C GLY B 333 -16.66 -28.36 -50.24
N TRP B 334 -16.61 -28.56 -48.93
CA TRP B 334 -17.12 -27.60 -47.96
C TRP B 334 -15.97 -26.67 -47.54
N ASN B 335 -16.17 -25.37 -47.74
CA ASN B 335 -15.15 -24.38 -47.43
C ASN B 335 -15.47 -23.60 -46.16
N GLY B 336 -16.38 -24.11 -45.34
CA GLY B 336 -16.78 -23.44 -44.11
C GLY B 336 -15.92 -23.72 -42.90
N MET B 337 -14.94 -24.62 -42.98
CA MET B 337 -14.05 -24.87 -41.85
C MET B 337 -13.25 -23.61 -41.53
N GLY B 338 -13.33 -23.16 -40.28
CA GLY B 338 -12.63 -21.96 -39.85
C GLY B 338 -11.67 -22.25 -38.71
N PHE B 339 -10.63 -21.43 -38.61
CA PHE B 339 -9.58 -21.66 -37.62
C PHE B 339 -9.00 -20.32 -37.22
N VAL B 340 -8.92 -20.08 -35.91
CA VAL B 340 -8.41 -18.82 -35.39
C VAL B 340 -6.91 -18.92 -35.19
N VAL B 341 -6.19 -17.85 -35.50
CA VAL B 341 -4.77 -17.75 -35.16
C VAL B 341 -4.55 -16.43 -34.43
N GLN B 342 -3.70 -16.47 -33.39
CA GLN B 342 -3.48 -15.35 -32.47
C GLN B 342 -2.16 -14.66 -32.80
N ALA B 343 -2.23 -13.39 -33.22
CA ALA B 343 -1.05 -12.62 -33.60
C ALA B 343 -0.12 -12.31 -32.43
N TYR B 344 -0.61 -12.37 -31.19
CA TYR B 344 0.34 -12.14 -30.10
C TYR B 344 1.27 -13.31 -29.88
N GLY B 345 1.08 -14.42 -30.60
CA GLY B 345 1.92 -15.60 -30.44
C GLY B 345 3.11 -15.56 -31.40
N LYS B 346 4.27 -15.96 -30.88
CA LYS B 346 5.48 -15.98 -31.71
C LYS B 346 5.37 -16.98 -32.85
N ARG B 347 4.50 -17.99 -32.73
CA ARG B 347 4.41 -18.97 -33.81
C ARG B 347 3.48 -18.54 -34.94
N CYS B 348 2.76 -17.43 -34.77
CA CYS B 348 1.66 -17.08 -35.68
C CYS B 348 2.02 -17.13 -37.17
N PRO B 349 3.13 -16.54 -37.65
CA PRO B 349 3.40 -16.63 -39.10
C PRO B 349 3.67 -18.05 -39.55
N PHE B 350 4.28 -18.87 -38.72
CA PHE B 350 4.57 -20.24 -39.10
C PHE B 350 3.32 -21.10 -39.10
N VAL B 351 2.40 -20.84 -38.17
CA VAL B 351 1.09 -21.48 -38.18
C VAL B 351 0.33 -21.14 -39.45
N LEU B 352 0.38 -19.87 -39.86
CA LEU B 352 -0.32 -19.49 -41.08
C LEU B 352 0.30 -20.15 -42.31
N ASP B 353 1.63 -20.27 -42.35
CA ASP B 353 2.27 -21.02 -43.42
C ASP B 353 1.76 -22.46 -43.46
N PHE B 354 1.68 -23.10 -42.29
CA PHE B 354 1.15 -24.46 -42.24
C PHE B 354 -0.27 -24.52 -42.75
N ILE B 355 -1.13 -23.57 -42.32
CA ILE B 355 -2.54 -23.61 -42.70
C ILE B 355 -2.70 -23.34 -44.19
N ILE B 356 -1.95 -22.39 -44.73
CA ILE B 356 -2.04 -22.09 -46.16
C ILE B 356 -1.63 -23.30 -46.97
N ASP B 357 -0.55 -23.97 -46.56
CA ASP B 357 -0.13 -25.18 -47.24
C ASP B 357 -1.18 -26.28 -47.10
N LEU B 358 -1.76 -26.45 -45.90
CA LEU B 358 -2.83 -27.45 -45.75
C LEU B 358 -3.99 -27.17 -46.70
N ALA B 359 -4.38 -25.90 -46.84
CA ALA B 359 -5.47 -25.56 -47.74
C ALA B 359 -5.10 -25.91 -49.18
N ARG B 360 -3.88 -25.58 -49.60
CA ARG B 360 -3.43 -25.92 -50.95
C ARG B 360 -3.44 -27.42 -51.18
N ARG B 361 -2.89 -28.18 -50.22
CA ARG B 361 -2.81 -29.63 -50.33
C ARG B 361 -4.18 -30.28 -50.41
N SER B 362 -5.14 -29.79 -49.63
CA SER B 362 -6.40 -30.49 -49.41
C SER B 362 -7.53 -30.02 -50.29
N GLY B 363 -7.34 -28.93 -51.04
CA GLY B 363 -8.43 -28.42 -51.83
C GLY B 363 -9.57 -27.86 -51.02
N ARG B 364 -9.25 -27.31 -49.85
CA ARG B 364 -10.23 -26.67 -48.97
C ARG B 364 -9.82 -25.23 -48.81
N ARG B 365 -10.76 -24.31 -49.03
CA ARG B 365 -10.49 -22.91 -48.72
C ARG B 365 -10.80 -22.71 -47.23
N ILE B 366 -9.75 -22.58 -46.43
CA ILE B 366 -9.90 -22.52 -44.98
C ILE B 366 -10.18 -21.09 -44.57
N MET B 367 -11.20 -20.91 -43.73
CA MET B 367 -11.49 -19.60 -43.15
C MET B 367 -10.55 -19.37 -41.98
N VAL B 368 -9.81 -18.26 -42.01
CA VAL B 368 -8.78 -18.00 -41.01
C VAL B 368 -9.12 -16.69 -40.31
N ARG B 369 -9.50 -16.78 -39.03
CA ARG B 369 -9.79 -15.59 -38.24
C ARG B 369 -8.49 -15.17 -37.57
N LEU B 370 -7.98 -14.00 -37.94
CA LEU B 370 -6.79 -13.45 -37.31
C LEU B 370 -7.22 -12.56 -36.16
N VAL B 371 -6.81 -12.92 -34.95
CA VAL B 371 -7.09 -12.14 -33.74
C VAL B 371 -5.76 -11.76 -33.13
N LYS B 372 -5.79 -10.85 -32.17
CA LYS B 372 -4.55 -10.58 -31.44
C LYS B 372 -4.30 -11.61 -30.34
N GLY B 373 -5.31 -11.89 -29.50
CA GLY B 373 -5.20 -12.97 -28.52
C GLY B 373 -5.83 -12.61 -27.20
N ALA B 374 -6.60 -13.54 -26.60
CA ALA B 374 -7.45 -13.23 -25.46
C ALA B 374 -6.89 -13.68 -24.11
N TYR B 375 -5.71 -14.29 -24.08
CA TYR B 375 -5.22 -14.96 -22.87
C TYR B 375 -3.88 -14.42 -22.40
N TRP B 376 -3.59 -13.15 -22.70
CA TRP B 376 -2.23 -12.63 -22.55
C TRP B 376 -1.74 -12.75 -21.12
N ASP B 377 -2.48 -12.21 -20.16
CA ASP B 377 -1.90 -12.19 -18.81
C ASP B 377 -1.76 -13.59 -18.25
N ALA B 378 -2.63 -14.52 -18.65
CA ALA B 378 -2.47 -15.91 -18.24
C ALA B 378 -1.23 -16.54 -18.84
N GLU B 379 -0.86 -16.16 -20.07
CA GLU B 379 0.33 -16.75 -20.69
C GLU B 379 1.58 -16.25 -20.00
N ILE B 380 1.62 -14.97 -19.61
CA ILE B 380 2.78 -14.47 -18.86
C ILE B 380 2.94 -15.23 -17.56
N LYS B 381 1.85 -15.37 -16.79
CA LYS B 381 1.92 -16.06 -15.52
C LYS B 381 2.35 -17.51 -15.68
N ARG B 382 1.76 -18.22 -16.64
CA ARG B 382 2.08 -19.65 -16.83
C ARG B 382 3.57 -19.85 -17.14
N ALA B 383 4.09 -19.06 -18.06
CA ALA B 383 5.50 -19.20 -18.43
C ALA B 383 6.41 -18.90 -17.24
N GLN B 384 6.04 -17.92 -16.42
CA GLN B 384 6.83 -17.62 -15.23
C GLN B 384 6.76 -18.75 -14.22
N LEU B 385 5.56 -19.28 -13.97
CA LEU B 385 5.42 -20.39 -13.04
C LEU B 385 6.23 -21.59 -13.49
N ASP B 386 6.25 -21.87 -14.78
CA ASP B 386 6.85 -23.09 -15.28
C ASP B 386 8.34 -22.95 -15.54
N GLY B 387 8.92 -21.78 -15.27
CA GLY B 387 10.34 -21.53 -15.48
C GLY B 387 10.81 -21.78 -16.90
N LEU B 388 9.98 -21.45 -17.89
CA LEU B 388 10.37 -21.78 -19.25
C LEU B 388 11.28 -20.69 -19.85
N ALA B 389 11.84 -21.00 -21.02
CA ALA B 389 12.93 -20.20 -21.56
C ALA B 389 12.50 -18.78 -21.90
N ASP B 390 11.27 -18.62 -22.36
CA ASP B 390 10.77 -17.30 -22.73
C ASP B 390 9.25 -17.45 -22.80
N PHE B 391 8.56 -16.34 -23.14
CA PHE B 391 7.11 -16.41 -23.27
C PHE B 391 6.72 -16.91 -24.67
N PRO B 392 5.55 -17.51 -24.82
CA PRO B 392 5.05 -17.88 -26.15
C PRO B 392 4.28 -16.76 -26.83
N VAL B 393 4.22 -15.60 -26.18
CA VAL B 393 3.55 -14.42 -26.69
C VAL B 393 4.52 -13.26 -26.57
N PHE B 394 4.25 -12.18 -27.31
CA PHE B 394 4.98 -10.93 -27.15
C PHE B 394 4.64 -10.28 -25.81
N THR B 395 5.54 -9.40 -25.35
CA THR B 395 5.36 -8.71 -24.09
C THR B 395 5.14 -7.22 -24.22
N ARG B 396 5.32 -6.64 -25.41
CA ARG B 396 4.95 -5.26 -25.68
C ARG B 396 3.75 -5.24 -26.60
N LYS B 397 2.75 -4.44 -26.26
CA LYS B 397 1.51 -4.45 -27.03
C LYS B 397 1.75 -4.06 -28.49
N ILE B 398 2.68 -3.12 -28.72
CA ILE B 398 2.97 -2.71 -30.08
C ILE B 398 3.57 -3.85 -30.90
N HIS B 399 4.23 -4.83 -30.27
CA HIS B 399 4.75 -5.97 -31.02
C HIS B 399 3.63 -6.82 -31.59
N THR B 400 2.60 -7.06 -30.79
CA THR B 400 1.43 -7.78 -31.26
C THR B 400 0.79 -7.06 -32.44
N ASP B 401 0.70 -5.73 -32.37
CA ASP B 401 0.14 -4.96 -33.49
C ASP B 401 0.95 -5.14 -34.76
N VAL B 402 2.28 -5.12 -34.67
CA VAL B 402 3.11 -5.33 -35.85
C VAL B 402 2.96 -6.76 -36.36
N SER B 403 2.97 -7.73 -35.45
CA SER B 403 2.71 -9.11 -35.83
C SER B 403 1.37 -9.24 -36.57
N TYR B 404 0.33 -8.59 -36.06
CA TYR B 404 -0.99 -8.67 -36.69
C TYR B 404 -0.95 -8.15 -38.12
N ILE B 405 -0.35 -6.98 -38.32
CA ILE B 405 -0.29 -6.41 -39.66
C ILE B 405 0.56 -7.27 -40.59
N ALA B 406 1.68 -7.82 -40.10
CA ALA B 406 2.51 -8.69 -40.93
C ALA B 406 1.77 -9.96 -41.32
N CYS B 407 1.02 -10.56 -40.39
CA CYS B 407 0.26 -11.75 -40.72
C CYS B 407 -0.92 -11.44 -41.62
N ALA B 408 -1.48 -10.23 -41.51
CA ALA B 408 -2.49 -9.79 -42.46
C ALA B 408 -1.93 -9.75 -43.87
N ALA B 409 -0.71 -9.20 -44.05
CA ALA B 409 -0.10 -9.18 -45.37
C ALA B 409 0.06 -10.59 -45.93
N LYS B 410 0.37 -11.55 -45.06
CA LYS B 410 0.55 -12.93 -45.51
C LYS B 410 -0.78 -13.53 -45.96
N LEU B 411 -1.84 -13.30 -45.18
CA LEU B 411 -3.14 -13.87 -45.52
C LEU B 411 -3.68 -13.27 -46.82
N LEU B 412 -3.52 -11.96 -47.00
CA LEU B 412 -4.02 -11.28 -48.19
C LEU B 412 -3.34 -11.75 -49.47
N ALA B 413 -2.13 -12.29 -49.38
CA ALA B 413 -1.46 -12.82 -50.57
C ALA B 413 -1.84 -14.27 -50.86
N ALA B 414 -2.74 -14.86 -50.06
CA ALA B 414 -3.12 -16.26 -50.23
C ALA B 414 -4.64 -16.43 -50.29
N THR B 415 -5.37 -15.38 -50.67
CA THR B 415 -6.83 -15.42 -50.69
C THR B 415 -7.40 -16.42 -51.69
N ASP B 416 -6.58 -17.04 -52.53
CA ASP B 416 -7.08 -18.13 -53.36
C ASP B 416 -7.41 -19.36 -52.52
N VAL B 417 -6.58 -19.67 -51.53
CA VAL B 417 -6.76 -20.87 -50.74
C VAL B 417 -7.17 -20.61 -49.30
N VAL B 418 -7.21 -19.35 -48.84
CA VAL B 418 -7.73 -19.05 -47.52
C VAL B 418 -8.62 -17.81 -47.58
N PHE B 419 -9.58 -17.77 -46.66
CA PHE B 419 -10.51 -16.65 -46.54
C PHE B 419 -10.16 -15.84 -45.28
N PRO B 420 -9.46 -14.72 -45.42
CA PRO B 420 -9.01 -13.98 -44.22
C PRO B 420 -10.17 -13.27 -43.53
N GLN B 421 -10.20 -13.38 -42.21
CA GLN B 421 -11.22 -12.76 -41.37
C GLN B 421 -10.48 -11.94 -40.31
N PHE B 422 -10.46 -10.62 -40.49
CA PHE B 422 -9.66 -9.75 -39.62
C PHE B 422 -10.51 -9.31 -38.44
N ALA B 423 -10.31 -9.99 -37.30
CA ALA B 423 -11.07 -9.77 -36.08
C ALA B 423 -10.32 -8.82 -35.16
N THR B 424 -10.65 -7.54 -35.23
CA THR B 424 -10.02 -6.55 -34.36
C THR B 424 -10.95 -5.35 -34.26
N HIS B 425 -10.94 -4.70 -33.11
CA HIS B 425 -11.69 -3.48 -32.89
C HIS B 425 -10.85 -2.23 -33.07
N ASN B 426 -9.58 -2.38 -33.42
CA ASN B 426 -8.61 -1.29 -33.42
C ASN B 426 -8.69 -0.54 -34.75
N ALA B 427 -9.09 0.74 -34.69
CA ALA B 427 -9.28 1.52 -35.91
C ALA B 427 -8.01 1.65 -36.71
N GLN B 428 -6.86 1.83 -36.03
CA GLN B 428 -5.60 1.95 -36.76
C GLN B 428 -5.26 0.64 -37.45
N THR B 429 -5.41 -0.49 -36.75
CA THR B 429 -5.22 -1.79 -37.37
C THR B 429 -6.12 -1.97 -38.58
N LEU B 430 -7.42 -1.72 -38.41
CA LEU B 430 -8.37 -1.87 -39.51
C LEU B 430 -7.97 -1.03 -40.71
N ALA B 431 -7.66 0.25 -40.47
CA ALA B 431 -7.33 1.15 -41.58
C ALA B 431 -6.12 0.64 -42.36
N ALA B 432 -5.07 0.21 -41.63
CA ALA B 432 -3.87 -0.30 -42.28
C ALA B 432 -4.20 -1.51 -43.15
N ILE B 433 -5.10 -2.38 -42.68
CA ILE B 433 -5.45 -3.57 -43.45
C ILE B 433 -6.34 -3.21 -44.63
N TYR B 434 -7.32 -2.33 -44.40
CA TYR B 434 -8.19 -1.89 -45.48
C TYR B 434 -7.38 -1.36 -46.67
N HIS B 435 -6.36 -0.56 -46.41
CA HIS B 435 -5.56 -0.01 -47.50
C HIS B 435 -4.55 -1.01 -48.04
N MET B 436 -4.07 -1.93 -47.20
CA MET B 436 -3.15 -2.96 -47.68
C MET B 436 -3.83 -3.88 -48.69
N ALA B 437 -5.13 -4.16 -48.50
CA ALA B 437 -5.84 -5.09 -49.37
C ALA B 437 -6.08 -4.54 -50.77
N GLY B 438 -6.11 -3.21 -50.92
CA GLY B 438 -6.23 -2.62 -52.23
C GLY B 438 -7.66 -2.27 -52.61
N LYS B 439 -7.78 -1.75 -53.83
CA LYS B 439 -9.07 -1.26 -54.32
C LYS B 439 -10.00 -2.40 -54.72
N ASP B 440 -9.46 -3.45 -55.35
CA ASP B 440 -10.31 -4.52 -55.87
C ASP B 440 -10.90 -5.32 -54.72
N PHE B 441 -12.23 -5.31 -54.61
CA PHE B 441 -12.90 -6.09 -53.57
C PHE B 441 -14.18 -6.73 -54.10
N HIS B 442 -14.41 -7.97 -53.68
CA HIS B 442 -15.67 -8.67 -53.83
C HIS B 442 -15.95 -9.40 -52.52
N VAL B 443 -17.22 -9.71 -52.28
CA VAL B 443 -17.56 -10.52 -51.12
C VAL B 443 -17.01 -11.93 -51.35
N GLY B 444 -16.36 -12.49 -50.33
CA GLY B 444 -15.64 -13.73 -50.45
C GLY B 444 -14.14 -13.57 -50.49
N LYS B 445 -13.64 -12.36 -50.79
CA LYS B 445 -12.22 -12.09 -50.77
C LYS B 445 -11.67 -12.14 -49.34
N TYR B 446 -12.18 -11.25 -48.49
CA TYR B 446 -11.90 -11.29 -47.06
C TYR B 446 -13.07 -10.61 -46.35
N GLU B 447 -13.01 -10.56 -45.02
CA GLU B 447 -14.02 -9.83 -44.25
C GLU B 447 -13.38 -9.33 -42.96
N PHE B 448 -14.06 -8.41 -42.31
CA PHE B 448 -13.73 -8.04 -40.94
C PHE B 448 -14.66 -8.74 -39.96
N GLN B 449 -14.28 -8.74 -38.69
CA GLN B 449 -15.08 -9.35 -37.63
C GLN B 449 -15.01 -8.49 -36.37
N CYS B 450 -16.09 -8.54 -35.59
CA CYS B 450 -16.17 -7.80 -34.32
C CYS B 450 -16.95 -8.61 -33.31
N LEU B 451 -16.83 -8.21 -32.05
CA LEU B 451 -17.53 -8.84 -30.93
C LEU B 451 -18.82 -8.08 -30.64
N HIS B 452 -19.92 -8.81 -30.47
CA HIS B 452 -21.20 -8.19 -30.14
C HIS B 452 -21.09 -7.39 -28.85
N GLY B 453 -21.64 -6.17 -28.87
CA GLY B 453 -21.50 -5.27 -27.74
C GLY B 453 -20.36 -4.27 -27.91
N MET B 454 -19.12 -4.72 -27.74
CA MET B 454 -17.95 -3.85 -27.81
C MET B 454 -17.75 -3.23 -29.20
N ASP B 469 -16.45 0.26 -47.38
CA ASP B 469 -17.68 -0.54 -47.26
C ASP B 469 -17.39 -2.03 -47.43
N ARG B 470 -17.17 -2.72 -46.31
CA ARG B 470 -16.65 -4.07 -46.29
C ARG B 470 -17.47 -4.95 -45.36
N PRO B 471 -17.57 -6.26 -45.67
CA PRO B 471 -18.36 -7.21 -44.87
C PRO B 471 -17.85 -7.34 -43.45
N CME B 472 -18.78 -7.59 -42.55
CA CME B 472 -18.46 -7.61 -41.15
CB CME B 472 -18.75 -6.25 -40.51
SG CME B 472 -18.83 -6.23 -38.76
SD CME B 472 -16.82 -6.03 -38.18
CE CME B 472 -16.32 -4.37 -38.55
CZ CME B 472 -16.25 -3.46 -37.35
OH CME B 472 -17.45 -2.70 -37.34
C CME B 472 -19.29 -8.71 -40.48
O CME B 472 -20.52 -8.70 -40.45
N ARG B 473 -18.56 -9.70 -39.96
CA ARG B 473 -19.17 -10.81 -39.23
C ARG B 473 -19.11 -10.55 -37.73
N ILE B 474 -20.26 -10.67 -37.08
CA ILE B 474 -20.41 -10.41 -35.66
C ILE B 474 -20.25 -11.71 -34.90
N TYR B 475 -19.31 -11.75 -33.96
CA TYR B 475 -19.19 -12.88 -33.05
C TYR B 475 -20.26 -12.70 -31.97
N ALA B 476 -21.25 -13.58 -31.95
CA ALA B 476 -22.47 -13.33 -31.19
C ALA B 476 -22.66 -14.35 -30.06
N PRO B 477 -22.42 -13.96 -28.80
CA PRO B 477 -22.68 -14.90 -27.70
C PRO B 477 -24.16 -15.17 -27.53
N VAL B 478 -24.46 -16.42 -27.15
CA VAL B 478 -25.83 -16.87 -26.95
C VAL B 478 -25.86 -17.68 -25.66
N GLY B 479 -26.66 -17.26 -24.71
CA GLY B 479 -26.78 -18.00 -23.47
C GLY B 479 -27.48 -17.20 -22.38
N THR B 480 -27.65 -17.87 -21.25
CA THR B 480 -28.31 -17.30 -20.08
C THR B 480 -27.32 -16.48 -19.25
N HIS B 481 -27.88 -15.75 -18.27
CA HIS B 481 -27.07 -14.95 -17.36
C HIS B 481 -25.93 -15.76 -16.75
N GLU B 482 -26.25 -16.92 -16.19
CA GLU B 482 -25.26 -17.74 -15.51
C GLU B 482 -24.12 -18.11 -16.45
N THR B 483 -24.45 -18.58 -17.65
CA THR B 483 -23.43 -18.96 -18.62
C THR B 483 -22.60 -17.74 -19.04
N LEU B 484 -23.26 -16.59 -19.19
CA LEU B 484 -22.59 -15.40 -19.71
C LEU B 484 -21.57 -14.85 -18.71
N LEU B 485 -21.96 -14.75 -17.44
CA LEU B 485 -21.07 -14.17 -16.45
C LEU B 485 -19.78 -14.96 -16.25
N ALA B 486 -19.74 -16.21 -16.69
CA ALA B 486 -18.54 -17.03 -16.49
C ALA B 486 -17.41 -16.66 -17.45
N TYR B 487 -17.74 -16.11 -18.62
CA TYR B 487 -16.72 -15.73 -19.59
C TYR B 487 -16.69 -14.23 -19.85
N LEU B 488 -17.45 -13.45 -19.07
CA LEU B 488 -17.59 -12.03 -19.37
C LEU B 488 -16.35 -11.25 -18.97
N VAL B 489 -15.68 -11.66 -17.88
CA VAL B 489 -14.53 -10.91 -17.39
C VAL B 489 -13.44 -10.86 -18.45
N ARG B 490 -13.16 -12.00 -19.09
CA ARG B 490 -12.14 -12.04 -20.14
C ARG B 490 -12.44 -11.00 -21.21
N ARG B 491 -13.71 -10.83 -21.58
CA ARG B 491 -14.07 -9.82 -22.57
C ARG B 491 -13.90 -8.40 -22.03
N LEU B 492 -14.35 -8.16 -20.80
CA LEU B 492 -14.30 -6.80 -20.25
C LEU B 492 -12.89 -6.40 -19.84
N LEU B 493 -12.07 -7.38 -19.45
CA LEU B 493 -10.69 -7.09 -19.06
C LEU B 493 -9.94 -6.37 -20.17
N GLU B 494 -10.00 -6.93 -21.38
CA GLU B 494 -9.32 -6.33 -22.53
C GLU B 494 -9.74 -4.88 -22.72
N ASN B 495 -11.02 -4.58 -22.46
CA ASN B 495 -11.50 -3.21 -22.62
C ASN B 495 -10.92 -2.26 -21.58
N GLY B 496 -10.57 -2.76 -20.40
CA GLY B 496 -10.09 -1.93 -19.31
C GLY B 496 -8.58 -1.83 -19.15
N ALA B 497 -7.79 -2.34 -20.10
CA ALA B 497 -6.34 -2.30 -19.99
C ALA B 497 -5.79 -1.01 -20.59
N ASN B 498 -4.78 -0.44 -19.93
CA ASN B 498 -4.26 0.88 -20.31
C ASN B 498 -3.75 0.89 -21.75
N SER B 499 -3.19 -0.21 -22.23
CA SER B 499 -2.64 -0.27 -23.58
C SER B 499 -3.68 -0.59 -24.64
N SER B 500 -4.93 -0.83 -24.26
CA SER B 500 -5.93 -1.31 -25.19
C SER B 500 -6.60 -0.15 -25.91
N PHE B 501 -6.99 -0.42 -27.16
CA PHE B 501 -7.62 0.61 -27.99
C PHE B 501 -8.93 1.11 -27.38
N VAL B 502 -9.72 0.21 -26.80
CA VAL B 502 -11.02 0.60 -26.24
C VAL B 502 -10.84 1.57 -25.08
N HIS B 503 -9.96 1.22 -24.13
CA HIS B 503 -9.72 2.09 -23.00
C HIS B 503 -9.13 3.44 -23.45
N ARG B 504 -8.39 3.44 -24.56
CA ARG B 504 -7.67 4.64 -24.99
C ARG B 504 -8.54 5.59 -25.79
N ILE B 505 -9.52 5.09 -26.54
CA ILE B 505 -10.41 6.00 -27.27
C ILE B 505 -11.40 6.66 -26.33
N ASN B 506 -11.69 6.03 -25.19
CA ASN B 506 -12.52 6.62 -24.16
C ASN B 506 -11.71 7.41 -23.15
N ASP B 507 -10.44 7.64 -23.44
CA ASP B 507 -9.57 8.45 -22.60
C ASP B 507 -9.41 9.82 -23.26
N PRO B 508 -9.96 10.89 -22.68
CA PRO B 508 -9.73 12.23 -23.25
C PRO B 508 -8.28 12.68 -23.16
N LYS B 509 -7.48 12.07 -22.29
CA LYS B 509 -6.06 12.37 -22.20
C LYS B 509 -5.24 11.80 -23.35
N VAL B 510 -5.87 11.03 -24.24
CA VAL B 510 -5.18 10.36 -25.35
C VAL B 510 -5.62 11.04 -26.64
N SER B 511 -4.69 11.70 -27.31
CA SER B 511 -5.01 12.45 -28.52
C SER B 511 -5.32 11.50 -29.68
N ILE B 512 -5.95 12.06 -30.72
CA ILE B 512 -6.21 11.29 -31.93
C ILE B 512 -4.91 10.94 -32.64
N ASP B 513 -3.88 11.78 -32.48
CA ASP B 513 -2.60 11.49 -33.12
C ASP B 513 -1.93 10.27 -32.50
N GLU B 514 -2.08 10.10 -31.19
CA GLU B 514 -1.54 8.91 -30.54
C GLU B 514 -2.23 7.64 -31.02
N LEU B 515 -3.54 7.72 -31.26
CA LEU B 515 -4.28 6.52 -31.65
C LEU B 515 -3.95 6.09 -33.08
N ILE B 516 -3.57 7.03 -33.95
CA ILE B 516 -3.33 6.70 -35.35
C ILE B 516 -1.84 6.46 -35.59
N ALA B 517 -1.05 6.47 -34.52
CA ALA B 517 0.37 6.20 -34.65
C ALA B 517 0.58 4.83 -35.29
N ASP B 518 1.49 4.76 -36.26
CA ASP B 518 1.74 3.53 -36.96
C ASP B 518 2.65 2.66 -36.11
N PRO B 519 2.19 1.50 -35.64
CA PRO B 519 3.06 0.68 -34.78
C PRO B 519 4.30 0.18 -35.50
N VAL B 520 4.22 -0.02 -36.81
CA VAL B 520 5.37 -0.54 -37.54
C VAL B 520 6.53 0.44 -37.48
N GLU B 521 6.24 1.74 -37.62
CA GLU B 521 7.28 2.75 -37.61
C GLU B 521 7.78 3.06 -36.20
N VAL B 522 6.92 2.98 -35.19
CA VAL B 522 7.39 3.18 -33.82
C VAL B 522 8.35 2.07 -33.44
N VAL B 523 8.03 0.82 -33.80
CA VAL B 523 8.93 -0.29 -33.51
C VAL B 523 10.23 -0.14 -34.29
N ARG B 524 10.14 0.18 -35.59
CA ARG B 524 11.36 0.25 -36.37
C ARG B 524 12.32 1.32 -35.88
N ALA B 525 11.82 2.33 -35.15
CA ALA B 525 12.64 3.43 -34.65
C ALA B 525 13.18 3.17 -33.26
N MET B 526 12.98 2.00 -32.71
CA MET B 526 13.50 1.68 -31.39
C MET B 526 15.00 1.46 -31.44
N PRO B 527 15.72 1.75 -30.34
CA PRO B 527 17.16 1.45 -30.31
C PRO B 527 17.46 -0.03 -30.49
N VAL B 528 16.69 -0.90 -29.84
CA VAL B 528 16.75 -2.34 -30.08
C VAL B 528 15.37 -2.78 -30.55
N VAL B 529 15.29 -3.26 -31.79
CA VAL B 529 14.02 -3.71 -32.34
C VAL B 529 13.61 -4.99 -31.64
N GLY B 530 12.42 -4.98 -31.06
CA GLY B 530 11.87 -6.18 -30.44
C GLY B 530 12.30 -6.44 -29.02
N ALA B 531 12.81 -5.42 -28.31
CA ALA B 531 13.21 -5.63 -26.93
C ALA B 531 12.00 -5.99 -26.07
N LYS B 532 12.22 -6.94 -25.15
CA LYS B 532 11.21 -7.34 -24.17
C LYS B 532 10.73 -6.12 -23.39
N HIS B 533 9.47 -6.18 -22.94
CA HIS B 533 8.93 -5.16 -22.05
C HIS B 533 9.82 -5.01 -20.82
N ASP B 534 10.10 -3.75 -20.45
CA ASP B 534 11.03 -3.48 -19.35
C ASP B 534 10.50 -3.96 -18.00
N ARG B 535 9.19 -4.02 -17.83
CA ARG B 535 8.63 -4.33 -16.52
C ARG B 535 8.11 -5.76 -16.41
N ILE B 536 8.40 -6.63 -17.36
CA ILE B 536 8.00 -8.03 -17.26
C ILE B 536 9.26 -8.89 -17.23
N ALA B 537 9.40 -9.69 -16.19
CA ALA B 537 10.60 -10.51 -16.02
C ALA B 537 10.50 -11.78 -16.84
N LEU B 538 11.58 -12.12 -17.56
CA LEU B 538 11.71 -13.47 -18.08
C LEU B 538 11.67 -14.45 -16.93
N PRO B 539 11.14 -15.67 -17.13
CA PRO B 539 11.06 -16.62 -16.00
C PRO B 539 12.38 -16.82 -15.28
N ALA B 540 13.50 -16.85 -16.02
CA ALA B 540 14.80 -17.01 -15.37
C ALA B 540 15.12 -15.85 -14.43
N GLU B 541 14.52 -14.67 -14.63
CA GLU B 541 14.90 -13.45 -13.94
C GLU B 541 13.87 -13.03 -12.89
N LEU B 542 13.00 -13.94 -12.44
CA LEU B 542 11.99 -13.57 -11.46
C LEU B 542 12.58 -12.99 -10.19
N PHE B 543 13.79 -13.41 -9.82
CA PHE B 543 14.38 -12.97 -8.56
C PHE B 543 15.46 -11.93 -8.77
N GLY B 544 15.61 -11.44 -10.00
CA GLY B 544 16.54 -10.36 -10.26
C GLY B 544 17.97 -10.74 -9.96
N ASP B 545 18.69 -9.82 -9.31
CA ASP B 545 20.11 -10.04 -9.03
C ASP B 545 20.36 -11.03 -7.90
N ALA B 546 19.31 -11.43 -7.16
CA ALA B 546 19.53 -12.32 -6.03
C ALA B 546 19.98 -13.71 -6.47
N ARG B 547 19.34 -14.27 -7.50
CA ARG B 547 19.68 -15.61 -7.94
C ARG B 547 18.92 -15.90 -9.22
N THR B 548 19.40 -16.91 -9.94
CA THR B 548 18.78 -17.35 -11.17
C THR B 548 17.71 -18.38 -10.86
N ASN B 549 16.49 -18.13 -11.36
CA ASN B 549 15.41 -19.08 -11.20
C ASN B 549 15.74 -20.40 -11.89
N SER B 550 15.35 -21.51 -11.27
CA SER B 550 15.49 -22.79 -11.97
C SER B 550 14.65 -22.79 -13.23
N ALA B 551 15.07 -23.59 -14.21
CA ALA B 551 14.31 -23.71 -15.45
C ALA B 551 13.62 -25.06 -15.52
N GLY B 552 12.42 -25.06 -16.11
CA GLY B 552 11.65 -26.27 -16.29
C GLY B 552 11.78 -26.81 -17.69
N LEU B 553 10.84 -27.68 -18.06
CA LEU B 553 10.78 -28.25 -19.40
C LEU B 553 9.33 -28.17 -19.87
N ASP B 554 9.14 -27.88 -21.15
CA ASP B 554 7.79 -27.65 -21.70
C ASP B 554 7.26 -28.96 -22.27
N LEU B 555 6.38 -29.63 -21.52
CA LEU B 555 5.85 -30.90 -21.97
C LEU B 555 4.77 -30.74 -23.04
N SER B 556 4.55 -29.53 -23.56
CA SER B 556 3.72 -29.35 -24.73
C SER B 556 4.55 -29.16 -26.00
N ASN B 557 5.87 -29.13 -25.89
CA ASN B 557 6.77 -28.86 -27.00
C ASN B 557 7.25 -30.20 -27.58
N GLU B 558 6.92 -30.45 -28.86
CA GLU B 558 7.24 -31.75 -29.46
C GLU B 558 8.74 -32.01 -29.50
N GLU B 559 9.55 -30.97 -29.73
CA GLU B 559 11.00 -31.12 -29.68
C GLU B 559 11.45 -31.58 -28.30
N THR B 560 10.92 -30.93 -27.26
CA THR B 560 11.22 -31.31 -25.89
C THR B 560 10.80 -32.76 -25.62
N LEU B 561 9.58 -33.12 -26.06
CA LEU B 561 9.10 -34.48 -25.81
C LEU B 561 9.97 -35.52 -26.50
N ALA B 562 10.41 -35.23 -27.72
CA ALA B 562 11.25 -36.19 -28.42
C ALA B 562 12.63 -36.31 -27.78
N SER B 563 13.25 -35.19 -27.39
CA SER B 563 14.57 -35.28 -26.75
C SER B 563 14.46 -35.89 -25.36
N LEU B 564 13.39 -35.57 -24.62
CA LEU B 564 13.18 -36.18 -23.31
C LEU B 564 12.95 -37.69 -23.44
N THR B 565 12.18 -38.12 -24.44
CA THR B 565 11.99 -39.54 -24.66
C THR B 565 13.33 -40.27 -24.75
N GLU B 566 14.26 -39.72 -25.53
CA GLU B 566 15.55 -40.39 -25.69
C GLU B 566 16.37 -40.35 -24.40
N ALA B 567 16.38 -39.21 -23.72
CA ALA B 567 17.11 -39.13 -22.46
C ALA B 567 16.55 -40.09 -21.43
N LEU B 568 15.21 -40.19 -21.34
CA LEU B 568 14.60 -41.09 -20.37
C LEU B 568 14.96 -42.54 -20.70
N ARG B 569 14.84 -42.93 -21.97
CA ARG B 569 15.21 -44.28 -22.38
C ARG B 569 16.65 -44.59 -22.02
N GLU B 570 17.56 -43.65 -22.30
CA GLU B 570 18.97 -43.86 -21.98
C GLU B 570 19.19 -44.00 -20.48
N SER B 571 18.43 -43.25 -19.68
CA SER B 571 18.60 -43.32 -18.23
C SER B 571 18.24 -44.69 -17.70
N ALA B 572 17.29 -45.36 -18.34
CA ALA B 572 16.90 -46.69 -17.92
C ALA B 572 17.96 -47.74 -18.26
N ALA B 573 18.90 -47.42 -19.14
CA ALA B 573 19.97 -48.36 -19.47
C ALA B 573 21.20 -48.18 -18.59
N MET B 574 21.23 -47.16 -17.73
CA MET B 574 22.41 -46.92 -16.90
C MET B 574 22.39 -47.83 -15.68
N LYS B 575 23.59 -48.17 -15.19
CA LYS B 575 23.69 -48.99 -13.97
C LYS B 575 23.64 -48.06 -12.76
N TRP B 576 22.46 -47.98 -12.13
CA TRP B 576 22.29 -47.13 -10.97
C TRP B 576 22.62 -47.87 -9.68
N THR B 577 23.49 -47.28 -8.87
CA THR B 577 23.89 -47.87 -7.61
C THR B 577 23.90 -46.81 -6.52
N ALA B 578 23.83 -47.29 -5.28
CA ALA B 578 24.00 -46.45 -4.10
C ALA B 578 24.76 -47.28 -3.07
N LEU B 579 25.86 -46.71 -2.58
CA LEU B 579 26.77 -47.36 -1.65
C LEU B 579 26.95 -46.47 -0.43
N PRO B 580 27.43 -47.03 0.67
CA PRO B 580 27.93 -46.20 1.77
C PRO B 580 29.21 -45.50 1.35
N GLN B 581 29.10 -44.22 1.08
CA GLN B 581 30.20 -43.40 0.57
C GLN B 581 30.83 -42.68 1.74
N LEU B 582 31.84 -43.29 2.35
CA LEU B 582 32.52 -42.64 3.46
C LEU B 582 33.64 -41.75 2.93
N ALA B 583 34.26 -41.00 3.84
CA ALA B 583 35.35 -40.10 3.45
C ALA B 583 36.49 -40.84 2.78
N THR B 584 36.75 -42.07 3.20
CA THR B 584 37.85 -42.90 2.73
C THR B 584 37.49 -43.77 1.53
N GLY B 585 36.27 -43.68 1.03
CA GLY B 585 35.86 -44.46 -0.11
C GLY B 585 34.59 -45.21 0.21
N PRO B 586 34.04 -45.92 -0.78
CA PRO B 586 32.82 -46.71 -0.54
C PRO B 586 33.13 -47.90 0.35
N ALA B 587 32.18 -48.23 1.22
CA ALA B 587 32.32 -49.31 2.19
C ALA B 587 31.49 -50.50 1.74
N ALA B 588 31.90 -51.69 2.17
CA ALA B 588 31.13 -52.89 1.85
C ALA B 588 29.89 -52.97 2.73
N GLY B 589 28.91 -53.72 2.26
CA GLY B 589 27.66 -53.86 3.00
C GLY B 589 26.74 -54.87 2.35
N GLU B 590 25.57 -55.02 2.95
CA GLU B 590 24.52 -55.89 2.42
C GLU B 590 23.84 -55.22 1.23
N THR B 591 23.75 -55.92 0.11
CA THR B 591 23.24 -55.37 -1.13
C THR B 591 21.87 -55.96 -1.48
N ARG B 592 20.98 -55.12 -2.02
CA ARG B 592 19.66 -55.56 -2.46
C ARG B 592 19.22 -54.71 -3.62
N THR B 593 18.18 -55.17 -4.33
CA THR B 593 17.70 -54.42 -5.48
C THR B 593 16.69 -53.36 -5.06
N VAL B 594 16.54 -52.39 -5.94
CA VAL B 594 15.60 -51.28 -5.80
C VAL B 594 14.62 -51.43 -6.95
N LEU B 595 13.33 -51.54 -6.62
CA LEU B 595 12.29 -51.89 -7.58
C LEU B 595 11.40 -50.69 -7.85
N ASN B 596 10.89 -50.62 -9.07
CA ASN B 596 9.91 -49.61 -9.46
C ASN B 596 8.61 -49.84 -8.70
N PRO B 597 8.13 -48.88 -7.90
CA PRO B 597 6.85 -49.09 -7.19
C PRO B 597 5.66 -49.29 -8.13
N GLY B 598 5.75 -48.82 -9.37
CA GLY B 598 4.69 -49.02 -10.33
C GLY B 598 4.72 -50.34 -11.05
N ASP B 599 5.76 -51.14 -10.81
CA ASP B 599 5.97 -52.41 -11.52
C ASP B 599 7.20 -53.07 -10.93
N HIS B 600 7.02 -53.99 -10.00
CA HIS B 600 8.15 -54.58 -9.30
C HIS B 600 9.05 -55.42 -10.20
N ARG B 601 8.59 -55.75 -11.41
CA ARG B 601 9.44 -56.41 -12.40
C ARG B 601 10.53 -55.49 -12.93
N ASP B 602 10.42 -54.19 -12.70
CA ASP B 602 11.36 -53.20 -13.22
C ASP B 602 12.41 -52.95 -12.14
N VAL B 603 13.57 -53.56 -12.30
CA VAL B 603 14.67 -53.34 -11.35
C VAL B 603 15.37 -52.04 -11.71
N VAL B 604 15.31 -51.07 -10.81
CA VAL B 604 15.90 -49.77 -11.11
C VAL B 604 17.40 -49.75 -10.85
N GLY B 605 17.83 -50.42 -9.79
CA GLY B 605 19.25 -50.40 -9.43
C GLY B 605 19.49 -51.24 -8.21
N SER B 606 20.64 -51.02 -7.58
CA SER B 606 21.00 -51.81 -6.40
C SER B 606 21.57 -50.88 -5.34
N VAL B 607 21.23 -51.15 -4.09
CA VAL B 607 21.69 -50.34 -2.97
C VAL B 607 22.49 -51.25 -2.03
N THR B 608 23.63 -50.75 -1.59
CA THR B 608 24.44 -51.41 -0.57
C THR B 608 24.27 -50.62 0.71
N GLU B 609 23.79 -51.26 1.76
CA GLU B 609 23.40 -50.51 2.93
C GLU B 609 24.51 -50.50 3.97
N THR B 610 24.46 -49.48 4.82
CA THR B 610 25.54 -49.13 5.73
C THR B 610 25.45 -49.96 7.01
N SER B 611 26.56 -50.55 7.43
CA SER B 611 26.58 -51.16 8.75
C SER B 611 26.53 -50.07 9.83
N GLU B 612 26.04 -50.46 11.01
CA GLU B 612 26.00 -49.50 12.11
C GLU B 612 27.41 -49.07 12.51
N GLU B 613 28.38 -49.99 12.45
CA GLU B 613 29.76 -49.63 12.76
C GLU B 613 30.30 -48.61 11.76
N ASP B 614 29.95 -48.76 10.48
CA ASP B 614 30.39 -47.76 9.50
C ASP B 614 29.66 -46.45 9.66
N ALA B 615 28.39 -46.48 10.09
CA ALA B 615 27.69 -45.24 10.42
C ALA B 615 28.47 -44.46 11.47
N ARG B 616 28.90 -45.14 12.54
CA ARG B 616 29.66 -44.44 13.58
C ARG B 616 31.01 -43.97 13.05
N ARG B 617 31.66 -44.78 12.22
CA ARG B 617 32.94 -44.38 11.66
C ARG B 617 32.78 -43.11 10.83
N ALA B 618 31.71 -43.03 10.05
CA ALA B 618 31.49 -41.85 9.21
C ALA B 618 31.38 -40.58 10.04
N VAL B 619 30.72 -40.65 11.20
CA VAL B 619 30.58 -39.46 12.02
C VAL B 619 31.94 -39.04 12.57
N ARG B 620 32.77 -40.01 12.97
CA ARG B 620 34.12 -39.67 13.41
C ARG B 620 34.91 -39.03 12.29
N LEU B 621 34.78 -39.55 11.06
CA LEU B 621 35.46 -38.95 9.91
C LEU B 621 34.97 -37.54 9.64
N ALA B 622 33.67 -37.32 9.78
CA ALA B 622 33.13 -35.97 9.61
C ALA B 622 33.68 -35.02 10.68
N ALA B 623 33.82 -35.52 11.92
CA ALA B 623 34.35 -34.68 12.99
C ALA B 623 35.79 -34.30 12.71
N ASP B 624 36.58 -35.26 12.21
CA ASP B 624 37.97 -34.97 11.89
C ASP B 624 38.06 -33.88 10.83
N ALA B 625 37.16 -33.90 9.86
CA ALA B 625 37.19 -32.96 8.74
C ALA B 625 36.45 -31.66 9.02
N ALA B 626 35.80 -31.53 10.17
CA ALA B 626 34.98 -30.35 10.43
C ALA B 626 35.76 -29.04 10.39
N PRO B 627 36.95 -28.93 11.00
CA PRO B 627 37.69 -27.66 10.89
C PRO B 627 38.05 -27.28 9.46
N ASP B 628 38.47 -28.24 8.63
CA ASP B 628 38.87 -27.92 7.27
C ASP B 628 37.69 -27.37 6.47
N TRP B 629 36.51 -27.95 6.65
CA TRP B 629 35.36 -27.47 5.89
C TRP B 629 34.90 -26.10 6.40
N ALA B 630 34.91 -25.90 7.71
CA ALA B 630 34.53 -24.61 8.26
C ALA B 630 35.47 -23.50 7.77
N ALA B 631 36.73 -23.84 7.48
CA ALA B 631 37.72 -22.88 7.03
C ALA B 631 37.55 -22.49 5.56
N VAL B 632 36.71 -23.19 4.81
CA VAL B 632 36.35 -22.73 3.47
C VAL B 632 35.44 -21.51 3.61
N PRO B 633 35.78 -20.38 3.01
CA PRO B 633 35.01 -19.16 3.24
C PRO B 633 33.58 -19.35 2.77
N PRO B 634 32.62 -18.73 3.45
CA PRO B 634 31.20 -18.90 3.06
C PRO B 634 30.93 -18.64 1.59
N SER B 635 31.54 -17.61 1.01
CA SER B 635 31.28 -17.31 -0.40
C SER B 635 31.75 -18.45 -1.30
N GLU B 636 32.85 -19.13 -0.95
CA GLU B 636 33.30 -20.26 -1.76
C GLU B 636 32.40 -21.49 -1.55
N ARG B 637 31.95 -21.71 -0.32
CA ARG B 637 30.97 -22.79 -0.11
C ARG B 637 29.70 -22.51 -0.91
N ALA B 638 29.23 -21.26 -0.88
CA ALA B 638 28.08 -20.89 -1.69
C ALA B 638 28.32 -21.15 -3.18
N ALA B 639 29.53 -20.85 -3.66
CA ALA B 639 29.85 -21.07 -5.06
C ALA B 639 29.73 -22.56 -5.46
N CME B 640 30.08 -23.44 -4.52
CA CME B 640 29.99 -24.88 -4.74
CB CME B 640 30.64 -25.72 -3.61
SG CME B 640 32.41 -25.73 -3.75
SD CME B 640 33.46 -25.34 -1.95
CE CME B 640 34.84 -26.42 -1.88
CZ CME B 640 35.62 -26.62 -3.16
OH CME B 640 36.31 -25.41 -3.43
C CME B 640 28.52 -25.28 -4.92
O CME B 640 28.14 -26.04 -5.80
N LEU B 641 27.66 -24.72 -4.07
CA LEU B 641 26.20 -24.93 -4.21
C LEU B 641 25.70 -24.44 -5.58
N ASP B 642 26.16 -23.25 -6.00
CA ASP B 642 25.73 -22.75 -7.30
C ASP B 642 26.20 -23.66 -8.43
N ARG B 643 27.40 -24.22 -8.30
CA ARG B 643 27.90 -25.11 -9.34
C ARG B 643 27.10 -26.40 -9.38
N ALA B 644 26.74 -26.93 -8.20
CA ALA B 644 25.89 -28.11 -8.16
C ALA B 644 24.54 -27.83 -8.82
N ALA B 645 23.97 -26.63 -8.60
CA ALA B 645 22.70 -26.29 -9.23
C ALA B 645 22.83 -26.27 -10.76
N GLU B 646 23.94 -25.72 -11.27
CA GLU B 646 24.19 -25.73 -12.72
C GLU B 646 24.22 -27.15 -13.27
N LEU B 647 24.89 -28.08 -12.56
CA LEU B 647 24.96 -29.47 -13.00
C LEU B 647 23.60 -30.15 -12.94
N MET B 648 22.83 -29.93 -11.88
CA MET B 648 21.48 -30.50 -11.83
C MET B 648 20.61 -29.98 -12.97
N GLN B 649 20.72 -28.68 -13.27
CA GLN B 649 19.93 -28.12 -14.37
C GLN B 649 20.29 -28.82 -15.67
N ALA B 650 21.58 -28.98 -15.94
CA ALA B 650 22.00 -29.57 -17.21
C ALA B 650 21.62 -31.04 -17.29
N ARG B 651 21.60 -31.74 -16.16
CA ARG B 651 21.30 -33.17 -16.11
C ARG B 651 19.85 -33.48 -15.80
N MET B 652 18.98 -32.46 -15.79
CA MET B 652 17.59 -32.71 -15.41
C MET B 652 16.93 -33.86 -16.17
N PRO B 653 17.10 -34.03 -17.50
CA PRO B 653 16.41 -35.14 -18.16
C PRO B 653 16.80 -36.50 -17.60
N THR B 654 18.07 -36.73 -17.31
CA THR B 654 18.48 -38.00 -16.71
C THR B 654 17.96 -38.15 -15.28
N LEU B 655 18.02 -37.09 -14.49
CA LEU B 655 17.48 -37.13 -13.13
C LEU B 655 16.00 -37.48 -13.15
N LEU B 656 15.24 -36.92 -14.11
CA LEU B 656 13.82 -37.24 -14.23
C LEU B 656 13.58 -38.74 -14.36
N GLY B 657 14.33 -39.39 -15.24
CA GLY B 657 14.12 -40.81 -15.48
C GLY B 657 14.32 -41.62 -14.22
N LEU B 658 15.31 -41.25 -13.40
CA LEU B 658 15.54 -41.98 -12.17
C LEU B 658 14.43 -41.70 -11.15
N ILE B 659 13.97 -40.46 -11.04
CA ILE B 659 12.91 -40.13 -10.10
C ILE B 659 11.61 -40.80 -10.49
N ILE B 660 11.32 -40.84 -11.80
CA ILE B 660 10.09 -41.47 -12.28
C ILE B 660 10.06 -42.94 -11.90
N ARG B 661 11.18 -43.63 -12.12
CA ARG B 661 11.18 -45.08 -11.94
C ARG B 661 11.45 -45.50 -10.51
N GLU B 662 12.30 -44.78 -9.77
CA GLU B 662 12.59 -45.20 -8.40
C GLU B 662 11.51 -44.73 -7.43
N ALA B 663 10.99 -43.52 -7.62
CA ALA B 663 10.05 -42.96 -6.66
C ALA B 663 8.61 -43.03 -7.13
N GLY B 664 8.36 -43.49 -8.35
CA GLY B 664 7.00 -43.61 -8.83
C GLY B 664 6.35 -42.31 -9.22
N LYS B 665 7.13 -41.29 -9.56
CA LYS B 665 6.57 -39.97 -9.84
C LYS B 665 6.25 -39.82 -11.33
N SER B 666 5.32 -38.91 -11.61
CA SER B 666 5.07 -38.50 -12.99
C SER B 666 6.19 -37.58 -13.48
N ALA B 667 6.30 -37.45 -14.80
CA ALA B 667 7.33 -36.57 -15.35
C ALA B 667 7.13 -35.13 -14.89
N LEU B 668 5.87 -34.69 -14.86
CA LEU B 668 5.58 -33.32 -14.44
C LEU B 668 6.06 -33.09 -13.01
N ASN B 669 5.72 -34.01 -12.10
CA ASN B 669 6.15 -33.84 -10.72
C ASN B 669 7.67 -34.03 -10.57
N ALA B 670 8.28 -34.87 -11.40
CA ALA B 670 9.73 -35.04 -11.34
C ALA B 670 10.45 -33.76 -11.76
N ILE B 671 9.96 -33.07 -12.79
CA ILE B 671 10.54 -31.79 -13.18
C ILE B 671 10.49 -30.80 -12.02
N ALA B 672 9.33 -30.69 -11.39
CA ALA B 672 9.17 -29.76 -10.29
C ALA B 672 10.13 -30.09 -9.16
N GLU B 673 10.37 -31.39 -8.94
CA GLU B 673 11.26 -31.80 -7.86
C GLU B 673 12.69 -31.37 -8.15
N VAL B 674 13.16 -31.61 -9.38
CA VAL B 674 14.52 -31.19 -9.73
C VAL B 674 14.64 -29.66 -9.68
N ARG B 675 13.59 -28.95 -10.12
CA ARG B 675 13.63 -27.50 -10.00
C ARG B 675 13.78 -27.07 -8.55
N GLU B 676 13.03 -27.70 -7.66
CA GLU B 676 13.11 -27.34 -6.24
C GLU B 676 14.51 -27.60 -5.68
N ALA B 677 15.14 -28.71 -6.07
CA ALA B 677 16.51 -28.97 -5.62
C ALA B 677 17.44 -27.85 -6.09
N ILE B 678 17.31 -27.45 -7.35
CA ILE B 678 18.12 -26.35 -7.89
C ILE B 678 17.86 -25.05 -7.12
N ASP B 679 16.59 -24.76 -6.85
CA ASP B 679 16.24 -23.55 -6.11
C ASP B 679 16.79 -23.57 -4.68
N PHE B 680 16.72 -24.70 -3.98
CA PHE B 680 17.32 -24.79 -2.65
C PHE B 680 18.80 -24.43 -2.71
N LEU B 681 19.53 -25.06 -3.64
CA LEU B 681 20.95 -24.77 -3.79
C LEU B 681 21.21 -23.29 -3.98
N ARG B 682 20.49 -22.66 -4.92
CA ARG B 682 20.76 -21.27 -5.25
C ARG B 682 20.27 -20.32 -4.16
N TYR B 683 19.16 -20.67 -3.52
CA TYR B 683 18.64 -19.82 -2.46
C TYR B 683 19.57 -19.83 -1.25
N TYR B 684 19.98 -21.03 -0.78
CA TYR B 684 20.86 -21.05 0.38
C TYR B 684 22.23 -20.47 0.04
N ALA B 685 22.67 -20.59 -1.21
CA ALA B 685 23.91 -19.91 -1.62
C ALA B 685 23.77 -18.40 -1.49
N GLU B 686 22.67 -17.85 -1.99
CA GLU B 686 22.47 -16.41 -1.89
C GLU B 686 22.30 -15.96 -0.44
N GLN B 687 21.48 -16.67 0.34
CA GLN B 687 21.34 -16.32 1.75
C GLN B 687 22.69 -16.33 2.48
N THR B 688 23.56 -17.29 2.14
CA THR B 688 24.90 -17.30 2.72
C THR B 688 25.68 -16.05 2.35
N ARG B 689 25.67 -15.68 1.06
CA ARG B 689 26.37 -14.49 0.61
C ARG B 689 25.87 -13.23 1.29
N ARG B 690 24.58 -13.18 1.66
CA ARG B 690 24.02 -12.03 2.34
CA ARG B 690 24.03 -12.03 2.34
C ARG B 690 24.31 -12.03 3.85
N THR B 691 24.68 -13.15 4.44
CA THR B 691 24.67 -13.14 5.91
C THR B 691 25.92 -13.66 6.62
N LEU B 692 26.56 -14.71 6.14
CA LEU B 692 27.49 -15.44 7.01
C LEU B 692 28.89 -14.82 7.05
N GLY B 693 29.40 -14.61 8.25
CA GLY B 693 30.71 -14.03 8.48
C GLY B 693 31.49 -14.87 9.47
N PRO B 694 32.69 -14.39 9.84
CA PRO B 694 33.56 -15.22 10.70
C PRO B 694 32.98 -15.55 12.05
N GLY B 695 32.08 -14.72 12.58
CA GLY B 695 31.49 -14.97 13.87
C GLY B 695 30.34 -15.95 13.90
N HIS B 696 29.93 -16.45 12.73
CA HIS B 696 28.81 -17.39 12.64
C HIS B 696 29.36 -18.80 12.46
N GLY B 697 29.84 -19.36 13.56
CA GLY B 697 30.55 -20.62 13.51
C GLY B 697 29.63 -21.81 13.31
N PRO B 698 30.14 -22.82 12.62
CA PRO B 698 29.31 -24.01 12.36
C PRO B 698 29.10 -24.82 13.63
N LEU B 699 28.05 -25.65 13.57
CA LEU B 699 27.78 -26.58 14.67
C LEU B 699 28.79 -27.72 14.72
N GLY B 700 29.14 -28.27 13.56
CA GLY B 700 29.86 -29.53 13.50
C GLY B 700 29.11 -30.50 12.62
N PRO B 701 29.43 -31.79 12.72
CA PRO B 701 28.75 -32.81 11.90
C PRO B 701 27.24 -32.77 12.05
N ILE B 702 26.53 -32.68 10.93
CA ILE B 702 25.08 -32.67 10.93
CA ILE B 702 25.08 -32.66 10.92
C ILE B 702 24.58 -33.91 10.22
N VAL B 703 23.65 -34.61 10.87
CA VAL B 703 23.04 -35.79 10.28
C VAL B 703 21.77 -35.33 9.57
N CYS B 704 21.67 -35.63 8.27
CA CYS B 704 20.55 -35.19 7.44
C CYS B 704 19.78 -36.43 7.04
N ILE B 705 18.53 -36.53 7.52
CA ILE B 705 17.69 -37.70 7.33
C ILE B 705 16.49 -37.26 6.50
N SER B 706 16.31 -37.86 5.34
CA SER B 706 15.40 -37.35 4.32
C SER B 706 14.32 -38.37 3.99
N PRO B 707 13.17 -37.92 3.49
CA PRO B 707 12.04 -38.80 3.24
C PRO B 707 12.07 -39.37 1.83
N TRP B 708 11.19 -40.34 1.58
CA TRP B 708 11.12 -40.92 0.25
C TRP B 708 10.22 -40.15 -0.70
N ASN B 709 9.39 -39.23 -0.19
CA ASN B 709 8.41 -38.60 -1.08
C ASN B 709 8.97 -37.42 -1.86
N PHE B 710 10.05 -36.79 -1.39
CA PHE B 710 10.80 -35.83 -2.18
C PHE B 710 12.25 -36.22 -2.09
N PRO B 711 12.63 -37.32 -2.76
CA PRO B 711 13.93 -37.95 -2.51
C PRO B 711 15.11 -37.22 -3.12
N LEU B 712 14.89 -36.21 -3.97
CA LEU B 712 15.97 -35.31 -4.36
C LEU B 712 15.83 -33.94 -3.72
N ALA B 713 14.64 -33.35 -3.73
CA ALA B 713 14.51 -31.95 -3.36
C ALA B 713 14.76 -31.76 -1.86
N ILE B 714 14.09 -32.53 -1.01
CA ILE B 714 14.28 -32.34 0.42
C ILE B 714 15.65 -32.88 0.84
N PHE B 715 16.06 -34.00 0.24
CA PHE B 715 17.42 -34.49 0.40
C PHE B 715 18.43 -33.37 0.16
N THR B 716 18.31 -32.67 -0.99
CA THR B 716 19.28 -31.64 -1.36
C THR B 716 19.17 -30.42 -0.46
N GLY B 717 17.94 -29.99 -0.17
CA GLY B 717 17.74 -28.79 0.63
C GLY B 717 18.40 -28.86 1.99
N GLN B 718 18.17 -29.97 2.71
CA GLN B 718 18.77 -30.12 4.04
C GLN B 718 20.30 -30.13 3.94
N ILE B 719 20.83 -30.94 3.02
CA ILE B 719 22.28 -31.10 2.88
C ILE B 719 22.93 -29.79 2.48
N ALA B 720 22.33 -29.09 1.50
CA ALA B 720 22.90 -27.83 1.01
C ALA B 720 22.99 -26.79 2.14
N ALA B 721 21.92 -26.68 2.93
CA ALA B 721 21.90 -25.72 4.02
C ALA B 721 22.97 -26.06 5.06
N ALA B 722 23.05 -27.33 5.45
CA ALA B 722 24.05 -27.70 6.45
C ALA B 722 25.47 -27.44 5.93
N LEU B 723 25.74 -27.82 4.68
CA LEU B 723 27.08 -27.65 4.13
C LEU B 723 27.46 -26.18 4.01
N VAL B 724 26.54 -25.36 3.49
CA VAL B 724 26.92 -23.99 3.20
C VAL B 724 27.09 -23.21 4.50
N ALA B 725 26.43 -23.64 5.57
CA ALA B 725 26.64 -23.03 6.88
C ALA B 725 27.96 -23.47 7.50
N GLY B 726 28.74 -24.30 6.81
CA GLY B 726 30.05 -24.70 7.28
C GLY B 726 30.12 -26.01 8.01
N ASN B 727 29.07 -26.85 7.95
CA ASN B 727 29.01 -28.14 8.65
C ASN B 727 29.25 -29.31 7.70
N PRO B 728 30.07 -30.29 8.05
CA PRO B 728 30.09 -31.53 7.28
C PRO B 728 28.81 -32.31 7.55
N VAL B 729 28.42 -33.12 6.58
CA VAL B 729 27.10 -33.75 6.58
C VAL B 729 27.24 -35.26 6.49
N LEU B 730 26.44 -35.97 7.30
CA LEU B 730 26.14 -37.39 7.11
C LEU B 730 24.74 -37.47 6.53
N ALA B 731 24.64 -37.93 5.29
CA ALA B 731 23.35 -37.95 4.59
C ALA B 731 22.77 -39.36 4.61
N LYS B 732 21.62 -39.52 5.27
CA LYS B 732 20.95 -40.81 5.36
C LYS B 732 19.64 -40.73 4.59
N PRO B 733 19.58 -41.24 3.37
CA PRO B 733 18.34 -41.14 2.59
C PRO B 733 17.36 -42.22 3.00
N ALA B 734 16.10 -42.00 2.62
CA ALA B 734 15.07 -42.98 2.90
C ALA B 734 15.45 -44.33 2.30
N GLU B 735 15.10 -45.39 3.03
CA GLU B 735 15.39 -46.75 2.57
C GLU B 735 14.81 -47.01 1.18
N GLU B 736 13.67 -46.39 0.86
CA GLU B 736 13.00 -46.68 -0.40
C GLU B 736 13.65 -46.01 -1.61
N THR B 737 14.38 -44.91 -1.44
CA THR B 737 14.84 -44.09 -2.56
C THR B 737 16.32 -43.73 -2.45
N PRO B 738 17.20 -44.73 -2.34
CA PRO B 738 18.63 -44.41 -2.22
C PRO B 738 19.31 -44.03 -3.51
N LEU B 739 18.77 -44.40 -4.69
CA LEU B 739 19.55 -44.17 -5.91
C LEU B 739 19.60 -42.70 -6.27
N ILE B 740 18.49 -41.98 -6.09
CA ILE B 740 18.49 -40.57 -6.46
C ILE B 740 19.31 -39.78 -5.46
N ALA B 741 19.32 -40.21 -4.19
CA ALA B 741 20.21 -39.62 -3.19
C ALA B 741 21.67 -39.79 -3.58
N ALA B 742 22.05 -41.02 -3.99
CA ALA B 742 23.42 -41.26 -4.44
C ALA B 742 23.79 -40.33 -5.60
N GLU B 743 22.84 -40.11 -6.52
CA GLU B 743 23.12 -39.25 -7.66
C GLU B 743 23.27 -37.79 -7.21
N GLY B 744 22.44 -37.36 -6.27
CA GLY B 744 22.62 -36.03 -5.69
C GLY B 744 24.00 -35.85 -5.07
N VAL B 745 24.48 -36.85 -4.35
CA VAL B 745 25.81 -36.76 -3.76
C VAL B 745 26.88 -36.72 -4.85
N ARG B 746 26.73 -37.51 -5.91
CA ARG B 746 27.69 -37.44 -7.01
C ARG B 746 27.78 -36.02 -7.55
N ILE B 747 26.63 -35.37 -7.71
CA ILE B 747 26.61 -34.04 -8.30
C ILE B 747 27.25 -33.03 -7.34
N LEU B 748 26.89 -33.08 -6.06
CA LEU B 748 27.51 -32.17 -5.10
C LEU B 748 29.02 -32.38 -5.01
N ARG B 749 29.48 -33.64 -5.05
CA ARG B 749 30.93 -33.85 -5.01
C ARG B 749 31.60 -33.32 -6.27
N GLU B 750 30.98 -33.56 -7.43
CA GLU B 750 31.55 -33.06 -8.68
C GLU B 750 31.62 -31.54 -8.70
N ALA B 751 30.66 -30.88 -8.06
CA ALA B 751 30.64 -29.42 -7.93
C ALA B 751 31.67 -28.90 -6.94
N GLY B 752 32.26 -29.76 -6.12
CA GLY B 752 33.36 -29.35 -5.25
C GLY B 752 33.24 -29.68 -3.77
N ILE B 753 32.14 -30.28 -3.33
CA ILE B 753 32.04 -30.64 -1.92
C ILE B 753 32.94 -31.83 -1.67
N PRO B 754 33.92 -31.71 -0.77
CA PRO B 754 34.85 -32.82 -0.54
C PRO B 754 34.14 -34.04 0.04
N ALA B 755 34.70 -35.22 -0.25
CA ALA B 755 34.13 -36.45 0.26
C ALA B 755 34.07 -36.44 1.79
N SER B 756 35.05 -35.84 2.45
CA SER B 756 35.02 -35.76 3.90
C SER B 756 33.89 -34.86 4.41
N ALA B 757 33.39 -33.92 3.60
CA ALA B 757 32.32 -33.04 4.04
C ALA B 757 30.93 -33.58 3.73
N LEU B 758 30.82 -34.57 2.86
CA LEU B 758 29.50 -35.10 2.49
C LEU B 758 29.63 -36.61 2.30
N GLN B 759 29.12 -37.37 3.26
CA GLN B 759 29.15 -38.82 3.23
C GLN B 759 27.72 -39.33 3.09
N LEU B 760 27.53 -40.38 2.30
CA LEU B 760 26.22 -40.98 2.06
C LEU B 760 26.12 -42.32 2.79
N LEU B 761 25.06 -42.51 3.57
CA LEU B 761 24.87 -43.73 4.37
C LEU B 761 23.50 -44.31 4.09
N PRO B 762 23.35 -45.08 3.02
CA PRO B 762 22.06 -45.74 2.77
C PRO B 762 21.74 -46.77 3.85
N GLY B 763 20.44 -46.97 4.06
CA GLY B 763 19.97 -48.00 4.97
C GLY B 763 18.65 -47.60 5.59
N ASP B 764 18.21 -48.41 6.56
CA ASP B 764 16.92 -48.24 7.18
C ASP B 764 17.05 -47.34 8.41
N GLY B 765 16.07 -47.39 9.31
CA GLY B 765 16.02 -46.51 10.46
C GLY B 765 17.10 -46.77 11.48
N ARG B 766 17.62 -48.01 11.52
CA ARG B 766 18.72 -48.33 12.41
C ARG B 766 19.99 -47.59 12.02
N VAL B 767 20.17 -47.33 10.73
CA VAL B 767 21.29 -46.49 10.29
C VAL B 767 21.07 -45.05 10.75
N GLY B 768 19.86 -44.52 10.55
CA GLY B 768 19.58 -43.18 11.05
C GLY B 768 19.81 -43.08 12.55
N ALA B 769 19.35 -44.07 13.31
CA ALA B 769 19.47 -44.03 14.76
C ALA B 769 20.94 -44.08 15.20
N ALA B 770 21.74 -44.90 14.54
CA ALA B 770 23.16 -44.96 14.83
C ALA B 770 23.84 -43.61 14.56
N LEU B 771 23.42 -42.92 13.50
CA LEU B 771 24.03 -41.62 13.23
C LEU B 771 23.63 -40.59 14.28
N VAL B 772 22.35 -40.56 14.65
CA VAL B 772 21.87 -39.56 15.60
C VAL B 772 22.54 -39.75 16.95
N ALA B 773 22.78 -41.00 17.36
CA ALA B 773 23.34 -41.31 18.66
C ALA B 773 24.85 -41.15 18.72
N ALA B 774 25.53 -40.98 17.59
CA ALA B 774 26.98 -40.87 17.58
C ALA B 774 27.43 -39.66 18.39
N ALA B 775 28.54 -39.82 19.11
CA ALA B 775 28.94 -38.83 20.10
C ALA B 775 29.28 -37.48 19.47
N GLU B 776 29.80 -37.47 18.25
CA GLU B 776 30.25 -36.24 17.60
C GLU B 776 29.16 -35.55 16.79
N THR B 777 27.96 -36.14 16.71
CA THR B 777 26.87 -35.51 15.98
C THR B 777 26.46 -34.21 16.67
N ALA B 778 26.47 -33.11 15.92
CA ALA B 778 26.26 -31.78 16.46
C ALA B 778 24.92 -31.17 16.08
N GLY B 779 24.15 -31.83 15.22
CA GLY B 779 22.81 -31.40 14.88
C GLY B 779 22.17 -32.43 13.97
N VAL B 780 20.85 -32.38 13.90
CA VAL B 780 20.09 -33.32 13.08
C VAL B 780 19.03 -32.53 12.32
N MET B 781 18.93 -32.77 11.02
CA MET B 781 17.86 -32.25 10.19
C MET B 781 17.04 -33.44 9.72
N PHE B 782 15.75 -33.46 10.08
CA PHE B 782 14.91 -34.62 9.85
C PHE B 782 13.61 -34.18 9.20
N THR B 783 13.20 -34.90 8.16
CA THR B 783 11.89 -34.74 7.55
C THR B 783 11.28 -36.14 7.41
N GLY B 784 10.11 -36.33 8.02
CA GLY B 784 9.49 -37.63 8.07
C GLY B 784 8.35 -37.65 9.08
N SER B 785 8.11 -38.83 9.64
CA SER B 785 6.94 -39.03 10.49
C SER B 785 7.13 -38.42 11.88
N THR B 786 6.02 -37.94 12.44
CA THR B 786 6.06 -37.40 13.80
C THR B 786 6.64 -38.42 14.78
N GLU B 787 6.24 -39.70 14.66
CA GLU B 787 6.68 -40.69 15.63
C GLU B 787 8.20 -40.84 15.63
N VAL B 788 8.81 -40.83 14.45
CA VAL B 788 10.27 -40.97 14.35
C VAL B 788 10.96 -39.71 14.85
N ALA B 789 10.39 -38.54 14.54
CA ALA B 789 10.95 -37.29 15.05
C ALA B 789 10.99 -37.30 16.56
N ARG B 790 9.95 -37.85 17.21
CA ARG B 790 9.96 -37.91 18.66
C ARG B 790 11.08 -38.82 19.19
N LEU B 791 11.36 -39.91 18.48
CA LEU B 791 12.44 -40.80 18.91
C LEU B 791 13.79 -40.09 18.80
N ILE B 792 14.00 -39.33 17.73
CA ILE B 792 15.25 -38.60 17.56
C ILE B 792 15.42 -37.56 18.64
N GLN B 793 14.36 -36.79 18.91
CA GLN B 793 14.40 -35.75 19.94
C GLN B 793 14.81 -36.33 21.29
N ALA B 794 14.29 -37.50 21.64
CA ALA B 794 14.65 -38.12 22.90
C ALA B 794 16.10 -38.56 22.93
N GLN B 795 16.58 -39.16 21.83
CA GLN B 795 17.99 -39.58 21.79
C GLN B 795 18.91 -38.37 21.95
N LEU B 796 18.57 -37.25 21.30
CA LEU B 796 19.41 -36.05 21.37
C LEU B 796 19.38 -35.41 22.75
N ALA B 797 18.24 -35.52 23.46
CA ALA B 797 18.11 -34.86 24.76
C ALA B 797 19.04 -35.47 25.80
N ASP B 798 19.58 -36.65 25.53
CA ASP B 798 20.50 -37.26 26.48
C ASP B 798 21.89 -36.64 26.43
N ARG B 799 22.20 -35.86 25.39
CA ARG B 799 23.54 -35.34 25.19
C ARG B 799 23.52 -33.82 25.14
N LEU B 800 24.70 -33.24 25.30
CA LEU B 800 24.91 -31.82 25.08
C LEU B 800 26.04 -31.65 24.08
N SER B 801 26.09 -30.47 23.46
CA SER B 801 27.20 -30.12 22.56
C SER B 801 28.47 -29.97 23.40
N PRO B 802 29.64 -29.92 22.75
CA PRO B 802 30.88 -29.65 23.51
C PRO B 802 30.80 -28.37 24.34
N ALA B 803 30.02 -27.39 23.88
CA ALA B 803 29.85 -26.13 24.59
C ALA B 803 28.77 -26.19 25.66
N GLY B 804 28.15 -27.35 25.89
CA GLY B 804 27.18 -27.47 26.95
C GLY B 804 25.78 -26.98 26.62
N ARG B 805 25.38 -27.04 25.36
CA ARG B 805 24.09 -26.57 24.87
C ARG B 805 23.33 -27.69 24.18
N PRO B 806 22.00 -27.60 24.11
CA PRO B 806 21.24 -28.68 23.46
C PRO B 806 21.59 -28.79 21.99
N ILE B 807 21.54 -30.02 21.49
CA ILE B 807 21.85 -30.32 20.09
C ILE B 807 20.65 -29.95 19.24
N PRO B 808 20.80 -29.07 18.25
CA PRO B 808 19.66 -28.62 17.45
C PRO B 808 19.04 -29.76 16.67
N LEU B 809 17.70 -29.78 16.65
CA LEU B 809 16.94 -30.66 15.76
C LEU B 809 16.02 -29.77 14.92
N ILE B 810 16.12 -29.89 13.60
CA ILE B 810 15.15 -29.31 12.69
C ILE B 810 14.33 -30.47 12.16
N ALA B 811 13.04 -30.48 12.50
CA ALA B 811 12.16 -31.59 12.18
C ALA B 811 10.93 -31.05 11.47
N GLU B 812 10.65 -31.55 10.28
CA GLU B 812 9.43 -31.22 9.53
C GLU B 812 8.61 -32.48 9.42
N THR B 813 7.35 -32.44 9.88
CA THR B 813 6.64 -33.68 10.11
C THR B 813 5.22 -33.70 9.54
N GLY B 814 4.93 -32.94 8.50
CA GLY B 814 3.67 -33.13 7.79
C GLY B 814 2.44 -32.64 8.56
N GLY B 815 1.27 -32.86 7.97
CA GLY B 815 0.08 -32.21 8.49
C GLY B 815 -1.21 -32.87 8.07
N GLN B 816 -2.30 -32.39 8.66
CA GLN B 816 -3.66 -32.84 8.35
C GLN B 816 -4.36 -31.68 7.65
N ASN B 817 -4.02 -31.45 6.38
CA ASN B 817 -4.25 -30.16 5.75
C ASN B 817 -5.67 -30.04 5.22
N ALA B 818 -6.28 -28.89 5.48
CA ALA B 818 -7.68 -28.67 5.09
C ALA B 818 -7.76 -27.60 4.02
N MET B 819 -8.87 -27.62 3.29
CA MET B 819 -9.27 -26.53 2.44
C MET B 819 -10.72 -26.21 2.74
N ILE B 820 -11.03 -24.92 2.91
CA ILE B 820 -12.40 -24.46 3.15
C ILE B 820 -12.90 -23.73 1.91
N VAL B 821 -14.08 -24.10 1.44
CA VAL B 821 -14.68 -23.56 0.24
C VAL B 821 -16.06 -23.01 0.62
N ASP B 822 -16.33 -21.74 0.28
CA ASP B 822 -17.67 -21.21 0.55
C ASP B 822 -18.46 -21.09 -0.76
N SER B 823 -19.71 -20.64 -0.64
CA SER B 823 -20.60 -20.63 -1.79
C SER B 823 -20.24 -19.56 -2.83
N SER B 824 -19.28 -18.68 -2.54
CA SER B 824 -18.85 -17.71 -3.55
C SER B 824 -17.73 -18.24 -4.44
N ALA B 825 -17.07 -19.33 -4.07
CA ALA B 825 -16.01 -19.87 -4.89
C ALA B 825 -16.55 -20.37 -6.23
N LEU B 826 -15.69 -20.37 -7.25
CA LEU B 826 -16.05 -20.90 -8.57
C LEU B 826 -15.77 -22.40 -8.59
N ALA B 827 -16.83 -23.20 -8.79
CA ALA B 827 -16.72 -24.65 -8.64
C ALA B 827 -15.63 -25.24 -9.53
N GLU B 828 -15.53 -24.78 -10.79
CA GLU B 828 -14.54 -25.34 -11.70
C GLU B 828 -13.13 -25.14 -11.17
N GLN B 829 -12.83 -23.96 -10.63
CA GLN B 829 -11.51 -23.68 -10.06
C GLN B 829 -11.26 -24.54 -8.83
N VAL B 830 -12.27 -24.62 -7.95
CA VAL B 830 -12.15 -25.45 -6.75
C VAL B 830 -11.79 -26.87 -7.15
N VAL B 831 -12.52 -27.43 -8.11
CA VAL B 831 -12.33 -28.85 -8.44
C VAL B 831 -10.94 -29.07 -8.98
N GLY B 832 -10.49 -28.22 -9.90
CA GLY B 832 -9.14 -28.30 -10.39
C GLY B 832 -8.11 -28.28 -9.27
N ASP B 833 -8.28 -27.38 -8.30
CA ASP B 833 -7.30 -27.27 -7.22
C ASP B 833 -7.40 -28.41 -6.23
N VAL B 834 -8.58 -29.00 -6.07
CA VAL B 834 -8.71 -30.14 -5.17
C VAL B 834 -8.09 -31.38 -5.79
N ILE B 835 -8.39 -31.63 -7.07
CA ILE B 835 -7.84 -32.79 -7.75
C ILE B 835 -6.32 -32.77 -7.68
N THR B 836 -5.73 -31.60 -7.93
CA THR B 836 -4.28 -31.46 -7.80
C THR B 836 -3.82 -31.65 -6.36
N SER B 837 -4.42 -30.92 -5.42
CA SER B 837 -3.90 -30.92 -4.06
C SER B 837 -4.04 -32.29 -3.41
N ALA B 838 -5.13 -33.01 -3.69
CA ALA B 838 -5.37 -34.25 -2.98
C ALA B 838 -4.72 -35.47 -3.62
N PHE B 839 -4.59 -35.50 -4.94
CA PHE B 839 -4.24 -36.73 -5.64
C PHE B 839 -2.96 -36.64 -6.46
N ASP B 840 -2.45 -35.46 -6.74
CA ASP B 840 -1.11 -35.33 -7.32
C ASP B 840 -0.11 -36.09 -6.44
N SER B 841 0.82 -36.79 -7.10
CA SER B 841 1.82 -37.62 -6.42
C SER B 841 1.15 -38.67 -5.52
N ALA B 842 -0.05 -39.12 -5.91
CA ALA B 842 -0.83 -40.07 -5.12
C ALA B 842 -1.06 -39.61 -3.69
N GLY B 843 -1.22 -38.31 -3.50
CA GLY B 843 -1.40 -37.77 -2.16
C GLY B 843 -0.21 -37.95 -1.23
N GLN B 844 0.98 -38.18 -1.77
CA GLN B 844 2.18 -38.42 -0.95
C GLN B 844 3.03 -37.15 -0.83
N ARG B 845 2.38 -36.03 -0.62
CA ARG B 845 3.04 -34.78 -0.27
C ARG B 845 2.71 -34.45 1.18
N CYS B 846 3.67 -33.86 1.90
CA CYS B 846 3.35 -33.39 3.24
C CYS B 846 2.25 -32.33 3.22
N SER B 847 2.17 -31.58 2.12
CA SER B 847 1.20 -30.50 1.90
C SER B 847 -0.15 -30.98 1.37
N ALA B 848 -0.31 -32.27 1.10
CA ALA B 848 -1.48 -32.74 0.36
C ALA B 848 -2.77 -32.42 1.09
N LEU B 849 -3.82 -32.15 0.30
CA LEU B 849 -5.14 -31.89 0.84
C LEU B 849 -5.75 -33.17 1.43
N ARG B 850 -6.08 -33.14 2.71
CA ARG B 850 -6.65 -34.28 3.43
C ARG B 850 -8.12 -34.14 3.72
N VAL B 851 -8.58 -32.93 4.02
CA VAL B 851 -9.95 -32.66 4.43
C VAL B 851 -10.44 -31.47 3.62
N LEU B 852 -11.43 -31.70 2.77
CA LEU B 852 -12.11 -30.66 2.01
C LEU B 852 -13.38 -30.28 2.76
N CYS B 853 -13.55 -28.98 3.04
CA CYS B 853 -14.69 -28.49 3.82
C CYS B 853 -15.57 -27.62 2.91
N LEU B 854 -16.77 -28.09 2.63
CA LEU B 854 -17.64 -27.48 1.62
C LEU B 854 -18.86 -26.89 2.31
N GLN B 855 -19.15 -25.62 1.99
CA GLN B 855 -20.35 -25.00 2.54
C GLN B 855 -21.58 -25.78 2.08
N GLU B 856 -22.49 -26.01 3.01
CA GLU B 856 -23.61 -26.94 2.80
C GLU B 856 -24.33 -26.65 1.48
N ASP B 857 -24.52 -25.37 1.16
CA ASP B 857 -25.33 -24.97 0.03
C ASP B 857 -24.74 -25.36 -1.32
N VAL B 858 -23.42 -25.61 -1.39
CA VAL B 858 -22.80 -25.93 -2.66
C VAL B 858 -22.10 -27.28 -2.63
N ALA B 859 -22.23 -28.03 -1.54
CA ALA B 859 -21.44 -29.25 -1.40
C ALA B 859 -21.83 -30.30 -2.44
N ASP B 860 -23.14 -30.48 -2.68
CA ASP B 860 -23.57 -31.51 -3.63
C ASP B 860 -23.06 -31.22 -5.04
N ARG B 861 -23.19 -29.97 -5.50
CA ARG B 861 -22.78 -29.63 -6.85
C ARG B 861 -21.27 -29.80 -7.02
N ILE B 862 -20.48 -29.35 -6.04
CA ILE B 862 -19.04 -29.50 -6.15
C ILE B 862 -18.64 -30.98 -6.09
N LEU B 863 -19.30 -31.76 -5.22
CA LEU B 863 -18.97 -33.18 -5.12
C LEU B 863 -19.25 -33.91 -6.42
N THR B 864 -20.38 -33.60 -7.06
CA THR B 864 -20.69 -34.18 -8.36
C THR B 864 -19.59 -33.87 -9.38
N MET B 865 -19.19 -32.61 -9.45
CA MET B 865 -18.14 -32.21 -10.39
C MET B 865 -16.80 -32.86 -10.03
N LEU B 866 -16.49 -32.92 -8.74
CA LEU B 866 -15.25 -33.56 -8.28
C LEU B 866 -15.22 -35.04 -8.70
N LYS B 867 -16.32 -35.76 -8.50
CA LYS B 867 -16.34 -37.17 -8.85
C LYS B 867 -16.22 -37.35 -10.36
N GLY B 868 -16.85 -36.47 -11.14
CA GLY B 868 -16.69 -36.55 -12.58
C GLY B 868 -15.27 -36.29 -13.03
N ALA B 869 -14.61 -35.30 -12.41
CA ALA B 869 -13.22 -35.04 -12.74
C ALA B 869 -12.32 -36.20 -12.34
N LEU B 870 -12.63 -36.85 -11.21
CA LEU B 870 -11.82 -37.98 -10.76
C LEU B 870 -11.81 -39.10 -11.79
N HIS B 871 -12.95 -39.34 -12.42
CA HIS B 871 -13.05 -40.43 -13.37
C HIS B 871 -12.31 -40.15 -14.68
N GLU B 872 -11.81 -38.94 -14.89
CA GLU B 872 -11.00 -38.69 -16.07
C GLU B 872 -9.51 -38.87 -15.80
N LEU B 873 -9.12 -39.26 -14.59
CA LEU B 873 -7.71 -39.43 -14.27
C LEU B 873 -7.20 -40.79 -14.73
N HIS B 874 -5.95 -40.81 -15.16
CA HIS B 874 -5.29 -42.02 -15.64
C HIS B 874 -4.28 -42.47 -14.58
N ILE B 875 -4.49 -43.66 -14.01
CA ILE B 875 -3.62 -44.20 -12.98
C ILE B 875 -2.78 -45.32 -13.59
N GLY B 876 -1.46 -45.29 -13.36
CA GLY B 876 -0.63 -46.35 -13.89
C GLY B 876 0.85 -46.08 -13.68
N ARG B 877 1.66 -46.96 -14.25
CA ARG B 877 3.12 -46.79 -14.24
C ARG B 877 3.47 -45.48 -14.92
N THR B 878 4.31 -44.67 -14.27
CA THR B 878 4.47 -43.26 -14.63
C THR B 878 5.49 -43.00 -15.74
N ASP B 879 5.92 -44.00 -16.49
CA ASP B 879 6.77 -43.74 -17.65
C ASP B 879 5.96 -43.46 -18.91
N ARG B 880 4.74 -42.93 -18.76
CA ARG B 880 3.91 -42.45 -19.85
C ARG B 880 3.43 -41.05 -19.50
N LEU B 881 3.55 -40.11 -20.46
CA LEU B 881 3.09 -38.75 -20.25
C LEU B 881 1.60 -38.69 -19.88
N SER B 882 0.81 -39.64 -20.39
CA SER B 882 -0.63 -39.63 -20.15
C SER B 882 -1.03 -40.02 -18.74
N VAL B 883 -0.09 -40.47 -17.91
CA VAL B 883 -0.45 -40.91 -16.56
C VAL B 883 -0.52 -39.69 -15.63
N ASP B 884 -1.64 -39.58 -14.93
CA ASP B 884 -1.88 -38.51 -13.97
C ASP B 884 -1.45 -38.88 -12.55
N VAL B 885 -1.67 -40.12 -12.14
CA VAL B 885 -1.44 -40.57 -10.78
C VAL B 885 -0.70 -41.90 -10.82
N GLY B 886 0.44 -41.97 -10.14
CA GLY B 886 1.22 -43.18 -10.10
C GLY B 886 0.98 -43.97 -8.83
N PRO B 887 1.92 -44.85 -8.51
CA PRO B 887 1.76 -45.77 -7.38
C PRO B 887 2.08 -45.11 -6.05
N VAL B 888 1.66 -45.78 -4.97
CA VAL B 888 2.21 -45.46 -3.66
C VAL B 888 3.53 -46.20 -3.48
N ILE B 889 4.31 -45.77 -2.49
CA ILE B 889 5.74 -46.07 -2.52
C ILE B 889 6.02 -47.55 -2.24
N THR B 890 5.24 -48.20 -1.37
CA THR B 890 5.50 -49.58 -0.98
C THR B 890 4.19 -50.33 -0.76
N SER B 891 4.29 -51.66 -0.70
CA SER B 891 3.11 -52.44 -0.33
C SER B 891 2.69 -52.18 1.11
N GLU B 892 3.63 -51.82 1.98
CA GLU B 892 3.27 -51.50 3.36
C GLU B 892 2.45 -50.21 3.43
N ALA B 893 2.89 -49.18 2.70
CA ALA B 893 2.09 -47.96 2.58
C ALA B 893 0.71 -48.25 2.04
N LYS B 894 0.63 -49.06 0.98
CA LYS B 894 -0.66 -49.41 0.40
C LYS B 894 -1.57 -50.10 1.42
N ASP B 895 -1.02 -51.06 2.18
CA ASP B 895 -1.85 -51.75 3.16
C ASP B 895 -2.31 -50.80 4.26
N ASN B 896 -1.45 -49.85 4.63
CA ASN B 896 -1.79 -48.91 5.70
C ASN B 896 -2.93 -47.99 5.27
N ILE B 897 -2.86 -47.47 4.03
CA ILE B 897 -3.91 -46.64 3.48
C ILE B 897 -5.21 -47.44 3.36
N GLU B 898 -5.12 -48.65 2.82
CA GLU B 898 -6.32 -49.48 2.65
C GLU B 898 -6.95 -49.86 3.98
N LYS B 899 -6.14 -50.09 5.01
CA LYS B 899 -6.68 -50.38 6.33
C LYS B 899 -7.50 -49.21 6.85
N HIS B 900 -7.05 -47.98 6.57
CA HIS B 900 -7.83 -46.80 6.92
C HIS B 900 -9.14 -46.76 6.15
N ILE B 901 -9.10 -47.05 4.84
CA ILE B 901 -10.30 -46.94 4.03
C ILE B 901 -11.34 -47.95 4.48
N GLU B 902 -10.90 -49.15 4.84
CA GLU B 902 -11.84 -50.17 5.26
C GLU B 902 -12.46 -49.83 6.62
N ARG B 903 -11.66 -49.24 7.51
CA ARG B 903 -12.20 -48.79 8.79
C ARG B 903 -13.28 -47.74 8.58
N MET B 904 -13.04 -46.78 7.67
CA MET B 904 -14.06 -45.79 7.34
C MET B 904 -15.32 -46.46 6.79
N ARG B 905 -15.15 -47.38 5.84
CA ARG B 905 -16.29 -48.12 5.34
C ARG B 905 -16.95 -48.93 6.45
N GLY B 906 -16.13 -49.65 7.23
CA GLY B 906 -16.65 -50.40 8.36
C GLY B 906 -17.40 -49.57 9.37
N LEU B 907 -17.10 -48.27 9.46
CA LEU B 907 -17.86 -47.35 10.30
C LEU B 907 -19.07 -46.75 9.60
N GLY B 908 -19.25 -46.99 8.29
CA GLY B 908 -20.46 -46.64 7.57
C GLY B 908 -20.35 -45.47 6.61
N ARG B 909 -19.20 -44.78 6.53
CA ARG B 909 -19.10 -43.59 5.69
C ARG B 909 -19.17 -43.95 4.20
N LYS B 910 -19.63 -42.99 3.39
CA LYS B 910 -19.62 -43.18 1.95
C LYS B 910 -18.20 -43.11 1.42
N VAL B 911 -17.85 -44.07 0.55
CA VAL B 911 -16.50 -44.19 -0.02
C VAL B 911 -16.63 -44.34 -1.52
N GLU B 912 -16.20 -43.33 -2.27
CA GLU B 912 -16.08 -43.40 -3.71
C GLU B 912 -14.63 -43.66 -4.11
N GLN B 913 -14.43 -44.56 -5.07
CA GLN B 913 -13.12 -44.76 -5.68
C GLN B 913 -13.28 -44.89 -7.19
N ILE B 914 -12.18 -44.76 -7.90
CA ILE B 914 -12.17 -45.03 -9.34
C ILE B 914 -11.48 -46.37 -9.59
N GLY B 915 -11.87 -47.01 -10.70
CA GLY B 915 -11.30 -48.30 -11.03
C GLY B 915 -9.84 -48.20 -11.46
N LEU B 916 -9.13 -49.31 -11.28
CA LEU B 916 -7.73 -49.41 -11.66
C LEU B 916 -7.59 -50.49 -12.72
N ALA B 917 -6.73 -50.21 -13.71
CA ALA B 917 -6.46 -51.17 -14.78
C ALA B 917 -5.74 -52.39 -14.22
N SER B 918 -5.90 -53.53 -14.91
CA SER B 918 -5.27 -54.76 -14.47
C SER B 918 -3.74 -54.62 -14.46
N GLU B 919 -3.19 -53.74 -15.30
CA GLU B 919 -1.76 -53.53 -15.38
C GLU B 919 -1.19 -52.96 -14.08
N THR B 920 -2.02 -52.40 -13.20
CA THR B 920 -1.53 -51.93 -11.91
C THR B 920 -1.23 -53.06 -10.94
N GLY B 921 -1.65 -54.30 -11.23
CA GLY B 921 -1.41 -55.40 -10.30
C GLY B 921 0.05 -55.65 -10.00
N VAL B 922 0.94 -55.36 -10.96
CA VAL B 922 2.36 -55.61 -10.76
C VAL B 922 3.05 -54.57 -9.90
N GLY B 923 2.34 -53.49 -9.54
CA GLY B 923 2.90 -52.46 -8.69
C GLY B 923 2.03 -52.27 -7.46
N THR B 924 2.23 -51.20 -6.71
CA THR B 924 1.47 -50.95 -5.48
C THR B 924 0.67 -49.67 -5.69
N PHE B 925 -0.60 -49.81 -6.05
CA PHE B 925 -1.44 -48.65 -6.35
C PHE B 925 -2.62 -48.59 -5.39
N VAL B 926 -3.01 -47.37 -5.06
CA VAL B 926 -4.25 -47.07 -4.36
C VAL B 926 -5.03 -46.11 -5.24
N PRO B 927 -6.26 -46.41 -5.62
CA PRO B 927 -7.00 -45.48 -6.46
C PRO B 927 -7.39 -44.23 -5.68
N PRO B 928 -7.41 -43.07 -6.32
CA PRO B 928 -7.95 -41.87 -5.67
C PRO B 928 -9.31 -42.13 -5.05
N THR B 929 -9.45 -41.73 -3.80
CA THR B 929 -10.57 -42.11 -2.95
C THR B 929 -11.15 -40.88 -2.28
N ILE B 930 -12.48 -40.77 -2.28
CA ILE B 930 -13.18 -39.68 -1.61
C ILE B 930 -14.06 -40.28 -0.52
N ILE B 931 -13.90 -39.79 0.70
CA ILE B 931 -14.61 -40.33 1.85
C ILE B 931 -15.37 -39.19 2.52
N GLU B 932 -16.69 -39.32 2.62
CA GLU B 932 -17.50 -38.27 3.22
C GLU B 932 -17.61 -38.53 4.71
N LEU B 933 -17.20 -37.56 5.52
CA LEU B 933 -17.20 -37.67 6.96
C LEU B 933 -18.39 -36.93 7.56
N GLU B 934 -18.66 -37.22 8.83
CA GLU B 934 -19.67 -36.48 9.58
C GLU B 934 -19.03 -35.31 10.31
N LYS B 935 -18.08 -35.60 11.20
CA LYS B 935 -17.30 -34.58 11.90
C LYS B 935 -15.84 -34.69 11.49
N LEU B 936 -15.14 -33.56 11.57
CA LEU B 936 -13.71 -33.57 11.29
C LEU B 936 -12.97 -34.49 12.25
N SER B 937 -13.46 -34.60 13.49
CA SER B 937 -12.83 -35.46 14.49
C SER B 937 -12.95 -36.95 14.17
N ASP B 938 -13.67 -37.34 13.11
CA ASP B 938 -13.67 -38.73 12.65
C ASP B 938 -12.33 -39.15 12.04
N LEU B 939 -11.37 -38.25 11.92
CA LEU B 939 -10.03 -38.55 11.41
C LEU B 939 -9.05 -38.57 12.57
N GLN B 940 -8.46 -39.74 12.82
CA GLN B 940 -7.52 -39.91 13.93
C GLN B 940 -6.07 -39.76 13.48
N ARG B 941 -5.68 -40.43 12.42
CA ARG B 941 -4.31 -40.44 11.95
C ARG B 941 -4.18 -39.72 10.62
N GLU B 942 -2.96 -39.24 10.33
CA GLU B 942 -2.67 -38.79 8.99
C GLU B 942 -2.58 -40.00 8.07
N VAL B 943 -3.33 -39.97 6.98
CA VAL B 943 -3.36 -41.05 6.00
C VAL B 943 -2.58 -40.57 4.78
N PHE B 944 -1.37 -41.11 4.59
CA PHE B 944 -0.43 -40.56 3.63
C PHE B 944 -0.62 -41.21 2.25
N GLY B 945 -1.72 -40.84 1.61
CA GLY B 945 -2.11 -41.49 0.38
C GLY B 945 -3.18 -40.69 -0.34
N PRO B 946 -3.69 -41.22 -1.46
CA PRO B 946 -4.63 -40.43 -2.27
C PRO B 946 -6.07 -40.55 -1.76
N VAL B 947 -6.28 -40.11 -0.53
CA VAL B 947 -7.55 -40.27 0.17
C VAL B 947 -8.04 -38.90 0.63
N LEU B 948 -9.09 -38.40 -0.02
CA LEU B 948 -9.68 -37.11 0.33
C LEU B 948 -10.90 -37.33 1.20
N HIS B 949 -10.93 -36.72 2.36
CA HIS B 949 -12.09 -36.70 3.23
C HIS B 949 -12.86 -35.40 3.03
N VAL B 950 -14.18 -35.49 3.05
CA VAL B 950 -15.01 -34.31 2.76
C VAL B 950 -15.98 -34.11 3.92
N ILE B 951 -16.05 -32.87 4.41
CA ILE B 951 -17.04 -32.53 5.41
C ILE B 951 -17.83 -31.31 4.91
N ARG B 952 -19.07 -31.21 5.39
CA ARG B 952 -19.96 -30.12 5.00
C ARG B 952 -20.18 -29.23 6.22
N TYR B 953 -20.35 -27.92 5.99
CA TYR B 953 -20.54 -27.01 7.11
C TYR B 953 -21.56 -25.94 6.76
N ARG B 954 -22.24 -25.44 7.78
CA ARG B 954 -23.12 -24.29 7.64
C ARG B 954 -22.29 -23.02 7.80
N ARG B 955 -22.61 -22.01 6.97
CA ARG B 955 -21.81 -20.79 6.99
C ARG B 955 -21.72 -20.20 8.40
N ASP B 956 -22.82 -20.26 9.16
CA ASP B 956 -22.82 -19.70 10.50
C ASP B 956 -21.86 -20.42 11.44
N ASP B 957 -21.41 -21.63 11.07
CA ASP B 957 -20.48 -22.39 11.89
C ASP B 957 -19.05 -22.30 11.39
N LEU B 958 -18.75 -21.31 10.55
CA LEU B 958 -17.41 -21.20 9.97
C LEU B 958 -16.35 -21.06 11.07
N ASP B 959 -16.64 -20.26 12.09
CA ASP B 959 -15.61 -20.03 13.10
C ASP B 959 -15.35 -21.29 13.92
N ARG B 960 -16.41 -22.07 14.18
CA ARG B 960 -16.22 -23.35 14.87
C ARG B 960 -15.45 -24.34 13.99
N LEU B 961 -15.70 -24.31 12.67
CA LEU B 961 -14.96 -25.18 11.77
C LEU B 961 -13.47 -24.85 11.78
N VAL B 962 -13.12 -23.57 11.80
CA VAL B 962 -11.71 -23.20 11.88
C VAL B 962 -11.12 -23.71 13.18
N ASP B 963 -11.87 -23.61 14.28
CA ASP B 963 -11.45 -24.21 15.55
C ASP B 963 -11.18 -25.70 15.40
N ASP B 964 -12.13 -26.42 14.79
CA ASP B 964 -11.94 -27.86 14.58
C ASP B 964 -10.69 -28.15 13.77
N VAL B 965 -10.42 -27.35 12.73
CA VAL B 965 -9.21 -27.56 11.94
C VAL B 965 -7.98 -27.36 12.81
N ASN B 966 -7.95 -26.27 13.59
CA ASN B 966 -6.80 -26.03 14.46
C ASN B 966 -6.66 -27.10 15.53
N ALA B 967 -7.76 -27.74 15.92
CA ALA B 967 -7.73 -28.64 17.07
C ALA B 967 -6.94 -29.92 16.81
N THR B 968 -6.70 -30.28 15.54
CA THR B 968 -5.92 -31.49 15.27
C THR B 968 -4.51 -31.38 15.82
N GLY B 969 -3.99 -30.16 16.02
CA GLY B 969 -2.66 -29.97 16.51
C GLY B 969 -1.61 -29.80 15.43
N TYR B 970 -1.96 -30.11 14.18
CA TYR B 970 -1.13 -29.82 13.02
C TYR B 970 -1.38 -28.38 12.55
N GLY B 971 -0.48 -27.90 11.70
CA GLY B 971 -0.65 -26.59 11.13
C GLY B 971 0.34 -26.36 10.02
N LEU B 972 0.23 -27.18 8.98
CA LEU B 972 1.17 -27.09 7.86
C LEU B 972 0.56 -26.24 6.74
N THR B 973 -0.21 -26.84 5.85
CA THR B 973 -0.82 -26.10 4.76
C THR B 973 -2.34 -25.98 4.98
N PHE B 974 -2.89 -24.94 4.38
CA PHE B 974 -4.31 -24.63 4.51
C PHE B 974 -4.74 -23.81 3.31
N GLY B 975 -5.89 -24.17 2.74
CA GLY B 975 -6.42 -23.50 1.57
C GLY B 975 -7.79 -22.92 1.85
N LEU B 976 -8.08 -21.79 1.18
CA LEU B 976 -9.36 -21.10 1.30
C LEU B 976 -9.78 -20.66 -0.09
N HIS B 977 -10.97 -21.09 -0.52
CA HIS B 977 -11.54 -20.63 -1.79
C HIS B 977 -12.77 -19.79 -1.48
N THR B 978 -12.68 -18.51 -1.77
CA THR B 978 -13.76 -17.56 -1.54
C THR B 978 -13.41 -16.31 -2.32
N ARG B 979 -14.46 -15.59 -2.74
CA ARG B 979 -14.24 -14.29 -3.34
C ARG B 979 -14.48 -13.13 -2.38
N LEU B 980 -14.84 -13.39 -1.13
CA LEU B 980 -15.31 -12.36 -0.21
C LEU B 980 -14.23 -11.96 0.79
N ASP B 981 -13.87 -10.67 0.79
CA ASP B 981 -12.78 -10.19 1.66
C ASP B 981 -13.04 -10.44 3.13
N GLU B 982 -14.31 -10.36 3.57
CA GLU B 982 -14.59 -10.54 4.99
C GLU B 982 -14.31 -11.98 5.41
N THR B 983 -14.65 -12.93 4.55
CA THR B 983 -14.32 -14.33 4.81
C THR B 983 -12.81 -14.56 4.79
N ILE B 984 -12.12 -13.96 3.83
CA ILE B 984 -10.66 -14.08 3.80
C ILE B 984 -10.05 -13.56 5.09
N ALA B 985 -10.48 -12.37 5.53
CA ALA B 985 -9.89 -11.77 6.73
C ALA B 985 -10.21 -12.59 7.97
N HIS B 986 -11.45 -13.05 8.07
CA HIS B 986 -11.86 -13.88 9.21
C HIS B 986 -11.06 -15.16 9.26
N VAL B 987 -11.02 -15.91 8.16
CA VAL B 987 -10.39 -17.22 8.19
C VAL B 987 -8.89 -17.10 8.38
N THR B 988 -8.23 -16.18 7.64
CA THR B 988 -6.78 -16.11 7.76
C THR B 988 -6.34 -15.57 9.13
N SER B 989 -7.19 -14.79 9.81
CA SER B 989 -6.83 -14.35 11.15
C SER B 989 -7.03 -15.41 12.21
N ARG B 990 -7.84 -16.44 11.94
CA ARG B 990 -8.13 -17.45 12.96
C ARG B 990 -7.45 -18.79 12.71
N ILE B 991 -7.09 -19.10 11.47
CA ILE B 991 -6.44 -20.38 11.20
C ILE B 991 -4.99 -20.32 11.72
N LYS B 992 -4.48 -21.46 12.16
CA LYS B 992 -3.12 -21.54 12.68
C LYS B 992 -2.35 -22.53 11.80
N ALA B 993 -1.86 -22.04 10.67
CA ALA B 993 -1.08 -22.88 9.77
C ALA B 993 0.09 -22.08 9.22
N GLY B 994 1.15 -22.79 8.84
CA GLY B 994 2.35 -22.12 8.37
C GLY B 994 2.30 -21.66 6.94
N ASN B 995 1.49 -22.31 6.11
CA ASN B 995 1.44 -22.02 4.67
C ASN B 995 -0.02 -21.92 4.27
N LEU B 996 -0.46 -20.71 3.95
CA LEU B 996 -1.84 -20.42 3.58
C LEU B 996 -1.91 -20.17 2.09
N TYR B 997 -2.99 -20.63 1.48
CA TYR B 997 -3.18 -20.50 0.03
C TYR B 997 -4.59 -20.02 -0.22
N ILE B 998 -4.73 -18.95 -0.99
CA ILE B 998 -6.04 -18.36 -1.27
C ILE B 998 -6.33 -18.47 -2.75
N ASN B 999 -7.40 -19.19 -3.07
CA ASN B 999 -7.93 -19.31 -4.43
C ASN B 999 -6.93 -19.99 -5.36
N ARG B 1000 -6.22 -21.00 -4.84
CA ARG B 1000 -5.28 -21.80 -5.62
C ARG B 1000 -5.10 -23.13 -4.90
N ASN B 1001 -4.29 -24.01 -5.49
CA ASN B 1001 -4.02 -25.28 -4.81
C ASN B 1001 -3.11 -25.03 -3.61
N ILE B 1002 -2.90 -26.07 -2.79
CA ILE B 1002 -2.15 -25.91 -1.54
C ILE B 1002 -0.81 -26.65 -1.57
N ILE B 1003 -0.30 -27.00 -2.75
CA ILE B 1003 0.89 -27.82 -2.86
C ILE B 1003 1.95 -27.07 -3.66
N GLY B 1004 3.15 -27.64 -3.68
CA GLY B 1004 4.21 -27.13 -4.52
C GLY B 1004 4.78 -25.81 -4.08
N ALA B 1005 4.98 -25.63 -2.77
CA ALA B 1005 5.60 -24.41 -2.26
C ALA B 1005 6.92 -24.15 -2.97
N VAL B 1006 7.14 -22.90 -3.34
CA VAL B 1006 8.31 -22.49 -4.11
C VAL B 1006 9.35 -21.88 -3.18
N VAL B 1007 10.59 -22.38 -3.26
CA VAL B 1007 11.69 -21.89 -2.44
C VAL B 1007 11.79 -20.36 -2.50
N GLY B 1008 11.88 -19.72 -1.34
CA GLY B 1008 12.04 -18.28 -1.27
C GLY B 1008 10.83 -17.47 -1.67
N VAL B 1009 9.75 -18.13 -2.10
CA VAL B 1009 8.51 -17.46 -2.48
C VAL B 1009 7.36 -17.85 -1.56
N GLN B 1010 7.19 -19.16 -1.33
CA GLN B 1010 6.44 -19.68 -0.18
C GLN B 1010 7.38 -20.48 0.71
N PRO B 1011 8.21 -19.83 1.54
CA PRO B 1011 8.99 -20.57 2.55
C PRO B 1011 8.09 -21.55 3.27
N PHE B 1012 8.56 -22.79 3.42
CA PHE B 1012 7.67 -23.90 3.71
C PHE B 1012 7.93 -24.47 5.10
N GLY B 1013 6.88 -24.60 5.86
CA GLY B 1013 6.97 -25.33 7.12
C GLY B 1013 5.91 -24.83 8.06
N GLY B 1014 5.52 -25.70 8.98
CA GLY B 1014 4.45 -25.34 9.88
C GLY B 1014 4.84 -25.38 11.33
N ARG B 1015 3.83 -25.40 12.18
CA ARG B 1015 3.92 -25.29 13.62
C ARG B 1015 3.21 -26.47 14.26
N GLY B 1016 3.23 -26.51 15.58
CA GLY B 1016 2.55 -27.59 16.29
C GLY B 1016 3.15 -28.92 15.92
N LEU B 1017 2.28 -29.88 15.63
CA LEU B 1017 2.75 -31.22 15.27
C LEU B 1017 3.40 -31.28 13.91
N SER B 1018 3.38 -30.18 13.14
CA SER B 1018 3.92 -30.15 11.79
C SER B 1018 5.41 -29.85 11.75
N GLY B 1019 6.00 -29.41 12.85
CA GLY B 1019 7.44 -29.32 12.87
C GLY B 1019 7.93 -28.27 13.84
N THR B 1020 9.26 -28.17 13.91
CA THR B 1020 9.95 -27.23 14.76
C THR B 1020 10.17 -25.88 14.11
N GLY B 1021 10.21 -25.83 12.78
CA GLY B 1021 10.79 -24.68 12.12
C GLY B 1021 12.29 -24.68 12.35
N PRO B 1022 12.99 -23.67 11.81
CA PRO B 1022 12.45 -22.61 10.94
C PRO B 1022 12.07 -23.15 9.57
N LYS B 1023 11.37 -22.34 8.77
CA LYS B 1023 10.89 -22.76 7.47
C LYS B 1023 12.06 -23.07 6.51
N ALA B 1024 11.95 -24.19 5.81
CA ALA B 1024 12.84 -24.48 4.70
C ALA B 1024 12.59 -23.50 3.56
N GLY B 1025 13.67 -23.11 2.87
CA GLY B 1025 13.50 -22.19 1.77
C GLY B 1025 13.11 -20.81 2.25
N GLY B 1026 13.46 -20.49 3.49
CA GLY B 1026 13.16 -19.23 4.09
C GLY B 1026 14.39 -18.65 4.76
N PRO B 1027 14.28 -17.39 5.19
CA PRO B 1027 15.48 -16.64 5.59
C PRO B 1027 15.98 -16.95 6.99
N LEU B 1028 15.23 -17.69 7.81
CA LEU B 1028 15.69 -18.02 9.15
C LEU B 1028 16.39 -19.36 9.20
N TYR B 1029 16.41 -20.11 8.09
CA TYR B 1029 16.83 -21.51 8.10
C TYR B 1029 18.30 -21.66 8.45
N LEU B 1030 19.17 -20.94 7.74
CA LEU B 1030 20.61 -21.13 7.93
C LEU B 1030 21.04 -20.77 9.34
N GLY B 1031 20.34 -19.82 9.97
CA GLY B 1031 20.72 -19.41 11.31
C GLY B 1031 20.61 -20.51 12.34
N ARG B 1032 19.83 -21.55 12.07
CA ARG B 1032 19.71 -22.65 13.02
C ARG B 1032 20.90 -23.61 12.94
N LEU B 1033 21.74 -23.45 11.92
CA LEU B 1033 22.84 -24.37 11.64
C LEU B 1033 24.20 -23.78 11.98
N VAL B 1034 24.21 -22.69 12.74
CA VAL B 1034 25.43 -22.06 13.21
C VAL B 1034 25.25 -21.79 14.69
N THR B 1035 26.36 -21.54 15.39
CA THR B 1035 26.25 -21.36 16.84
C THR B 1035 25.77 -19.97 17.19
N THR B 1036 25.99 -18.99 16.32
CA THR B 1036 25.48 -17.63 16.46
C THR B 1036 24.72 -17.29 15.19
N ALA B 1037 23.42 -17.08 15.32
CA ALA B 1037 22.60 -16.82 14.14
C ALA B 1037 22.84 -15.39 13.64
N PRO B 1038 22.94 -15.20 12.32
CA PRO B 1038 23.05 -13.86 11.76
C PRO B 1038 21.69 -13.17 11.70
N VAL B 1039 21.71 -11.92 11.28
CA VAL B 1039 20.51 -11.15 11.02
C VAL B 1039 20.10 -11.40 9.56
N PRO B 1040 18.99 -12.09 9.30
CA PRO B 1040 18.61 -12.38 7.92
C PRO B 1040 18.30 -11.12 7.13
N PRO B 1041 18.38 -11.19 5.81
CA PRO B 1041 17.93 -10.06 4.97
C PRO B 1041 16.50 -9.68 5.33
N GLN B 1042 16.24 -8.37 5.37
CA GLN B 1042 14.91 -7.78 5.59
C GLN B 1042 14.31 -8.13 6.95
N HIS B 1043 15.08 -8.66 7.88
CA HIS B 1043 14.55 -9.17 9.15
C HIS B 1043 14.59 -8.04 10.17
N SER B 1044 13.50 -7.29 10.26
CA SER B 1044 13.36 -6.24 11.26
C SER B 1044 11.89 -5.86 11.32
N SER B 1045 11.54 -5.06 12.33
CA SER B 1045 10.17 -4.59 12.47
C SER B 1045 10.18 -3.29 13.25
N VAL B 1046 9.34 -2.33 12.84
CA VAL B 1046 9.28 -1.07 13.56
C VAL B 1046 8.33 -1.12 14.73
N HIS B 1047 7.64 -2.23 14.92
CA HIS B 1047 6.65 -2.35 15.98
C HIS B 1047 7.28 -2.86 17.26
N THR B 1048 6.83 -2.31 18.39
CA THR B 1048 7.29 -2.74 19.70
C THR B 1048 6.12 -3.30 20.48
N ASP B 1049 6.31 -4.49 21.05
CA ASP B 1049 5.22 -5.12 21.77
C ASP B 1049 4.85 -4.27 22.99
N PRO B 1050 3.56 -3.94 23.18
CA PRO B 1050 3.21 -3.02 24.26
C PRO B 1050 3.42 -3.61 25.64
N VAL B 1051 3.31 -4.93 25.79
CA VAL B 1051 3.50 -5.54 27.10
C VAL B 1051 4.97 -5.56 27.47
N LEU B 1052 5.85 -5.82 26.49
CA LEU B 1052 7.28 -5.62 26.70
C LEU B 1052 7.55 -4.22 27.25
N LEU B 1053 6.96 -3.20 26.63
CA LEU B 1053 7.15 -1.84 27.10
C LEU B 1053 6.70 -1.68 28.55
N ASP B 1054 5.55 -2.25 28.91
CA ASP B 1054 5.09 -2.14 30.28
C ASP B 1054 6.04 -2.86 31.23
N PHE B 1055 6.59 -4.01 30.80
CA PHE B 1055 7.54 -4.74 31.62
C PHE B 1055 8.82 -3.94 31.83
N ALA B 1056 9.30 -3.26 30.79
CA ALA B 1056 10.51 -2.44 30.96
C ALA B 1056 10.27 -1.32 31.97
N LYS B 1057 9.09 -0.71 31.93
CA LYS B 1057 8.80 0.37 32.89
C LYS B 1057 8.76 -0.17 34.31
N TRP B 1058 8.13 -1.33 34.49
CA TRP B 1058 8.12 -1.98 35.79
C TRP B 1058 9.54 -2.26 36.27
N LEU B 1059 10.42 -2.75 35.39
CA LEU B 1059 11.80 -2.99 35.79
C LEU B 1059 12.50 -1.70 36.21
N ASP B 1060 12.26 -0.60 35.48
CA ASP B 1060 12.82 0.68 35.88
C ASP B 1060 12.34 1.09 37.27
N GLY B 1061 11.06 0.82 37.57
CA GLY B 1061 10.50 1.24 38.84
C GLY B 1061 11.11 0.56 40.04
N LYS B 1062 11.64 -0.66 39.88
CA LYS B 1062 12.30 -1.34 40.97
C LYS B 1062 13.82 -1.29 40.84
N GLY B 1063 14.34 -0.40 40.00
CA GLY B 1063 15.77 -0.17 39.93
C GLY B 1063 16.58 -1.24 39.24
N ALA B 1064 15.94 -2.16 38.52
CA ALA B 1064 16.67 -3.21 37.80
C ALA B 1064 17.09 -2.65 36.44
N ARG B 1065 18.12 -1.78 36.49
CA ARG B 1065 18.44 -0.93 35.34
C ARG B 1065 19.00 -1.74 34.19
N ALA B 1066 19.87 -2.72 34.48
CA ALA B 1066 20.44 -3.53 33.42
C ALA B 1066 19.39 -4.42 32.76
N GLU B 1067 18.46 -4.96 33.54
CA GLU B 1067 17.40 -5.78 32.94
C GLU B 1067 16.44 -4.92 32.15
N ALA B 1068 16.12 -3.71 32.64
CA ALA B 1068 15.27 -2.80 31.89
C ALA B 1068 15.91 -2.43 30.56
N GLU B 1069 17.23 -2.16 30.57
CA GLU B 1069 17.97 -1.91 29.34
C GLU B 1069 17.88 -3.11 28.41
N ALA B 1070 18.09 -4.32 28.95
CA ALA B 1070 17.99 -5.51 28.13
C ALA B 1070 16.60 -5.66 27.53
N ALA B 1071 15.56 -5.35 28.31
CA ALA B 1071 14.19 -5.48 27.82
C ALA B 1071 13.93 -4.51 26.66
N ARG B 1072 14.36 -3.25 26.81
CA ARG B 1072 14.18 -2.29 25.73
CA ARG B 1072 14.18 -2.29 25.73
C ARG B 1072 14.91 -2.74 24.47
N ASN B 1073 16.12 -3.26 24.63
CA ASN B 1073 16.87 -3.73 23.46
C ASN B 1073 16.20 -4.93 22.80
N ALA B 1074 15.61 -5.82 23.61
CA ALA B 1074 14.84 -6.92 23.03
C ALA B 1074 13.63 -6.39 22.28
N GLY B 1075 12.95 -5.39 22.86
CA GLY B 1075 11.80 -4.81 22.19
C GLY B 1075 12.14 -4.28 20.82
N SER B 1076 13.30 -3.63 20.70
CA SER B 1076 13.72 -3.08 19.42
C SER B 1076 14.22 -4.15 18.46
N SER B 1077 15.00 -5.11 18.95
CA SER B 1077 15.59 -6.05 18.00
C SER B 1077 14.61 -7.13 17.56
N SER B 1078 13.50 -7.29 18.27
CA SER B 1078 12.46 -8.24 17.86
C SER B 1078 11.96 -7.91 16.46
N ALA B 1079 11.78 -8.94 15.64
CA ALA B 1079 11.18 -8.78 14.33
C ALA B 1079 9.70 -9.11 14.33
N LEU B 1080 9.08 -9.23 15.50
CA LEU B 1080 7.63 -9.40 15.57
C LEU B 1080 6.94 -8.28 14.80
N GLY B 1081 6.03 -8.67 13.91
CA GLY B 1081 5.29 -7.72 13.11
C GLY B 1081 5.87 -7.47 11.73
N LEU B 1082 6.99 -8.11 11.39
CA LEU B 1082 7.50 -8.08 10.03
CA LEU B 1082 7.49 -8.08 10.03
C LEU B 1082 6.40 -8.51 9.06
N ASP B 1083 6.31 -7.81 7.93
CA ASP B 1083 5.23 -8.05 6.95
C ASP B 1083 5.77 -7.69 5.57
N LEU B 1084 6.17 -8.70 4.80
CA LEU B 1084 6.90 -8.54 3.55
C LEU B 1084 6.10 -9.13 2.40
N GLU B 1085 6.23 -8.54 1.22
CA GLU B 1085 5.81 -9.23 -0.01
C GLU B 1085 7.05 -9.74 -0.71
N LEU B 1086 7.08 -11.05 -1.00
CA LEU B 1086 8.25 -11.69 -1.61
C LEU B 1086 8.13 -11.66 -3.13
N PRO B 1087 9.24 -11.44 -3.85
CA PRO B 1087 9.19 -11.45 -5.32
C PRO B 1087 8.78 -12.81 -5.85
N GLY B 1088 7.95 -12.80 -6.89
CA GLY B 1088 7.51 -14.03 -7.51
C GLY B 1088 6.82 -13.79 -8.83
N PRO B 1089 6.00 -14.74 -9.28
CA PRO B 1089 5.32 -14.58 -10.57
C PRO B 1089 4.20 -13.54 -10.52
N VAL B 1090 3.88 -13.00 -11.70
CA VAL B 1090 2.73 -12.12 -11.80
C VAL B 1090 1.46 -12.91 -11.49
N GLY B 1091 0.40 -12.18 -11.15
CA GLY B 1091 -0.87 -12.83 -10.87
C GLY B 1091 -0.93 -13.55 -9.55
N GLU B 1092 0.04 -13.29 -8.67
CA GLU B 1092 0.13 -13.92 -7.36
C GLU B 1092 0.74 -12.91 -6.41
N ARG B 1093 0.26 -12.90 -5.18
CA ARG B 1093 0.84 -12.09 -4.12
C ARG B 1093 1.32 -13.04 -3.04
N ASN B 1094 2.62 -13.01 -2.74
CA ASN B 1094 3.22 -13.99 -1.85
C ASN B 1094 3.75 -13.22 -0.64
N LEU B 1095 3.14 -13.46 0.52
CA LEU B 1095 3.39 -12.66 1.72
C LEU B 1095 4.12 -13.51 2.76
N TYR B 1096 4.93 -12.83 3.58
CA TYR B 1096 5.72 -13.48 4.61
C TYR B 1096 5.65 -12.60 5.86
N THR B 1097 5.22 -13.16 6.98
CA THR B 1097 4.95 -12.37 8.18
C THR B 1097 5.47 -13.11 9.39
N LEU B 1098 5.85 -12.35 10.42
CA LEU B 1098 6.33 -12.93 11.67
C LEU B 1098 5.37 -12.55 12.79
N HIS B 1099 4.89 -13.57 13.49
CA HIS B 1099 3.88 -13.48 14.55
C HIS B 1099 4.46 -14.04 15.84
N ALA B 1100 3.74 -13.82 16.92
CA ALA B 1100 4.09 -14.50 18.16
C ALA B 1100 3.96 -16.01 18.00
N ARG B 1101 4.78 -16.77 18.75
CA ARG B 1101 4.71 -18.22 18.67
C ARG B 1101 3.57 -18.79 19.51
N GLY B 1102 3.32 -18.20 20.67
CA GLY B 1102 2.33 -18.76 21.58
C GLY B 1102 2.76 -18.60 23.02
N ARG B 1103 2.72 -19.68 23.80
CA ARG B 1103 3.14 -19.61 25.20
C ARG B 1103 4.50 -20.30 25.33
N ILE B 1104 5.48 -19.57 25.85
CA ILE B 1104 6.85 -20.09 25.96
C ILE B 1104 7.07 -20.61 27.36
N LEU B 1105 7.62 -21.82 27.46
CA LEU B 1105 7.96 -22.37 28.77
C LEU B 1105 9.28 -21.76 29.24
N LEU B 1106 9.27 -21.12 30.40
CA LEU B 1106 10.45 -20.52 30.98
C LEU B 1106 10.92 -21.36 32.15
N VAL B 1107 12.19 -21.75 32.13
CA VAL B 1107 12.80 -22.53 33.21
C VAL B 1107 13.98 -21.72 33.74
N PRO B 1108 13.74 -20.70 34.57
CA PRO B 1108 14.83 -19.87 35.08
C PRO B 1108 15.49 -20.51 36.29
N ALA B 1109 16.70 -20.03 36.58
CA ALA B 1109 17.39 -20.36 37.82
C ALA B 1109 17.54 -19.17 38.76
N THR B 1110 17.68 -17.96 38.22
CA THR B 1110 17.89 -16.77 39.01
C THR B 1110 16.86 -15.71 38.62
N GLU B 1111 16.67 -14.75 39.53
CA GLU B 1111 15.74 -13.66 39.26
C GLU B 1111 16.14 -12.87 38.02
N SER B 1112 17.42 -12.52 37.90
CA SER B 1112 17.88 -11.83 36.70
C SER B 1112 17.67 -12.70 35.46
N GLY B 1113 17.95 -14.00 35.56
CA GLY B 1113 17.68 -14.89 34.45
C GLY B 1113 16.21 -14.84 34.05
N LEU B 1114 15.32 -14.88 35.04
CA LEU B 1114 13.88 -14.80 34.76
C LEU B 1114 13.52 -13.50 34.04
N TYR B 1115 14.05 -12.37 34.51
CA TYR B 1115 13.75 -11.09 33.87
C TYR B 1115 14.22 -11.08 32.42
N HIS B 1116 15.41 -11.63 32.15
CA HIS B 1116 15.89 -11.69 30.77
C HIS B 1116 15.04 -12.62 29.92
N GLN B 1117 14.65 -13.79 30.46
CA GLN B 1117 13.78 -14.69 29.70
C GLN B 1117 12.43 -14.06 29.43
N LEU B 1118 11.84 -13.41 30.43
CA LEU B 1118 10.56 -12.76 30.23
C LEU B 1118 10.66 -11.65 29.19
N ALA B 1119 11.71 -10.84 29.25
CA ALA B 1119 11.89 -9.79 28.25
C ALA B 1119 11.93 -10.37 26.84
N ALA B 1120 12.68 -11.46 26.64
CA ALA B 1120 12.78 -12.08 25.33
C ALA B 1120 11.43 -12.58 24.84
N ALA B 1121 10.67 -13.25 25.71
CA ALA B 1121 9.39 -13.80 25.30
C ALA B 1121 8.37 -12.69 25.04
N LEU B 1122 8.33 -11.68 25.91
CA LEU B 1122 7.36 -10.61 25.75
C LEU B 1122 7.67 -9.77 24.51
N ALA B 1123 8.97 -9.56 24.24
CA ALA B 1123 9.34 -8.75 23.08
C ALA B 1123 8.88 -9.37 21.78
N THR B 1124 8.73 -10.69 21.75
CA THR B 1124 8.29 -11.41 20.57
C THR B 1124 6.80 -11.77 20.62
N GLY B 1125 6.03 -11.12 21.49
CA GLY B 1125 4.59 -11.23 21.49
C GLY B 1125 4.03 -12.42 22.22
N ASN B 1126 4.86 -13.19 22.89
CA ASN B 1126 4.44 -14.43 23.53
C ASN B 1126 3.92 -14.20 24.94
N SER B 1127 3.12 -15.16 25.41
CA SER B 1127 2.89 -15.34 26.83
C SER B 1127 3.88 -16.37 27.36
N VAL B 1128 3.89 -16.57 28.67
CA VAL B 1128 4.86 -17.48 29.28
C VAL B 1128 4.18 -18.37 30.31
N ALA B 1129 4.78 -19.54 30.51
CA ALA B 1129 4.52 -20.38 31.68
C ALA B 1129 5.86 -20.55 32.38
N ILE B 1130 5.95 -20.11 33.63
CA ILE B 1130 7.22 -20.12 34.35
C ILE B 1130 7.25 -21.34 35.26
N ASP B 1131 8.36 -22.05 35.25
CA ASP B 1131 8.53 -23.24 36.08
C ASP B 1131 8.36 -22.87 37.55
N ALA B 1132 7.30 -23.38 38.18
CA ALA B 1132 7.05 -23.04 39.58
C ALA B 1132 8.15 -23.56 40.50
N ALA B 1133 8.86 -24.62 40.08
CA ALA B 1133 9.90 -25.18 40.94
C ALA B 1133 11.13 -24.29 41.04
N SER B 1134 11.23 -23.24 40.22
CA SER B 1134 12.31 -22.26 40.37
C SER B 1134 12.20 -21.50 41.68
N GLY B 1135 11.02 -21.47 42.29
CA GLY B 1135 10.83 -20.72 43.52
C GLY B 1135 10.99 -19.23 43.38
N LEU B 1136 10.78 -18.68 42.18
CA LEU B 1136 11.02 -17.26 41.95
C LEU B 1136 9.74 -16.43 41.96
N GLN B 1137 8.66 -16.96 42.55
CA GLN B 1137 7.36 -16.26 42.49
C GLN B 1137 7.43 -14.86 43.08
N ALA B 1138 8.28 -14.65 44.10
CA ALA B 1138 8.36 -13.33 44.73
C ALA B 1138 9.00 -12.28 43.82
N SER B 1139 9.71 -12.71 42.78
CA SER B 1139 10.39 -11.76 41.89
C SER B 1139 9.42 -10.98 41.01
N LEU B 1140 8.20 -11.50 40.82
CA LEU B 1140 7.18 -10.82 40.02
C LEU B 1140 6.11 -10.18 40.89
N LYS B 1141 6.46 -9.75 42.10
CA LYS B 1141 5.52 -9.05 42.96
C LYS B 1141 5.13 -7.72 42.33
N ASN B 1142 3.82 -7.47 42.24
CA ASN B 1142 3.26 -6.20 41.79
C ASN B 1142 3.54 -5.93 40.31
N LEU B 1143 3.39 -6.95 39.48
CA LEU B 1143 3.47 -6.76 38.03
C LEU B 1143 2.31 -5.90 37.56
N PRO B 1144 2.50 -5.13 36.50
CA PRO B 1144 1.36 -4.46 35.86
C PRO B 1144 0.38 -5.52 35.34
N GLN B 1145 -0.91 -5.20 35.45
CA GLN B 1145 -1.94 -6.12 34.98
C GLN B 1145 -1.68 -6.59 33.56
N THR B 1146 -1.18 -5.71 32.69
CA THR B 1146 -0.95 -6.09 31.30
C THR B 1146 0.10 -7.18 31.20
N VAL B 1147 1.13 -7.13 32.05
CA VAL B 1147 2.15 -8.17 31.99
C VAL B 1147 1.66 -9.44 32.68
N GLY B 1148 1.04 -9.30 33.85
CA GLY B 1148 0.53 -10.46 34.56
C GLY B 1148 -0.43 -11.30 33.74
N LEU B 1149 -1.22 -10.65 32.87
CA LEU B 1149 -2.15 -11.39 32.03
C LEU B 1149 -1.42 -12.32 31.07
N ARG B 1150 -0.14 -12.08 30.81
CA ARG B 1150 0.66 -12.94 29.95
C ARG B 1150 1.49 -13.96 30.71
N VAL B 1151 1.43 -13.95 32.05
CA VAL B 1151 2.31 -14.76 32.89
C VAL B 1151 1.47 -15.80 33.61
N SER B 1152 1.85 -17.06 33.49
CA SER B 1152 1.30 -18.12 34.31
C SER B 1152 2.47 -18.88 34.94
N TRP B 1153 2.19 -19.58 36.03
CA TRP B 1153 3.18 -20.41 36.70
C TRP B 1153 2.73 -21.86 36.54
N SER B 1154 3.67 -22.74 36.19
CA SER B 1154 3.34 -24.13 35.92
C SER B 1154 4.04 -25.06 36.90
N LYS B 1155 3.26 -25.87 37.60
CA LYS B 1155 3.76 -26.97 38.41
C LYS B 1155 3.66 -28.30 37.66
N ASP B 1156 3.28 -28.28 36.39
CA ASP B 1156 3.00 -29.52 35.65
C ASP B 1156 3.11 -29.16 34.17
N TRP B 1157 4.32 -29.27 33.63
CA TRP B 1157 4.58 -28.79 32.27
C TRP B 1157 3.74 -29.54 31.26
N ALA B 1158 3.63 -30.86 31.41
CA ALA B 1158 2.91 -31.63 30.40
C ALA B 1158 1.42 -31.33 30.43
N ALA B 1159 0.87 -31.00 31.59
CA ALA B 1159 -0.57 -30.70 31.65
C ALA B 1159 -0.87 -29.28 31.18
N ASP B 1160 0.10 -28.38 31.31
CA ASP B 1160 -0.12 -26.97 31.03
C ASP B 1160 0.20 -26.58 29.60
N GLY B 1161 0.82 -27.48 28.83
CA GLY B 1161 1.10 -27.22 27.44
C GLY B 1161 -0.15 -27.32 26.58
N PRO B 1162 0.01 -27.32 25.25
CA PRO B 1162 1.31 -27.28 24.57
C PRO B 1162 1.96 -25.90 24.59
N PHE B 1163 3.28 -25.90 24.66
CA PHE B 1163 4.04 -24.68 24.54
C PHE B 1163 4.55 -24.56 23.12
N ALA B 1164 5.14 -23.39 22.82
CA ALA B 1164 5.66 -23.08 21.51
C ALA B 1164 7.17 -22.84 21.52
N GLY B 1165 7.83 -23.15 22.61
CA GLY B 1165 9.26 -22.96 22.74
C GLY B 1165 9.63 -22.98 24.21
N ALA B 1166 10.93 -22.96 24.47
CA ALA B 1166 11.36 -23.02 25.86
C ALA B 1166 12.67 -22.26 26.01
N LEU B 1167 12.80 -21.56 27.14
CA LEU B 1167 14.05 -20.87 27.50
C LEU B 1167 14.52 -21.43 28.83
N VAL B 1168 15.79 -21.83 28.90
CA VAL B 1168 16.31 -22.53 30.07
C VAL B 1168 17.56 -21.81 30.55
N GLU B 1169 17.68 -21.67 31.87
CA GLU B 1169 18.87 -21.13 32.52
C GLU B 1169 19.43 -22.17 33.49
N GLY B 1170 20.71 -22.48 33.36
CA GLY B 1170 21.34 -23.37 34.33
C GLY B 1170 22.73 -23.78 33.88
N ASP B 1171 23.39 -24.55 34.74
CA ASP B 1171 24.67 -25.14 34.34
C ASP B 1171 24.42 -26.32 33.41
N ALA B 1172 25.51 -26.92 32.93
CA ALA B 1172 25.40 -28.02 31.98
C ALA B 1172 24.51 -29.15 32.50
N GLU B 1173 24.66 -29.52 33.78
CA GLU B 1173 23.88 -30.63 34.30
C GLU B 1173 22.40 -30.27 34.36
N ARG B 1174 22.10 -29.04 34.79
CA ARG B 1174 20.72 -28.58 34.82
C ARG B 1174 20.12 -28.55 33.41
N ILE B 1175 20.90 -28.08 32.43
CA ILE B 1175 20.39 -27.97 31.07
C ILE B 1175 20.05 -29.35 30.52
N ARG B 1176 20.90 -30.34 30.76
CA ARG B 1176 20.62 -31.69 30.27
C ARG B 1176 19.35 -32.24 30.89
N ALA B 1177 19.18 -32.06 32.21
CA ALA B 1177 18.01 -32.58 32.89
C ALA B 1177 16.73 -31.91 32.40
N VAL B 1178 16.78 -30.60 32.18
CA VAL B 1178 15.61 -29.89 31.69
C VAL B 1178 15.31 -30.31 30.26
N ASN B 1179 16.35 -30.42 29.43
CA ASN B 1179 16.16 -30.81 28.04
C ASN B 1179 15.54 -32.19 27.94
N LYS B 1180 15.96 -33.13 28.80
CA LYS B 1180 15.37 -34.46 28.79
C LYS B 1180 13.89 -34.40 29.16
N ALA B 1181 13.54 -33.59 30.16
CA ALA B 1181 12.15 -33.51 30.57
C ALA B 1181 11.31 -32.86 29.48
N ILE B 1182 11.86 -31.86 28.79
CA ILE B 1182 11.13 -31.20 27.72
C ILE B 1182 10.91 -32.17 26.56
N ALA B 1183 11.92 -32.97 26.22
CA ALA B 1183 11.77 -33.94 25.16
C ALA B 1183 10.68 -34.98 25.46
N ALA B 1184 10.39 -35.21 26.73
CA ALA B 1184 9.36 -36.16 27.13
C ALA B 1184 7.96 -35.57 27.12
N LEU B 1185 7.81 -34.28 26.84
CA LEU B 1185 6.50 -33.67 26.85
C LEU B 1185 5.70 -34.14 25.64
N PRO B 1186 4.41 -34.40 25.81
CA PRO B 1186 3.58 -34.77 24.67
C PRO B 1186 3.37 -33.58 23.75
N GLY B 1187 2.92 -33.87 22.54
CA GLY B 1187 2.55 -32.82 21.63
C GLY B 1187 3.72 -32.35 20.79
N PRO B 1188 3.79 -31.04 20.53
CA PRO B 1188 4.79 -30.54 19.59
C PRO B 1188 6.20 -30.65 20.14
N LEU B 1189 7.16 -30.78 19.21
CA LEU B 1189 8.58 -30.78 19.57
C LEU B 1189 9.01 -29.33 19.81
N LEU B 1190 9.48 -29.04 21.01
CA LEU B 1190 9.82 -27.66 21.35
C LEU B 1190 11.24 -27.31 20.95
N LEU B 1191 11.40 -26.09 20.40
CA LEU B 1191 12.71 -25.50 20.18
C LEU B 1191 13.23 -24.97 21.52
N VAL B 1192 14.27 -25.60 22.05
CA VAL B 1192 14.80 -25.25 23.37
C VAL B 1192 16.04 -24.37 23.20
N GLN B 1193 16.09 -23.27 23.95
CA GLN B 1193 17.29 -22.43 24.01
C GLN B 1193 17.78 -22.38 25.45
N ALA B 1194 19.08 -22.50 25.63
CA ALA B 1194 19.63 -22.59 26.97
C ALA B 1194 20.83 -21.67 27.11
N ALA B 1195 21.06 -21.22 28.33
CA ALA B 1195 22.20 -20.37 28.63
C ALA B 1195 22.54 -20.53 30.10
N SER B 1196 23.80 -20.27 30.45
CA SER B 1196 24.18 -20.19 31.84
C SER B 1196 23.85 -18.81 32.39
N SER B 1197 23.77 -18.70 33.72
CA SER B 1197 23.56 -17.39 34.32
C SER B 1197 24.66 -16.42 33.90
N GLY B 1198 25.89 -16.93 33.75
CA GLY B 1198 26.97 -16.07 33.30
C GLY B 1198 26.82 -15.62 31.86
N GLU B 1199 26.33 -16.52 30.99
CA GLU B 1199 26.09 -16.13 29.61
C GLU B 1199 25.02 -15.05 29.52
N ILE B 1200 23.97 -15.15 30.34
CA ILE B 1200 22.90 -14.17 30.31
C ILE B 1200 23.42 -12.80 30.73
N ALA B 1201 24.36 -12.79 31.68
CA ALA B 1201 24.91 -11.52 32.18
C ALA B 1201 25.85 -10.87 31.17
N ARG B 1202 26.59 -11.68 30.40
CA ARG B 1202 27.63 -11.16 29.52
C ARG B 1202 27.23 -11.05 28.06
N ASN B 1203 26.23 -11.80 27.62
CA ASN B 1203 25.87 -11.88 26.20
C ASN B 1203 24.44 -11.41 25.98
N PRO B 1204 24.24 -10.23 25.39
CA PRO B 1204 22.87 -9.74 25.15
C PRO B 1204 22.06 -10.63 24.23
N ASP B 1205 22.71 -11.48 23.44
CA ASP B 1205 22.02 -12.43 22.58
C ASP B 1205 22.11 -13.85 23.11
N ALA B 1206 22.17 -14.02 24.44
CA ALA B 1206 22.14 -15.36 25.02
C ALA B 1206 20.93 -16.15 24.54
N TYR B 1207 19.79 -15.49 24.41
CA TYR B 1207 18.58 -16.08 23.83
C TYR B 1207 18.27 -15.37 22.52
N CYS B 1208 18.11 -16.13 21.46
CA CYS B 1208 17.95 -15.55 20.13
C CYS B 1208 16.48 -15.31 19.87
N LEU B 1209 16.14 -14.06 19.54
CA LEU B 1209 14.74 -13.73 19.27
C LEU B 1209 14.25 -14.31 17.95
N ASN B 1210 15.17 -14.77 17.07
CA ASN B 1210 14.75 -15.38 15.82
C ASN B 1210 13.83 -16.58 16.06
N TRP B 1211 14.07 -17.32 17.15
CA TRP B 1211 13.36 -18.58 17.36
C TRP B 1211 12.10 -18.41 18.20
N LEU B 1212 11.80 -17.21 18.64
CA LEU B 1212 10.65 -16.91 19.47
C LEU B 1212 9.49 -16.27 18.69
N VAL B 1213 9.62 -16.17 17.36
CA VAL B 1213 8.51 -15.74 16.51
C VAL B 1213 8.14 -16.90 15.60
N GLU B 1214 6.95 -16.82 15.01
CA GLU B 1214 6.44 -17.84 14.10
C GLU B 1214 6.32 -17.26 12.70
N GLU B 1215 6.85 -17.98 11.71
CA GLU B 1215 6.75 -17.53 10.32
C GLU B 1215 5.45 -18.00 9.70
N VAL B 1216 4.80 -17.12 8.94
CA VAL B 1216 3.61 -17.48 8.19
C VAL B 1216 3.77 -17.03 6.76
N SER B 1217 3.57 -17.95 5.83
CA SER B 1217 3.57 -17.68 4.40
C SER B 1217 2.13 -17.73 3.91
N ALA B 1218 1.74 -16.75 3.08
CA ALA B 1218 0.44 -16.74 2.43
C ALA B 1218 0.60 -16.43 0.96
N SER B 1219 -0.03 -17.24 0.11
CA SER B 1219 0.05 -17.08 -1.33
C SER B 1219 -1.37 -16.88 -1.85
N ILE B 1220 -1.60 -15.72 -2.47
CA ILE B 1220 -2.93 -15.35 -2.96
C ILE B 1220 -2.87 -15.31 -4.48
N ASN B 1221 -3.75 -16.06 -5.12
CA ASN B 1221 -3.92 -16.04 -6.57
C ASN B 1221 -4.76 -14.82 -6.94
N THR B 1222 -4.11 -13.75 -7.36
CA THR B 1222 -4.79 -12.50 -7.69
C THR B 1222 -5.33 -12.52 -9.11
N ALA B 1223 -5.11 -13.60 -9.86
CA ALA B 1223 -5.69 -13.75 -11.18
C ALA B 1223 -6.96 -14.60 -11.15
N ALA B 1224 -7.44 -14.95 -9.95
CA ALA B 1224 -8.52 -15.92 -9.84
C ALA B 1224 -9.83 -15.39 -10.41
N ALA B 1225 -10.05 -14.07 -10.36
CA ALA B 1225 -11.27 -13.48 -10.90
C ALA B 1225 -11.33 -13.53 -12.42
N GLY B 1226 -10.24 -13.92 -13.08
CA GLY B 1226 -10.23 -14.05 -14.53
C GLY B 1226 -9.23 -13.16 -15.23
N GLY B 1227 -8.48 -12.34 -14.50
CA GLY B 1227 -7.49 -11.48 -15.12
C GLY B 1227 -6.59 -10.91 -14.06
N ASN B 1228 -5.64 -10.09 -14.51
CA ASN B 1228 -4.55 -9.60 -13.68
C ASN B 1228 -4.61 -8.07 -13.65
N ALA B 1229 -5.07 -7.51 -12.53
CA ALA B 1229 -5.19 -6.06 -12.41
C ALA B 1229 -3.84 -5.37 -12.63
N SER B 1230 -2.77 -5.93 -12.08
CA SER B 1230 -1.46 -5.30 -12.23
C SER B 1230 -1.03 -5.27 -13.69
N LEU B 1231 -1.10 -6.40 -14.39
CA LEU B 1231 -0.65 -6.47 -15.77
C LEU B 1231 -1.51 -5.63 -16.71
N MET B 1232 -2.73 -5.27 -16.31
CA MET B 1232 -3.49 -4.32 -17.11
C MET B 1232 -2.86 -2.93 -17.12
N ALA B 1233 -1.86 -2.69 -16.27
CA ALA B 1233 -1.06 -1.46 -16.32
C ALA B 1233 0.39 -1.76 -16.67
PA FDA C . 16.20 20.69 -15.99
O1A FDA C . 16.24 21.01 -17.51
O2A FDA C . 16.06 19.33 -15.55
O5B FDA C . 15.07 21.30 -15.24
C5B FDA C . 14.65 20.97 -13.93
C4B FDA C . 13.65 22.05 -13.47
O4B FDA C . 12.43 22.07 -14.18
C3B FDA C . 13.23 21.97 -12.04
O3B FDA C . 14.24 22.42 -11.22
C2B FDA C . 12.04 22.84 -12.01
O2B FDA C . 12.39 24.19 -11.95
C1B FDA C . 11.42 22.56 -13.33
N9A FDA C . 10.31 21.62 -13.24
C8A FDA C . 10.34 20.28 -12.88
N7A FDA C . 9.10 19.78 -12.95
C5A FDA C . 8.22 20.79 -13.33
C6A FDA C . 6.86 20.84 -13.58
N6A FDA C . 6.06 19.67 -13.40
N1A FDA C . 6.29 21.99 -13.96
C2A FDA C . 7.02 23.12 -14.14
N3A FDA C . 8.37 23.11 -13.93
C4A FDA C . 8.98 21.98 -13.54
N1 FDA C . 17.07 27.84 -8.16
C2 FDA C . 16.36 28.86 -7.45
O2 FDA C . 15.01 28.78 -7.28
N3 FDA C . 17.03 29.97 -6.92
C4 FDA C . 18.40 30.11 -7.08
O4 FDA C . 19.00 31.19 -6.55
C4X FDA C . 19.16 29.05 -7.81
N5 FDA C . 20.61 29.03 -7.82
C5X FDA C . 21.18 28.27 -8.91
C6 FDA C . 22.56 28.60 -9.37
C7 FDA C . 23.12 27.86 -10.42
C7M FDA C . 24.51 28.20 -10.88
C8 FDA C . 22.38 26.79 -11.03
C8M FDA C . 22.97 25.98 -12.16
C9 FDA C . 21.07 26.48 -10.61
C9A FDA C . 20.49 27.26 -9.50
N10 FDA C . 19.15 26.95 -9.04
C10 FDA C . 18.48 27.96 -8.31
C1' FDA C . 18.50 25.63 -9.22
C2' FDA C . 17.67 25.67 -10.51
O2' FDA C . 16.57 26.48 -10.33
C3' FDA C . 17.18 24.27 -10.91
O3' FDA C . 16.46 23.74 -9.87
C4' FDA C . 18.28 23.27 -11.31
O4' FDA C . 19.37 23.91 -11.89
C5' FDA C . 17.77 22.25 -12.30
O5' FDA C . 17.48 22.86 -13.53
P FDA C . 18.20 22.32 -14.86
O1P FDA C . 19.76 22.19 -14.83
O2P FDA C . 17.56 23.31 -15.90
O3P FDA C . 17.36 20.96 -15.12
C01 T2C D . 19.40 27.23 -4.94
C02 T2C D . 20.93 29.02 -5.44
C03 T2C D . 21.00 28.18 -6.72
C04 T2C D . 19.32 26.35 -3.69
N01 T2C D . 19.83 28.57 -4.58
O01 T2C D . 18.81 25.19 -3.75
O02 T2C D . 19.76 26.79 -2.59
S01 T2C D . 20.65 26.52 -6.04
PA NAD E . -17.45 28.50 27.52
O1A NAD E . -17.65 27.12 28.11
O2A NAD E . -17.14 29.48 28.59
O5B NAD E . -18.81 29.01 26.70
C5B NAD E . -19.24 28.31 25.52
C4B NAD E . -20.81 28.53 25.37
O4B NAD E . -21.46 27.98 26.37
C3B NAD E . -21.19 30.03 25.41
O3B NAD E . -22.06 30.30 24.38
C2B NAD E . -21.90 30.21 26.77
O2B NAD E . -22.87 31.34 26.65
C1B NAD E . -22.50 29.08 26.95
N9A NAD E . -22.77 28.73 28.32
C8A NAD E . -22.06 29.06 29.40
N7A NAD E . -22.65 28.51 30.46
C5A NAD E . -23.73 27.82 30.04
C6A NAD E . -24.68 27.06 30.70
N6A NAD E . -24.79 26.78 32.14
N1A NAD E . -25.65 26.47 30.04
C2A NAD E . -25.71 26.62 28.70
N3A NAD E . -24.79 27.35 28.04
C4A NAD E . -23.80 27.95 28.72
O3 NAD E . -16.20 28.41 26.43
PN NAD E . -15.61 29.67 25.54
O1N NAD E . -15.10 30.76 26.49
O2N NAD E . -16.67 30.23 24.61
O5D NAD E . -14.34 29.08 24.63
C5D NAD E . -13.28 28.50 25.30
C4D NAD E . -13.46 26.96 25.41
O4D NAD E . -13.95 26.44 24.29
C3D NAD E . -12.10 26.31 25.59
O3D NAD E . -12.10 25.51 26.67
C2D NAD E . -11.90 25.46 24.28
O2D NAD E . -10.99 24.29 24.54
C1D NAD E . -13.09 25.10 23.98
N1N NAD E . -13.18 24.74 22.56
C2N NAD E . -13.26 23.44 22.16
C3N NAD E . -13.36 23.13 20.80
C7N NAD E . -13.43 21.69 20.29
O7N NAD E . -13.78 21.50 19.17
N7N NAD E . -13.07 20.55 21.11
C4N NAD E . -13.37 24.17 19.88
C5N NAD E . -13.29 25.45 20.28
C6N NAD E . -13.21 25.74 21.63
C1 PEG F . -6.20 0.63 12.74
O1 PEG F . -6.26 0.23 11.40
C2 PEG F . -7.61 0.67 13.34
O2 PEG F . -8.05 -0.64 13.59
C3 PEG F . -8.21 -0.96 14.94
C4 PEG F . -8.82 -2.36 15.08
O4 PEG F . -7.99 -3.32 14.51
S SO4 G . -18.83 4.35 -0.83
O1 SO4 G . -18.21 3.38 0.07
O2 SO4 G . -17.89 4.72 -1.86
O3 SO4 G . -20.03 3.78 -1.47
O4 SO4 G . -19.21 5.50 -0.02
S SO4 H . 20.17 8.03 -30.07
O1 SO4 H . 20.19 7.62 -28.67
O2 SO4 H . 21.51 8.46 -30.46
O3 SO4 H . 19.75 6.91 -30.90
O4 SO4 H . 19.23 9.13 -30.25
S SO4 I . -41.38 -1.97 25.03
O1 SO4 I . -40.97 -2.51 26.31
O2 SO4 I . -40.40 -1.00 24.54
O3 SO4 I . -41.51 -3.07 24.08
O4 SO4 I . -42.67 -1.29 25.17
S SO4 J . 18.75 11.56 26.28
O1 SO4 J . 19.80 10.68 25.75
O2 SO4 J . 19.24 12.22 27.48
O3 SO4 J . 17.58 10.75 26.61
O4 SO4 J . 18.41 12.57 25.29
C FMT K . -4.98 34.57 -5.53
O1 FMT K . -5.94 33.86 -5.84
O2 FMT K . -4.66 35.64 -6.06
PA FDA L . -6.28 -3.89 -29.40
O1A FDA L . -5.74 -3.18 -30.66
O2A FDA L . -6.48 -3.14 -28.19
O5B FDA L . -5.41 -5.01 -28.86
C5B FDA L . -5.51 -5.60 -27.57
C4B FDA L . -4.68 -6.90 -27.57
O4B FDA L . -3.29 -6.68 -27.56
C3B FDA L . -4.89 -7.79 -26.38
O3B FDA L . -6.07 -8.51 -26.50
C2B FDA L . -3.70 -8.68 -26.43
O2B FDA L . -3.81 -9.65 -27.41
C1B FDA L . -2.65 -7.73 -26.86
N9A FDA L . -1.85 -7.20 -25.78
C8A FDA L . -2.22 -6.41 -24.72
N7A FDA L . -1.13 -6.13 -23.99
C5A FDA L . -0.01 -6.72 -24.56
C6A FDA L . 1.35 -6.77 -24.27
N6A FDA L . 1.87 -6.09 -23.12
N1A FDA L . 2.18 -7.45 -25.06
C2A FDA L . 1.75 -8.11 -26.16
N3A FDA L . 0.42 -8.08 -26.48
C4A FDA L . -0.45 -7.40 -25.72
N1 FDA L . -9.07 -14.15 -28.96
C2 FDA L . -8.54 -15.48 -28.91
O2 FDA L . -7.36 -15.68 -28.24
N3 FDA L . -9.18 -16.55 -29.53
C4 FDA L . -10.37 -16.36 -30.23
O4 FDA L . -10.94 -17.47 -30.81
C4X FDA L . -10.96 -14.97 -30.30
N5 FDA L . -12.26 -14.72 -30.86
C5X FDA L . -12.48 -13.34 -31.31
C6 FDA L . -13.48 -13.08 -32.37
C7 FDA L . -13.68 -11.76 -32.79
C7M FDA L . -14.70 -11.46 -33.86
C8 FDA L . -12.94 -10.68 -32.21
C8M FDA L . -13.17 -9.27 -32.67
C9 FDA L . -12.00 -10.93 -31.20
C9A FDA L . -11.78 -12.32 -30.75
N10 FDA L . -10.79 -12.58 -29.73
C10 FDA L . -10.31 -13.92 -29.67
C1' FDA L . -10.28 -11.54 -28.82
C2' FDA L . -9.02 -10.88 -29.37
O2' FDA L . -7.98 -11.79 -29.45
C3' FDA L . -8.59 -9.68 -28.51
O3' FDA L . -8.42 -10.10 -27.20
C4' FDA L . -9.54 -8.48 -28.51
O4' FDA L . -10.33 -8.45 -29.65
C5' FDA L . -8.80 -7.16 -28.41
O5' FDA L . -8.09 -6.91 -29.60
P FDA L . -8.36 -5.54 -30.39
O1P FDA L . -9.86 -5.24 -30.76
O2P FDA L . -7.31 -5.70 -31.56
O3P FDA L . -7.65 -4.50 -29.37
C01 T2C M . -12.61 -15.45 -27.41
C02 T2C M . -13.49 -16.27 -29.50
C03 T2C M . -13.24 -14.79 -29.82
C04 T2C M . -13.16 -15.58 -26.00
N01 T2C M . -12.93 -16.64 -28.19
O01 T2C M . -13.96 -16.51 -25.72
O02 T2C M . -12.81 -14.73 -25.13
S01 T2C M . -13.44 -14.03 -28.17
PA NAD N . 9.57 -41.88 7.93
O1A NAD N . 9.41 -41.33 9.33
O2A NAD N . 8.96 -43.23 7.81
O5B NAD N . 11.20 -41.96 7.61
C5B NAD N . 11.86 -40.73 7.29
C4B NAD N . 13.41 -40.98 7.53
O4B NAD N . 13.63 -41.25 8.79
C3B NAD N . 13.90 -42.21 6.73
O3B NAD N . 15.08 -41.90 6.11
C2B NAD N . 14.10 -43.28 7.81
O2B NAD N . 15.14 -44.25 7.34
C1B NAD N . 14.52 -42.61 8.84
N9A NAD N . 14.23 -43.27 10.09
C8A NAD N . 13.25 -44.15 10.30
N7A NAD N . 13.31 -44.53 11.58
C5A NAD N . 14.33 -43.84 12.17
C6A NAD N . 14.82 -43.85 13.45
N6A NAD N . 14.33 -44.63 14.59
N1A NAD N . 15.84 -43.08 13.78
C2A NAD N . 16.41 -42.28 12.85
N3A NAD N . 15.94 -42.29 11.59
C4A NAD N . 14.89 -43.08 11.25
O3 NAD N . 8.87 -40.81 6.88
PN NAD N . 8.78 -41.02 5.24
O1N NAD N . 7.80 -42.17 4.97
O2N NAD N . 10.15 -41.34 4.66
O5D NAD N . 8.24 -39.64 4.47
C5D NAD N . 6.89 -39.35 4.46
C4D NAD N . 6.53 -38.54 5.74
O4D NAD N . 6.81 -37.25 5.57
C3D NAD N . 5.03 -38.62 5.93
O3D NAD N . 4.71 -39.64 6.76
C2D NAD N . 4.66 -37.24 6.57
O2D NAD N . 4.76 -37.34 8.06
C1D NAD N . 5.53 -36.40 6.11
C1 PEG O . 2.24 -9.19 10.52
O1 PEG O . 1.19 -8.28 10.33
C2 PEG O . 2.08 -9.93 11.85
O2 PEG O . 2.18 -9.05 12.93
C3 PEG O . 1.84 -9.60 14.16
C4 PEG O . 2.26 -8.67 15.30
O4 PEG O . 1.45 -7.52 15.31
S SO4 P . 18.11 -5.65 3.66
O1 SO4 P . 18.38 -7.10 3.62
O2 SO4 P . 19.36 -4.95 3.99
O3 SO4 P . 17.66 -5.22 2.34
O4 SO4 P . 17.10 -5.42 4.67
S SO4 Q . 29.57 -19.22 33.02
O1 SO4 Q . 30.29 -20.49 33.03
O2 SO4 Q . 30.45 -18.15 33.48
O3 SO4 Q . 29.13 -18.94 31.66
O4 SO4 Q . 28.41 -19.32 33.92
C FMT R . 10.85 -24.25 -22.94
O1 FMT R . 11.77 -23.66 -22.37
O2 FMT R . 10.99 -24.89 -23.98
#